data_5QGP
# 
_entry.id   5QGP 
# 
_audit_conform.dict_name       mmcif_pdbx.dic 
_audit_conform.dict_version    5.381 
_audit_conform.dict_location   http://mmcif.pdb.org/dictionaries/ascii/mmcif_pdbx.dic 
# 
loop_
_database_2.database_id 
_database_2.database_code 
_database_2.pdbx_database_accession 
_database_2.pdbx_DOI 
PDB   5QGP         pdb_00005qgp 10.2210/pdb5qgp/pdb 
WWPDB D_1001401926 ?            ?                   
# 
_pdbx_database_status.entry_id                        5QGP 
_pdbx_database_status.status_code                     REL 
_pdbx_database_status.status_code_sf                  REL 
_pdbx_database_status.status_code_mr                  ? 
_pdbx_database_status.status_code_cs                  ? 
_pdbx_database_status.recvd_initial_deposition_date   2018-05-15 
_pdbx_database_status.deposit_site                    RCSB 
_pdbx_database_status.process_site                    RCSB 
_pdbx_database_status.SG_entry                        ? 
_pdbx_database_status.pdb_format_compatible           Y 
_pdbx_database_status.methods_development_category    ? 
_pdbx_database_status.status_code_nmr_data            ? 
# 
loop_
_audit_author.name 
_audit_author.pdbx_ordinal 
_audit_author.identifier_ORCID 
'Krojer, T.'         1  ? 
'Talon, R.'          2  ? 
'Fairhead, M.'       3  ? 
'Diaz Saez, L.'      4  ? 
'Bradley, A.R.'      5  ? 
'Aimon, A.'          6  ? 
'Collins, P.'        7  ? 
'Brandao-Neto, J.'   8  ? 
'Douangamath, A.'    9  ? 
'Ruda, G.F.'         10 ? 
'Szommer, T.'        11 ? 
'Srikannathasan, V.' 12 ? 
'Elkins, J.'         13 ? 
'Spencer, J.'        14 ? 
'London, N.'         15 ? 
'Nelson, A.'         16 ? 
'Brennan, P.E.'      17 ? 
'Huber, K.'          18 ? 
'Bountra, C.'        19 ? 
'Arrowsmith, C.H.'   20 ? 
'Edwards, A.'        21 ? 
'von Delft, F.'      22 ? 
# 
_citation.id                        primary 
_citation.title                     'PanDDA analysis group deposition of models with modelled events (e.g. bound ligands)' 
_citation.journal_abbrev            'To Be Published' 
_citation.journal_volume            ? 
_citation.page_first                ? 
_citation.page_last                 ? 
_citation.year                      ? 
_citation.journal_id_ASTM           ? 
_citation.country                   ? 
_citation.journal_id_ISSN           ? 
_citation.journal_id_CSD            0353 
_citation.book_publisher            ? 
_citation.pdbx_database_id_PubMed   ? 
_citation.pdbx_database_id_DOI      ? 
# 
loop_
_citation_author.citation_id 
_citation_author.name 
_citation_author.identifier_ORCID 
_citation_author.ordinal 
primary 'Krojer, T.'         ? 1  
primary 'Talon, R.'          ? 2  
primary 'Fairhead, M.'       ? 3  
primary 'Diaz Saez, L.'      ? 4  
primary 'Bradley, A.R.'      ? 5  
primary 'Aimon, A.'          ? 6  
primary 'Collins, P.'        ? 7  
primary 'Brandao-Neto, J.'   ? 8  
primary 'Douangamath, A.'    ? 9  
primary 'Ruda, G.F.'         ? 10 
primary 'Szommer, T.'        ? 11 
primary 'Srikannathasan, V.' ? 12 
primary 'Elkins, J.'         ? 13 
primary 'Spencer, J.'        ? 14 
primary 'London, N.'         ? 15 
primary 'Nelson, A.'         ? 16 
primary 'Brennan, P.E.'      ? 17 
primary 'Huber, K.'          ? 18 
primary 'Bountra, C.'        ? 19 
primary 'Arrowsmith, C.H.'   ? 20 
primary 'Edwards, A.'        ? 21 
primary 'von Delft, F.'      ? 22 
# 
_cell.entry_id           5QGP 
_cell.length_a           126.365 
_cell.length_b           126.365 
_cell.length_c           41.668 
_cell.angle_alpha        90.000 
_cell.angle_beta         90.000 
_cell.angle_gamma        120.000 
_cell.Z_PDB              6 
_cell.pdbx_unique_axis   ? 
# 
_symmetry.entry_id                         5QGP 
_symmetry.space_group_name_H-M             'P 3 2 1' 
_symmetry.pdbx_full_space_group_name_H-M   ? 
_symmetry.cell_setting                     ? 
_symmetry.Int_Tables_number                150 
# 
loop_
_entity.id 
_entity.type 
_entity.src_method 
_entity.pdbx_description 
_entity.formula_weight 
_entity.pdbx_number_of_molecules 
_entity.pdbx_ec 
_entity.pdbx_mutation 
_entity.pdbx_fragment 
_entity.details 
1 polymer     man 'Peroxisomal coenzyme A diphosphatase NUDT7'                                   22197.600 1   3.6.1.- ? ? ? 
2 non-polymer syn 'ACETATE ION'                                                                  59.044    2   ?       ? ? ? 
3 non-polymer syn 'DIMETHYL SULFOXIDE'                                                           78.133    2   ?       ? ? ? 
4 non-polymer syn '(3aR,4S,6R,7R,8aR)-6-phenyloctahydro-1H-3a,7-epiminocyclohepta[c]pyrrol-4-ol' 244.332   1   ?       ? ? ? 
5 water       nat water                                                                          18.015    146 ?       ? ? ? 
# 
_entity_name_com.entity_id   1 
_entity_name_com.name        'Nucleoside diphosphate-linked moiety X motif 7,Nudix motif 7' 
# 
_entity_poly.entity_id                      1 
_entity_poly.type                           'polypeptide(L)' 
_entity_poly.nstd_linkage                   no 
_entity_poly.nstd_monomer                   yes 
_entity_poly.pdbx_seq_one_letter_code       
;SMLDDAKARLRKYDIGGKYSHLPYNKYSVLLPLVAKEGKLHLLFTVRSEKLRRAPGEVCFPGGKRDPTDMDDAATALREA
QEEVGLR(HYP)HQVEVV(CSO)CLVPCLIDTDTLITPFVGLIDHNFQAQPNPAEVKDVFLVPLAYFLHPQVHDQHYVTR
LGHRFINHIFEYTNPEDGVTYQIKGMTANLAVLVAFIILEKKPT
;
_entity_poly.pdbx_seq_one_letter_code_can   
;SMLDDAKARLRKYDIGGKYSHLPYNKYSVLLPLVAKEGKLHLLFTVRSEKLRRAPGEVCFPGGKRDPTDMDDAATALREA
QEEVGLRPHQVEVVCCLVPCLIDTDTLITPFVGLIDHNFQAQPNPAEVKDVFLVPLAYFLHPQVHDQHYVTRLGHRFINH
IFEYTNPEDGVTYQIKGMTANLAVLVAFIILEKKPT
;
_entity_poly.pdbx_strand_id                 A 
_entity_poly.pdbx_target_identifier         ? 
# 
loop_
_entity_poly_seq.entity_id 
_entity_poly_seq.num 
_entity_poly_seq.mon_id 
_entity_poly_seq.hetero 
1 1   SER n 
1 2   MET n 
1 3   LEU n 
1 4   ASP n 
1 5   ASP n 
1 6   ALA n 
1 7   LYS n 
1 8   ALA n 
1 9   ARG n 
1 10  LEU n 
1 11  ARG n 
1 12  LYS n 
1 13  TYR n 
1 14  ASP n 
1 15  ILE n 
1 16  GLY n 
1 17  GLY n 
1 18  LYS n 
1 19  TYR n 
1 20  SER n 
1 21  HIS n 
1 22  LEU n 
1 23  PRO n 
1 24  TYR n 
1 25  ASN n 
1 26  LYS n 
1 27  TYR n 
1 28  SER n 
1 29  VAL n 
1 30  LEU n 
1 31  LEU n 
1 32  PRO n 
1 33  LEU n 
1 34  VAL n 
1 35  ALA n 
1 36  LYS n 
1 37  GLU n 
1 38  GLY n 
1 39  LYS n 
1 40  LEU n 
1 41  HIS n 
1 42  LEU n 
1 43  LEU n 
1 44  PHE n 
1 45  THR n 
1 46  VAL n 
1 47  ARG n 
1 48  SER n 
1 49  GLU n 
1 50  LYS n 
1 51  LEU n 
1 52  ARG n 
1 53  ARG n 
1 54  ALA n 
1 55  PRO n 
1 56  GLY n 
1 57  GLU n 
1 58  VAL n 
1 59  CYS n 
1 60  PHE n 
1 61  PRO n 
1 62  GLY n 
1 63  GLY n 
1 64  LYS n 
1 65  ARG n 
1 66  ASP n 
1 67  PRO n 
1 68  THR n 
1 69  ASP n 
1 70  MET n 
1 71  ASP n 
1 72  ASP n 
1 73  ALA n 
1 74  ALA n 
1 75  THR n 
1 76  ALA n 
1 77  LEU n 
1 78  ARG n 
1 79  GLU n 
1 80  ALA n 
1 81  GLN n 
1 82  GLU n 
1 83  GLU n 
1 84  VAL n 
1 85  GLY n 
1 86  LEU n 
1 87  ARG n 
1 88  HYP n 
1 89  HIS n 
1 90  GLN n 
1 91  VAL n 
1 92  GLU n 
1 93  VAL n 
1 94  VAL n 
1 95  CSO n 
1 96  CYS n 
1 97  LEU n 
1 98  VAL n 
1 99  PRO n 
1 100 CYS n 
1 101 LEU n 
1 102 ILE n 
1 103 ASP n 
1 104 THR n 
1 105 ASP n 
1 106 THR n 
1 107 LEU n 
1 108 ILE n 
1 109 THR n 
1 110 PRO n 
1 111 PHE n 
1 112 VAL n 
1 113 GLY n 
1 114 LEU n 
1 115 ILE n 
1 116 ASP n 
1 117 HIS n 
1 118 ASN n 
1 119 PHE n 
1 120 GLN n 
1 121 ALA n 
1 122 GLN n 
1 123 PRO n 
1 124 ASN n 
1 125 PRO n 
1 126 ALA n 
1 127 GLU n 
1 128 VAL n 
1 129 LYS n 
1 130 ASP n 
1 131 VAL n 
1 132 PHE n 
1 133 LEU n 
1 134 VAL n 
1 135 PRO n 
1 136 LEU n 
1 137 ALA n 
1 138 TYR n 
1 139 PHE n 
1 140 LEU n 
1 141 HIS n 
1 142 PRO n 
1 143 GLN n 
1 144 VAL n 
1 145 HIS n 
1 146 ASP n 
1 147 GLN n 
1 148 HIS n 
1 149 TYR n 
1 150 VAL n 
1 151 THR n 
1 152 ARG n 
1 153 LEU n 
1 154 GLY n 
1 155 HIS n 
1 156 ARG n 
1 157 PHE n 
1 158 ILE n 
1 159 ASN n 
1 160 HIS n 
1 161 ILE n 
1 162 PHE n 
1 163 GLU n 
1 164 TYR n 
1 165 THR n 
1 166 ASN n 
1 167 PRO n 
1 168 GLU n 
1 169 ASP n 
1 170 GLY n 
1 171 VAL n 
1 172 THR n 
1 173 TYR n 
1 174 GLN n 
1 175 ILE n 
1 176 LYS n 
1 177 GLY n 
1 178 MET n 
1 179 THR n 
1 180 ALA n 
1 181 ASN n 
1 182 LEU n 
1 183 ALA n 
1 184 VAL n 
1 185 LEU n 
1 186 VAL n 
1 187 ALA n 
1 188 PHE n 
1 189 ILE n 
1 190 ILE n 
1 191 LEU n 
1 192 GLU n 
1 193 LYS n 
1 194 LYS n 
1 195 PRO n 
1 196 THR n 
# 
_entity_src_gen.entity_id                          1 
_entity_src_gen.pdbx_src_id                        1 
_entity_src_gen.pdbx_alt_source_flag               sample 
_entity_src_gen.pdbx_seq_type                      'Biological sequence' 
_entity_src_gen.pdbx_beg_seq_num                   1 
_entity_src_gen.pdbx_end_seq_num                   196 
_entity_src_gen.gene_src_common_name               Human 
_entity_src_gen.gene_src_genus                     ? 
_entity_src_gen.pdbx_gene_src_gene                 NUDT7 
_entity_src_gen.gene_src_species                   ? 
_entity_src_gen.gene_src_strain                    ? 
_entity_src_gen.gene_src_tissue                    ? 
_entity_src_gen.gene_src_tissue_fraction           ? 
_entity_src_gen.gene_src_details                   ? 
_entity_src_gen.pdbx_gene_src_fragment             ? 
_entity_src_gen.pdbx_gene_src_scientific_name      'Homo sapiens' 
_entity_src_gen.pdbx_gene_src_ncbi_taxonomy_id     9606 
_entity_src_gen.pdbx_gene_src_variant              ? 
_entity_src_gen.pdbx_gene_src_cell_line            ? 
_entity_src_gen.pdbx_gene_src_atcc                 ? 
_entity_src_gen.pdbx_gene_src_organ                ? 
_entity_src_gen.pdbx_gene_src_organelle            ? 
_entity_src_gen.pdbx_gene_src_cell                 ? 
_entity_src_gen.pdbx_gene_src_cellular_location    ? 
_entity_src_gen.host_org_common_name               ? 
_entity_src_gen.pdbx_host_org_scientific_name      'Escherichia coli' 
_entity_src_gen.pdbx_host_org_ncbi_taxonomy_id     562 
_entity_src_gen.host_org_genus                     ? 
_entity_src_gen.pdbx_host_org_gene                 ? 
_entity_src_gen.pdbx_host_org_organ                ? 
_entity_src_gen.host_org_species                   ? 
_entity_src_gen.pdbx_host_org_tissue               ? 
_entity_src_gen.pdbx_host_org_tissue_fraction      ? 
_entity_src_gen.pdbx_host_org_strain               ? 
_entity_src_gen.pdbx_host_org_variant              ? 
_entity_src_gen.pdbx_host_org_cell_line            ? 
_entity_src_gen.pdbx_host_org_atcc                 ? 
_entity_src_gen.pdbx_host_org_culture_collection   ? 
_entity_src_gen.pdbx_host_org_cell                 ? 
_entity_src_gen.pdbx_host_org_organelle            ? 
_entity_src_gen.pdbx_host_org_cellular_location    ? 
_entity_src_gen.pdbx_host_org_vector_type          ? 
_entity_src_gen.pdbx_host_org_vector               ? 
_entity_src_gen.host_org_details                   ? 
_entity_src_gen.expression_system_id               ? 
_entity_src_gen.plasmid_name                       ? 
_entity_src_gen.plasmid_details                    ? 
_entity_src_gen.pdbx_description                   ? 
# 
_struct_ref.id                         1 
_struct_ref.db_name                    UNP 
_struct_ref.db_code                    NUDT7_HUMAN 
_struct_ref.pdbx_db_accession          P0C024 
_struct_ref.pdbx_db_isoform            ? 
_struct_ref.entity_id                  1 
_struct_ref.pdbx_seq_one_letter_code   
;SLLDDAKARLRKYDIGGKYSHLPYNKYSVLLPLVAKEGKLHLLFTVRSEKLRRAPGEVCFPGGKRDPTDMDDAATALREA
QEEVGLRPHQVEVVCCLVPCLIDTDTLITPFVGLIDHNFQAQPNPAEVKDVFLVPLAYFLHPQVHDQHYVTRLGHRFINH
IFEYTNPEDGVTYQIKGMTANLAVLVAFIILEKKPT
;
_struct_ref.pdbx_align_begin           14 
# 
_struct_ref_seq.align_id                      1 
_struct_ref_seq.ref_id                        1 
_struct_ref_seq.pdbx_PDB_id_code              5QGP 
_struct_ref_seq.pdbx_strand_id                A 
_struct_ref_seq.seq_align_beg                 1 
_struct_ref_seq.pdbx_seq_align_beg_ins_code   ? 
_struct_ref_seq.seq_align_end                 196 
_struct_ref_seq.pdbx_seq_align_end_ins_code   ? 
_struct_ref_seq.pdbx_db_accession             P0C024 
_struct_ref_seq.db_align_beg                  14 
_struct_ref_seq.pdbx_db_align_beg_ins_code    ? 
_struct_ref_seq.db_align_end                  209 
_struct_ref_seq.pdbx_db_align_end_ins_code    ? 
_struct_ref_seq.pdbx_auth_seq_align_beg       15 
_struct_ref_seq.pdbx_auth_seq_align_end       210 
# 
_struct_ref_seq_dif.align_id                     1 
_struct_ref_seq_dif.pdbx_pdb_id_code             5QGP 
_struct_ref_seq_dif.mon_id                       MET 
_struct_ref_seq_dif.pdbx_pdb_strand_id           A 
_struct_ref_seq_dif.seq_num                      2 
_struct_ref_seq_dif.pdbx_pdb_ins_code            ? 
_struct_ref_seq_dif.pdbx_seq_db_name             UNP 
_struct_ref_seq_dif.pdbx_seq_db_accession_code   P0C024 
_struct_ref_seq_dif.db_mon_id                    LEU 
_struct_ref_seq_dif.pdbx_seq_db_seq_num          15 
_struct_ref_seq_dif.details                      conflict 
_struct_ref_seq_dif.pdbx_auth_seq_num            16 
_struct_ref_seq_dif.pdbx_ordinal                 1 
# 
loop_
_chem_comp.id 
_chem_comp.type 
_chem_comp.mon_nstd_flag 
_chem_comp.name 
_chem_comp.pdbx_synonyms 
_chem_comp.formula 
_chem_comp.formula_weight 
ACT non-polymer         . 'ACETATE ION'                                                                  ?              
'C2 H3 O2 -1'    59.044  
ALA 'L-peptide linking' y ALANINE                                                                        ?              
'C3 H7 N O2'     89.093  
ARG 'L-peptide linking' y ARGININE                                                                       ?              
'C6 H15 N4 O2 1' 175.209 
ASN 'L-peptide linking' y ASPARAGINE                                                                     ?              
'C4 H8 N2 O3'    132.118 
ASP 'L-peptide linking' y 'ASPARTIC ACID'                                                                ?              
'C4 H7 N O4'     133.103 
CSO 'L-peptide linking' n S-HYDROXYCYSTEINE                                                              ?              
'C3 H7 N O3 S'   137.158 
CYS 'L-peptide linking' y CYSTEINE                                                                       ?              
'C3 H7 N O2 S'   121.158 
DMS non-polymer         . 'DIMETHYL SULFOXIDE'                                                           ?              
'C2 H6 O S'      78.133  
GLN 'L-peptide linking' y GLUTAMINE                                                                      ?              
'C5 H10 N2 O3'   146.144 
GLU 'L-peptide linking' y 'GLUTAMIC ACID'                                                                ?              
'C5 H9 N O4'     147.129 
GLY 'peptide linking'   y GLYCINE                                                                        ?              
'C2 H5 N O2'     75.067  
H3Y non-polymer         . '(3aR,4S,6R,7R,8aR)-6-phenyloctahydro-1H-3a,7-epiminocyclohepta[c]pyrrol-4-ol' ?              
'C15 H20 N2 O'   244.332 
HIS 'L-peptide linking' y HISTIDINE                                                                      ?              
'C6 H10 N3 O2 1' 156.162 
HOH non-polymer         . WATER                                                                          ?              'H2 O' 
18.015  
HYP 'L-peptide linking' n 4-HYDROXYPROLINE                                                               HYDROXYPROLINE 
'C5 H9 N O3'     131.130 
ILE 'L-peptide linking' y ISOLEUCINE                                                                     ?              
'C6 H13 N O2'    131.173 
LEU 'L-peptide linking' y LEUCINE                                                                        ?              
'C6 H13 N O2'    131.173 
LYS 'L-peptide linking' y LYSINE                                                                         ?              
'C6 H15 N2 O2 1' 147.195 
MET 'L-peptide linking' y METHIONINE                                                                     ?              
'C5 H11 N O2 S'  149.211 
PHE 'L-peptide linking' y PHENYLALANINE                                                                  ?              
'C9 H11 N O2'    165.189 
PRO 'L-peptide linking' y PROLINE                                                                        ?              
'C5 H9 N O2'     115.130 
SER 'L-peptide linking' y SERINE                                                                         ?              
'C3 H7 N O3'     105.093 
THR 'L-peptide linking' y THREONINE                                                                      ?              
'C4 H9 N O3'     119.119 
TYR 'L-peptide linking' y TYROSINE                                                                       ?              
'C9 H11 N O3'    181.189 
VAL 'L-peptide linking' y VALINE                                                                         ?              
'C5 H11 N O2'    117.146 
# 
_exptl.crystals_number   1 
_exptl.entry_id          5QGP 
_exptl.method            'X-RAY DIFFRACTION' 
# 
_exptl_crystal.id                    1 
_exptl_crystal.pdbx_mosaicity        0.120 
_exptl_crystal.pdbx_mosaicity_esd    ? 
_exptl_crystal.density_Matthews      4.59 
_exptl_crystal.density_diffrn        ? 
_exptl_crystal.density_meas          ? 
_exptl_crystal.density_meas_temp     ? 
_exptl_crystal.density_percent_sol   73.20 
_exptl_crystal.size_max              ? 
_exptl_crystal.size_mid              ? 
_exptl_crystal.size_min              ? 
_exptl_crystal.size_rad              ? 
_exptl_crystal.description           ? 
# 
_exptl_crystal_grow.crystal_id      1 
_exptl_crystal_grow.method          'VAPOR DIFFUSION, SITTING DROP' 
_exptl_crystal_grow.pH              5.5 
_exptl_crystal_grow.temp            293 
_exptl_crystal_grow.pdbx_details    '0.1M bis-tris pH 5.5 -- 0.1M ammonium acetate -- 5%(w/v) PEG10K' 
_exptl_crystal_grow.temp_details    ? 
_exptl_crystal_grow.pdbx_pH_range   ? 
# 
_diffrn.id                     1 
_diffrn.ambient_temp           100 
_diffrn.crystal_id             1 
_diffrn.ambient_temp_details   ? 
# 
_diffrn_detector.detector               PIXEL 
_diffrn_detector.type                   'DECTRIS PILATUS 6M' 
_diffrn_detector.pdbx_collection_date   2017-05-11 
_diffrn_detector.diffrn_id              1 
_diffrn_detector.details                ? 
# 
_diffrn_radiation.diffrn_id                        1 
_diffrn_radiation.wavelength_id                    1 
_diffrn_radiation.pdbx_diffrn_protocol             'SINGLE WAVELENGTH' 
_diffrn_radiation.pdbx_monochromatic_or_laue_m_l   ? 
_diffrn_radiation.monochromator                    ? 
_diffrn_radiation.pdbx_scattering_type             x-ray 
# 
_diffrn_radiation_wavelength.id           1 
_diffrn_radiation_wavelength.wavelength   0.92819 
_diffrn_radiation_wavelength.wt           1.0 
# 
_diffrn_source.diffrn_id                   1 
_diffrn_source.source                      SYNCHROTRON 
_diffrn_source.type                        'DIAMOND BEAMLINE I04-1' 
_diffrn_source.pdbx_wavelength_list        0.92819 
_diffrn_source.pdbx_synchrotron_site       Diamond 
_diffrn_source.pdbx_synchrotron_beamline   I04-1 
_diffrn_source.pdbx_wavelength             ? 
# 
_reflns.entry_id                     5QGP 
_reflns.pdbx_diffrn_id               1 
_reflns.pdbx_ordinal                 1 
_reflns.observed_criterion_sigma_I   ? 
_reflns.observed_criterion_sigma_F   ? 
_reflns.d_resolution_low             29.360 
_reflns.d_resolution_high            2.090 
_reflns.number_obs                   22810 
_reflns.number_all                   ? 
_reflns.percent_possible_obs         99.800 
_reflns.pdbx_Rmerge_I_obs            0.078 
_reflns.pdbx_Rsym_value              ? 
_reflns.pdbx_netI_over_sigmaI        21.400 
_reflns.B_iso_Wilson_estimate        ? 
_reflns.pdbx_redundancy              9.900 
_reflns.pdbx_Rrim_I_all              0.083 
_reflns.pdbx_Rpim_I_all              0.026 
_reflns.pdbx_CC_half                 0.999 
_reflns.pdbx_netI_over_av_sigmaI     ? 
_reflns.pdbx_number_measured_all     225122 
_reflns.pdbx_scaling_rejects         0 
_reflns.pdbx_chi_squared             ? 
_reflns.Rmerge_F_all                 ? 
_reflns.Rmerge_F_obs                 ? 
_reflns.observed_criterion_F_max     ? 
_reflns.observed_criterion_F_min     ? 
_reflns.observed_criterion_I_max     ? 
_reflns.observed_criterion_I_min     ? 
_reflns.pdbx_d_res_high_opt          ? 
_reflns.pdbx_d_res_low_opt           ? 
_reflns.details                      ? 
# 
loop_
_reflns_shell.pdbx_diffrn_id 
_reflns_shell.pdbx_ordinal 
_reflns_shell.d_res_high 
_reflns_shell.d_res_low 
_reflns_shell.number_measured_obs 
_reflns_shell.number_measured_all 
_reflns_shell.number_unique_obs 
_reflns_shell.pdbx_rejects 
_reflns_shell.Rmerge_I_obs 
_reflns_shell.meanI_over_sigI_obs 
_reflns_shell.pdbx_Rsym_value 
_reflns_shell.pdbx_chi_squared 
_reflns_shell.pdbx_redundancy 
_reflns_shell.percent_possible_obs 
_reflns_shell.pdbx_netI_over_sigmaI_obs 
_reflns_shell.number_possible 
_reflns_shell.number_unique_all 
_reflns_shell.Rmerge_F_all 
_reflns_shell.Rmerge_F_obs 
_reflns_shell.Rmerge_I_all 
_reflns_shell.meanI_over_sigI_all 
_reflns_shell.percent_possible_all 
_reflns_shell.pdbx_Rrim_I_all 
_reflns_shell.pdbx_Rpim_I_all 
_reflns_shell.pdbx_CC_half 
1 1 2.090 2.140  ? 14957 ? ? 1.008 ? ? ? 9.200 ? 2.300  ? 1618 ? ? ? ? 97.600 1.069 0.349 0.719 
1 2 9.350 29.360 ? 2668  ? ? 0.020 ? ? ? 9.600 ? 86.600 ? 279  ? ? ? ? 96.400 0.022 0.007 1.000 
# 
_refine.entry_id                                 5QGP 
_refine.pdbx_refine_id                           'X-RAY DIFFRACTION' 
_refine.ls_d_res_high                            2.0900 
_refine.ls_d_res_low                             109.4400 
_refine.pdbx_ls_sigma_F                          0.000 
_refine.pdbx_data_cutoff_high_absF               ? 
_refine.pdbx_data_cutoff_low_absF                ? 
_refine.ls_percent_reflns_obs                    99.0400 
_refine.ls_number_reflns_obs                     21434 
_refine.ls_number_reflns_all                     ? 
_refine.pdbx_ls_cross_valid_method               THROUGHOUT 
_refine.ls_matrix_type                           ? 
_refine.pdbx_R_Free_selection_details            RANDOM 
_refine.details                                  
'HYDROGENS HAVE BEEN ADDED IN THE RIDING POSITIONS U VALUES      : REFINED INDIVIDUALLY' 
_refine.ls_R_factor_all                          ? 
_refine.ls_R_factor_obs                          0.1883 
_refine.ls_R_factor_R_work                       0.1864 
_refine.ls_wR_factor_R_work                      ? 
_refine.ls_R_factor_R_free                       0.2238 
_refine.ls_wR_factor_R_free                      ? 
_refine.ls_percent_reflns_R_free                 4.9000 
_refine.ls_number_reflns_R_free                  1106 
_refine.ls_number_reflns_R_work                  ? 
_refine.ls_R_factor_R_free_error                 ? 
_refine.B_iso_mean                               44.1680 
_refine.solvent_model_param_bsol                 ? 
_refine.solvent_model_param_ksol                 ? 
_refine.pdbx_isotropic_thermal_model             ? 
_refine.aniso_B[1][1]                            0.3300 
_refine.aniso_B[2][2]                            0.3300 
_refine.aniso_B[3][3]                            -1.0800 
_refine.aniso_B[1][2]                            0.1700 
_refine.aniso_B[1][3]                            0.0000 
_refine.aniso_B[2][3]                            -0.0000 
_refine.correlation_coeff_Fo_to_Fc               0.9580 
_refine.correlation_coeff_Fo_to_Fc_free          0.9390 
_refine.overall_SU_R_Cruickshank_DPI             ? 
_refine.pdbx_overall_SU_R_free_Cruickshank_DPI   ? 
_refine.pdbx_overall_SU_R_Blow_DPI               ? 
_refine.pdbx_overall_SU_R_free_Blow_DPI          ? 
_refine.overall_SU_R_free                        ? 
_refine.pdbx_overall_ESU_R                       0.1330 
_refine.pdbx_overall_ESU_R_Free                  0.1330 
_refine.overall_SU_ML                            0.0960 
_refine.overall_SU_B                             3.6630 
_refine.solvent_model_details                    MASK 
_refine.pdbx_solvent_vdw_probe_radii             1.2000 
_refine.pdbx_solvent_ion_probe_radii             0.8000 
_refine.pdbx_solvent_shrinkage_radii             0.8000 
_refine.ls_number_parameters                     ? 
_refine.ls_number_restraints                     ? 
_refine.pdbx_starting_model                      5T3P 
_refine.pdbx_method_to_determine_struct          'FOURIER SYNTHESIS' 
_refine.pdbx_stereochemistry_target_values       'MAXIMUM LIKELIHOOD' 
_refine.pdbx_stereochem_target_val_spec_case     ? 
_refine.overall_FOM_work_R_set                   ? 
_refine.B_iso_max                                139.040 
_refine.B_iso_min                                23.750 
_refine.pdbx_overall_phase_error                 ? 
_refine.occupancy_max                            ? 
_refine.occupancy_min                            ? 
_refine.pdbx_diffrn_id                           1 
_refine.pdbx_TLS_residual_ADP_flag               ? 
_refine.pdbx_ls_sigma_I                          ? 
_refine.pdbx_data_cutoff_high_rms_absF           ? 
_refine.ls_R_factor_R_free_error_details         ? 
# 
_refine_hist.cycle_id                         final 
_refine_hist.pdbx_refine_id                   'X-RAY DIFFRACTION' 
_refine_hist.d_res_high                       2.0900 
_refine_hist.d_res_low                        109.4400 
_refine_hist.pdbx_number_atoms_ligand         34 
_refine_hist.number_atoms_solvent             146 
_refine_hist.number_atoms_total               1647 
_refine_hist.pdbx_number_residues_total       186 
_refine_hist.pdbx_B_iso_mean_ligand           60.69 
_refine_hist.pdbx_B_iso_mean_solvent          52.75 
_refine_hist.pdbx_number_atoms_protein        1467 
_refine_hist.pdbx_number_atoms_nucleic_acid   0 
# 
loop_
_refine_ls_restr.pdbx_refine_id 
_refine_ls_restr.type 
_refine_ls_restr.number 
_refine_ls_restr.dev_ideal 
_refine_ls_restr.dev_ideal_target 
_refine_ls_restr.weight 
_refine_ls_restr.pdbx_restraint_function 
'X-RAY DIFFRACTION' r_bond_refined_d       1534 0.015  0.019  ? ? 
'X-RAY DIFFRACTION' r_bond_other_d         1461 0.002  0.020  ? ? 
'X-RAY DIFFRACTION' r_angle_refined_deg    2085 1.765  2.012  ? ? 
'X-RAY DIFFRACTION' r_angle_other_deg      3389 1.002  3.000  ? ? 
'X-RAY DIFFRACTION' r_dihedral_angle_1_deg 184  6.567  5.000  ? ? 
'X-RAY DIFFRACTION' r_dihedral_angle_2_deg 66   32.288 24.242 ? ? 
'X-RAY DIFFRACTION' r_dihedral_angle_3_deg 252  14.298 15.000 ? ? 
'X-RAY DIFFRACTION' r_dihedral_angle_4_deg 8    19.902 15.000 ? ? 
'X-RAY DIFFRACTION' r_chiral_restr         242  0.109  0.200  ? ? 
'X-RAY DIFFRACTION' r_gen_planes_refined   1691 0.008  0.021  ? ? 
'X-RAY DIFFRACTION' r_gen_planes_other     289  0.001  0.020  ? ? 
'X-RAY DIFFRACTION' r_mcbond_it            745  3.486  3.993  ? ? 
'X-RAY DIFFRACTION' r_mcbond_other         746  3.483  3.993  ? ? 
'X-RAY DIFFRACTION' r_mcangle_it           924  4.847  5.926  ? ? 
# 
_refine_ls_shell.d_res_high                       2.0940 
_refine_ls_shell.d_res_low                        2.1480 
_refine_ls_shell.pdbx_total_number_of_bins_used   20 
_refine_ls_shell.percent_reflns_obs               96.6400 
_refine_ls_shell.number_reflns_R_work             1532 
_refine_ls_shell.R_factor_all                     ? 
_refine_ls_shell.R_factor_R_work                  0.2310 
_refine_ls_shell.R_factor_R_free                  0.3020 
_refine_ls_shell.percent_reflns_R_free            ? 
_refine_ls_shell.number_reflns_R_free             81 
_refine_ls_shell.R_factor_R_free_error            ? 
_refine_ls_shell.number_reflns_all                1613 
_refine_ls_shell.number_reflns_obs                ? 
_refine_ls_shell.pdbx_refine_id                   'X-RAY DIFFRACTION' 
# 
_struct.entry_id                  5QGP 
_struct.title                     
;PanDDA analysis group deposition of models with modelled events (e.g. bound ligands) -- Crystal Structure of NUDT7 in complex with OX-221
;
_struct.pdbx_model_details        ? 
_struct.pdbx_CASP_flag            ? 
_struct.pdbx_model_type_details   ? 
# 
_struct_keywords.entry_id        5QGP 
_struct_keywords.text            'PanDDA, SGC - Diamond I04-1 fragment screening, NUDIX domain, XChemExplorer, HYDROLASE' 
_struct_keywords.pdbx_keywords   HYDROLASE 
# 
loop_
_struct_asym.id 
_struct_asym.pdbx_blank_PDB_chainid_flag 
_struct_asym.pdbx_modified 
_struct_asym.entity_id 
_struct_asym.details 
A N N 1 ? 
B N N 2 ? 
C N N 2 ? 
D N N 3 ? 
E N N 3 ? 
F N N 4 ? 
G N N 5 ? 
# 
loop_
_struct_conf.conf_type_id 
_struct_conf.id 
_struct_conf.pdbx_PDB_helix_id 
_struct_conf.beg_label_comp_id 
_struct_conf.beg_label_asym_id 
_struct_conf.beg_label_seq_id 
_struct_conf.pdbx_beg_PDB_ins_code 
_struct_conf.end_label_comp_id 
_struct_conf.end_label_asym_id 
_struct_conf.end_label_seq_id 
_struct_conf.pdbx_end_PDB_ins_code 
_struct_conf.beg_auth_comp_id 
_struct_conf.beg_auth_asym_id 
_struct_conf.beg_auth_seq_id 
_struct_conf.end_auth_comp_id 
_struct_conf.end_auth_asym_id 
_struct_conf.end_auth_seq_id 
_struct_conf.pdbx_PDB_helix_class 
_struct_conf.details 
_struct_conf.pdbx_PDB_helix_length 
HELX_P HELX_P1 AA1 SER A 1   ? LYS A 12  ? SER A 15  LYS A 26  1 ? 12 
HELX_P HELX_P2 AA2 ASP A 71  ? GLY A 85  ? ASP A 85  GLY A 99  1 ? 15 
HELX_P HELX_P3 AA3 ARG A 87  ? HIS A 89  ? ARG A 101 HIS A 103 5 ? 3  
HELX_P HELX_P4 AA4 ALA A 137 ? HIS A 141 ? ALA A 151 HIS A 155 5 ? 5  
HELX_P HELX_P5 AA5 LYS A 176 ? GLU A 192 ? LYS A 190 GLU A 206 1 ? 17 
# 
_struct_conf_type.id          HELX_P 
_struct_conf_type.criteria    ? 
_struct_conf_type.reference   ? 
# 
loop_
_struct_conn.id 
_struct_conn.conn_type_id 
_struct_conn.pdbx_leaving_atom_flag 
_struct_conn.pdbx_PDB_id 
_struct_conn.ptnr1_label_asym_id 
_struct_conn.ptnr1_label_comp_id 
_struct_conn.ptnr1_label_seq_id 
_struct_conn.ptnr1_label_atom_id 
_struct_conn.pdbx_ptnr1_label_alt_id 
_struct_conn.pdbx_ptnr1_PDB_ins_code 
_struct_conn.pdbx_ptnr1_standard_comp_id 
_struct_conn.ptnr1_symmetry 
_struct_conn.ptnr2_label_asym_id 
_struct_conn.ptnr2_label_comp_id 
_struct_conn.ptnr2_label_seq_id 
_struct_conn.ptnr2_label_atom_id 
_struct_conn.pdbx_ptnr2_label_alt_id 
_struct_conn.pdbx_ptnr2_PDB_ins_code 
_struct_conn.ptnr1_auth_asym_id 
_struct_conn.ptnr1_auth_comp_id 
_struct_conn.ptnr1_auth_seq_id 
_struct_conn.ptnr2_auth_asym_id 
_struct_conn.ptnr2_auth_comp_id 
_struct_conn.ptnr2_auth_seq_id 
_struct_conn.ptnr2_symmetry 
_struct_conn.pdbx_ptnr3_label_atom_id 
_struct_conn.pdbx_ptnr3_label_seq_id 
_struct_conn.pdbx_ptnr3_label_comp_id 
_struct_conn.pdbx_ptnr3_label_asym_id 
_struct_conn.pdbx_ptnr3_label_alt_id 
_struct_conn.pdbx_ptnr3_PDB_ins_code 
_struct_conn.details 
_struct_conn.pdbx_dist_value 
_struct_conn.pdbx_value_order 
_struct_conn.pdbx_role 
covale1 covale both ? A ARG 87 C ? ? ? 1_555 A HYP 88 N ? ? A ARG 101 A HYP 102 1_555 ? ? ? ? ? ? ? 1.331 ? ? 
covale2 covale both ? A HYP 88 C ? ? ? 1_555 A HIS 89 N ? ? A HYP 102 A HIS 103 1_555 ? ? ? ? ? ? ? 1.335 ? ? 
covale3 covale both ? A VAL 94 C ? ? ? 1_555 A CSO 95 N ? ? A VAL 108 A CSO 109 1_555 ? ? ? ? ? ? ? 1.331 ? ? 
covale4 covale both ? A CSO 95 C ? ? ? 1_555 A CYS 96 N ? ? A CSO 109 A CYS 110 1_555 ? ? ? ? ? ? ? 1.311 ? ? 
# 
_struct_conn_type.id          covale 
_struct_conn_type.criteria    ? 
_struct_conn_type.reference   ? 
# 
loop_
_struct_sheet.id 
_struct_sheet.type 
_struct_sheet.number_strands 
_struct_sheet.details 
AA1 ? 4 ? 
AA2 ? 4 ? 
AA3 ? 3 ? 
AA4 ? 3 ? 
# 
loop_
_struct_sheet_order.sheet_id 
_struct_sheet_order.range_id_1 
_struct_sheet_order.range_id_2 
_struct_sheet_order.offset 
_struct_sheet_order.sense 
AA1 1 2 ? anti-parallel 
AA1 2 3 ? parallel      
AA1 3 4 ? anti-parallel 
AA2 1 2 ? anti-parallel 
AA2 2 3 ? parallel      
AA2 3 4 ? anti-parallel 
AA3 1 2 ? anti-parallel 
AA3 2 3 ? anti-parallel 
AA4 1 2 ? anti-parallel 
AA4 2 3 ? anti-parallel 
# 
loop_
_struct_sheet_range.sheet_id 
_struct_sheet_range.id 
_struct_sheet_range.beg_label_comp_id 
_struct_sheet_range.beg_label_asym_id 
_struct_sheet_range.beg_label_seq_id 
_struct_sheet_range.pdbx_beg_PDB_ins_code 
_struct_sheet_range.end_label_comp_id 
_struct_sheet_range.end_label_asym_id 
_struct_sheet_range.end_label_seq_id 
_struct_sheet_range.pdbx_end_PDB_ins_code 
_struct_sheet_range.beg_auth_comp_id 
_struct_sheet_range.beg_auth_asym_id 
_struct_sheet_range.beg_auth_seq_id 
_struct_sheet_range.end_auth_comp_id 
_struct_sheet_range.end_auth_asym_id 
_struct_sheet_range.end_auth_seq_id 
AA1 1 VAL A 91  ? CYS A 96  ? VAL A 105 CYS A 110 
AA1 2 THR A 106 ? ILE A 115 ? THR A 120 ILE A 129 
AA1 3 ASN A 25  ? LYS A 36  ? ASN A 39  LYS A 50  
AA1 4 LYS A 39  ? ARG A 47  ? LYS A 53  ARG A 61  
AA2 1 CYS A 100 ? ILE A 102 ? CYS A 114 ILE A 116 
AA2 2 THR A 106 ? ILE A 115 ? THR A 120 ILE A 129 
AA2 3 ASN A 25  ? LYS A 36  ? ASN A 39  LYS A 50  
AA2 4 GLY A 62  ? LYS A 64  ? GLY A 76  LYS A 78  
AA3 1 VAL A 128 ? PRO A 135 ? VAL A 142 PRO A 149 
AA3 2 LYS A 39  ? ARG A 47  ? LYS A 53  ARG A 61  
AA3 3 VAL A 58  ? CYS A 59  ? VAL A 72  CYS A 73  
AA4 1 GLN A 143 ? ASP A 146 ? GLN A 157 ASP A 160 
AA4 2 HIS A 160 ? THR A 165 ? HIS A 174 THR A 179 
AA4 3 THR A 172 ? ILE A 175 ? THR A 186 ILE A 189 
# 
loop_
_pdbx_struct_sheet_hbond.sheet_id 
_pdbx_struct_sheet_hbond.range_id_1 
_pdbx_struct_sheet_hbond.range_id_2 
_pdbx_struct_sheet_hbond.range_1_label_atom_id 
_pdbx_struct_sheet_hbond.range_1_label_comp_id 
_pdbx_struct_sheet_hbond.range_1_label_asym_id 
_pdbx_struct_sheet_hbond.range_1_label_seq_id 
_pdbx_struct_sheet_hbond.range_1_PDB_ins_code 
_pdbx_struct_sheet_hbond.range_1_auth_atom_id 
_pdbx_struct_sheet_hbond.range_1_auth_comp_id 
_pdbx_struct_sheet_hbond.range_1_auth_asym_id 
_pdbx_struct_sheet_hbond.range_1_auth_seq_id 
_pdbx_struct_sheet_hbond.range_2_label_atom_id 
_pdbx_struct_sheet_hbond.range_2_label_comp_id 
_pdbx_struct_sheet_hbond.range_2_label_asym_id 
_pdbx_struct_sheet_hbond.range_2_label_seq_id 
_pdbx_struct_sheet_hbond.range_2_PDB_ins_code 
_pdbx_struct_sheet_hbond.range_2_auth_atom_id 
_pdbx_struct_sheet_hbond.range_2_auth_comp_id 
_pdbx_struct_sheet_hbond.range_2_auth_asym_id 
_pdbx_struct_sheet_hbond.range_2_auth_seq_id 
AA1 1 2 N VAL A 94  ? N VAL A 108 O VAL A 112 ? O VAL A 126 
AA1 2 3 O GLY A 113 ? O GLY A 127 N LEU A 33  ? N LEU A 47  
AA1 3 4 N LYS A 36  ? N LYS A 50  O LYS A 39  ? O LYS A 53  
AA2 1 2 N ILE A 102 ? N ILE A 116 O THR A 106 ? O THR A 120 
AA2 2 3 O GLY A 113 ? O GLY A 127 N LEU A 33  ? N LEU A 47  
AA2 3 4 N SER A 28  ? N SER A 42  O GLY A 63  ? O GLY A 77  
AA3 1 2 O LYS A 129 ? O LYS A 143 N VAL A 46  ? N VAL A 60  
AA3 2 3 N THR A 45  ? N THR A 59  O CYS A 59  ? O CYS A 73  
AA4 1 2 N HIS A 145 ? N HIS A 159 O ILE A 161 ? O ILE A 175 
AA4 2 3 N PHE A 162 ? N PHE A 176 O ILE A 175 ? O ILE A 189 
# 
loop_
_struct_site.id 
_struct_site.pdbx_evidence_code 
_struct_site.pdbx_auth_asym_id 
_struct_site.pdbx_auth_comp_id 
_struct_site.pdbx_auth_seq_id 
_struct_site.pdbx_auth_ins_code 
_struct_site.pdbx_num_residues 
_struct_site.details 
AC1 Software A ACT 301 ? 4 'binding site for residue ACT A 301' 
AC2 Software A ACT 302 ? 2 'binding site for residue ACT A 302' 
AC3 Software A DMS 303 ? 5 'binding site for residue DMS A 303' 
AC4 Software A DMS 304 ? 4 'binding site for residue DMS A 304' 
AC5 Software A H3Y 305 ? 4 'binding site for residue H3Y A 305' 
# 
loop_
_struct_site_gen.id 
_struct_site_gen.site_id 
_struct_site_gen.pdbx_num_res 
_struct_site_gen.label_comp_id 
_struct_site_gen.label_asym_id 
_struct_site_gen.label_seq_id 
_struct_site_gen.pdbx_auth_ins_code 
_struct_site_gen.auth_comp_id 
_struct_site_gen.auth_asym_id 
_struct_site_gen.auth_seq_id 
_struct_site_gen.label_atom_id 
_struct_site_gen.label_alt_id 
_struct_site_gen.symmetry 
_struct_site_gen.details 
1  AC1 4 GLY A 56  ? GLY A 70  . ? 1_555 ? 
2  AC1 4 VAL A 58  ? VAL A 72  . ? 1_555 ? 
3  AC1 4 TYR A 173 ? TYR A 187 . ? 1_555 ? 
4  AC1 4 GLN A 174 ? GLN A 188 . ? 1_555 ? 
5  AC2 2 HYP A 88  ? HYP A 102 . ? 1_555 ? 
6  AC2 2 VAL A 91  ? VAL A 105 . ? 1_555 ? 
7  AC3 5 GLY A 85  ? GLY A 99  . ? 1_555 ? 
8  AC3 5 GLN A 90  ? GLN A 104 . ? 1_555 ? 
9  AC3 5 PHE A 119 ? PHE A 133 . ? 1_555 ? 
10 AC3 5 GLN A 120 ? GLN A 134 . ? 1_555 ? 
11 AC3 5 GLN A 122 ? GLN A 136 . ? 1_555 ? 
12 AC4 4 ASP A 116 ? ASP A 130 . ? 1_555 ? 
13 AC4 4 HIS A 117 ? HIS A 131 . ? 1_555 ? 
14 AC4 4 ASP A 130 ? ASP A 144 . ? 2_545 ? 
15 AC4 4 TYR A 173 ? TYR A 187 . ? 2_545 ? 
16 AC5 4 TYR A 27  ? TYR A 41  . ? 1_555 ? 
17 AC5 4 CYS A 59  ? CYS A 73  . ? 1_555 ? 
18 AC5 4 ILE A 108 ? ILE A 122 . ? 1_555 ? 
19 AC5 4 HOH G .   ? HOH A 429 . ? 1_555 ? 
# 
_atom_sites.entry_id                    5QGP 
_atom_sites.fract_transf_matrix[1][1]   -0.00084626 
_atom_sites.fract_transf_matrix[1][2]   0.00883350 
_atom_sites.fract_transf_matrix[1][3]   0.00218180 
_atom_sites.fract_transf_matrix[2][1]   -0.00702452 
_atom_sites.fract_transf_matrix[2][2]   0.00485663 
_atom_sites.fract_transf_matrix[2][3]   -0.00325150 
_atom_sites.fract_transf_matrix[3][1]   -0.01304792 
_atom_sites.fract_transf_matrix[3][2]   -0.00599916 
_atom_sites.fract_transf_matrix[3][3]   0.01922794 
_atom_sites.fract_transf_vector[1]      0.137569 
_atom_sites.fract_transf_vector[2]      -0.432121 
_atom_sites.fract_transf_vector[3]      1.980558 
# 
loop_
_atom_type.symbol 
C 
N 
O 
S 
# 
loop_
_atom_site.group_PDB 
_atom_site.id 
_atom_site.type_symbol 
_atom_site.label_atom_id 
_atom_site.label_alt_id 
_atom_site.label_comp_id 
_atom_site.label_asym_id 
_atom_site.label_entity_id 
_atom_site.label_seq_id 
_atom_site.pdbx_PDB_ins_code 
_atom_site.Cartn_x 
_atom_site.Cartn_y 
_atom_site.Cartn_z 
_atom_site.occupancy 
_atom_site.B_iso_or_equiv 
_atom_site.pdbx_formal_charge 
_atom_site.auth_seq_id 
_atom_site.auth_comp_id 
_atom_site.auth_asym_id 
_atom_site.auth_atom_id 
_atom_site.pdbx_PDB_model_num 
ATOM   1    N N   . SER A 1 1   ? 7.918   2.911   21.508  1.00 63.29  ? 15  SER A N   1 
ATOM   2    C CA  . SER A 1 1   ? 6.822   3.794   20.999  1.00 59.78  ? 15  SER A CA  1 
ATOM   3    C C   . SER A 1 1   ? 6.001   3.041   19.935  1.00 59.97  ? 15  SER A C   1 
ATOM   4    O O   . SER A 1 1   ? 6.371   1.914   19.568  1.00 54.56  ? 15  SER A O   1 
ATOM   5    C CB  . SER A 1 1   ? 7.425   5.100   20.454  1.00 59.99  ? 15  SER A CB  1 
ATOM   6    O OG  . SER A 1 1   ? 8.256   4.877   19.309  1.00 56.11  ? 15  SER A OG  1 
ATOM   7    N N   . MET A 1 2   ? 4.891   3.654   19.504  1.00 57.18  ? 16  MET A N   1 
ATOM   8    C CA  . MET A 1 2   ? 4.011   3.177   18.407  1.00 63.12  ? 16  MET A CA  1 
ATOM   9    C C   . MET A 1 2   ? 4.737   2.919   17.077  1.00 63.58  ? 16  MET A C   1 
ATOM   10   O O   . MET A 1 2   ? 4.456   1.922   16.404  1.00 56.95  ? 16  MET A O   1 
ATOM   11   C CB  . MET A 1 2   ? 2.850   4.170   18.155  1.00 63.35  ? 16  MET A CB  1 
ATOM   12   C CG  . MET A 1 2   ? 2.164   4.108   16.780  1.00 67.27  ? 16  MET A CG  1 
ATOM   13   S SD  . MET A 1 2   ? 0.692   5.175   16.614  1.00 73.42  ? 16  MET A SD  1 
ATOM   14   C CE  . MET A 1 2   ? 1.403   6.790   16.853  1.00 66.87  ? 16  MET A CE  1 
ATOM   15   N N   . LEU A 1 3   ? 5.630   3.810   16.679  1.00 58.23  ? 17  LEU A N   1 
ATOM   16   C CA  . LEU A 1 3   ? 6.267   3.641   15.359  1.00 62.40  ? 17  LEU A CA  1 
ATOM   17   C C   . LEU A 1 3   ? 7.403   2.633   15.391  1.00 60.13  ? 17  LEU A C   1 
ATOM   18   O O   . LEU A 1 3   ? 7.661   1.942   14.408  1.00 60.30  ? 17  LEU A O   1 
ATOM   19   C CB  . LEU A 1 3   ? 6.787   4.960   14.846  1.00 59.55  ? 17  LEU A CB  1 
ATOM   20   C CG  . LEU A 1 3   ? 5.626   5.733   14.231  1.00 62.30  ? 17  LEU A CG  1 
ATOM   21   C CD1 . LEU A 1 3   ? 5.860   7.230   14.415  1.00 56.41  ? 17  LEU A CD1 1 
ATOM   22   C CD2 . LEU A 1 3   ? 5.485   5.343   12.757  1.00 62.85  ? 17  LEU A CD2 1 
ATOM   23   N N   . ASP A 1 4   ? 8.063   2.575   16.537  1.00 56.13  ? 18  ASP A N   1 
ATOM   24   C CA  . ASP A 1 4   ? 9.139   1.644   16.769  1.00 59.89  ? 18  ASP A CA  1 
ATOM   25   C C   . ASP A 1 4   ? 8.594   0.251   16.966  1.00 57.18  ? 18  ASP A C   1 
ATOM   26   O O   . ASP A 1 4   ? 9.238   -0.720  16.568  1.00 57.00  ? 18  ASP A O   1 
ATOM   27   C CB  . ASP A 1 4   ? 9.954   2.057   18.007  1.00 63.70  ? 18  ASP A CB  1 
ATOM   28   C CG  . ASP A 1 4   ? 10.806  3.313   17.766  1.00 71.09  ? 18  ASP A CG  1 
ATOM   29   O OD1 . ASP A 1 4   ? 10.557  4.077   16.795  1.00 69.42  ? 18  ASP A OD1 1 
ATOM   30   O OD2 . ASP A 1 4   ? 11.738  3.524   18.565  1.00 77.23  ? 18  ASP A OD2 1 
ATOM   31   N N   . ASP A 1 5   ? 7.446   0.172   17.643  1.00 51.40  ? 19  ASP A N   1 
ATOM   32   C CA  . ASP A 1 5   ? 6.688   -1.056  17.782  1.00 55.28  ? 19  ASP A CA  1 
ATOM   33   C C   . ASP A 1 5   ? 6.284   -1.632  16.404  1.00 44.58  ? 19  ASP A C   1 
ATOM   34   O O   . ASP A 1 5   ? 6.472   -2.813  16.164  1.00 43.58  ? 19  ASP A O   1 
ATOM   35   C CB  . ASP A 1 5   ? 5.438   -0.824  18.662  1.00 64.59  ? 19  ASP A CB  1 
ATOM   36   C CG  . ASP A 1 5   ? 5.760   -0.750  20.185  1.00 73.35  ? 19  ASP A CG  1 
ATOM   37   O OD1 . ASP A 1 5   ? 6.868   -1.145  20.628  1.00 72.23  ? 19  ASP A OD1 1 
ATOM   38   O OD2 . ASP A 1 5   ? 4.889   -0.271  20.950  1.00 81.31  ? 19  ASP A OD2 1 
ATOM   39   N N   . ALA A 1 6   ? 5.797   -0.785  15.511  1.00 39.41  ? 20  ALA A N   1 
ATOM   40   C CA  . ALA A 1 6   ? 5.384   -1.206  14.182  1.00 39.48  ? 20  ALA A CA  1 
ATOM   41   C C   . ALA A 1 6   ? 6.525   -1.806  13.387  1.00 38.61  ? 20  ALA A C   1 
ATOM   42   O O   . ALA A 1 6   ? 6.407   -2.942  12.893  1.00 33.55  ? 20  ALA A O   1 
ATOM   43   C CB  . ALA A 1 6   ? 4.767   -0.069  13.437  1.00 39.29  ? 20  ALA A CB  1 
ATOM   44   N N   . LYS A 1 7   ? 7.613   -1.047  13.285  1.00 37.96  ? 21  LYS A N   1 
ATOM   45   C CA  . LYS A 1 7   ? 8.855   -1.475  12.647  1.00 41.41  ? 21  LYS A CA  1 
ATOM   46   C C   . LYS A 1 7   ? 9.399   -2.817  13.134  1.00 40.29  ? 21  LYS A C   1 
ATOM   47   O O   . LYS A 1 7   ? 9.734   -3.663  12.321  1.00 32.96  ? 21  LYS A O   1 
ATOM   48   C CB  . LYS A 1 7   ? 9.984   -0.488  12.906  1.00 46.59  ? 21  LYS A CB  1 
ATOM   49   C CG  . LYS A 1 7   ? 10.007  0.707   12.019  1.00 55.15  ? 21  LYS A CG  1 
ATOM   50   C CD  . LYS A 1 7   ? 11.154  1.661   12.423  1.00 61.11  ? 21  LYS A CD  1 
ATOM   51   C CE  . LYS A 1 7   ? 10.681  2.909   13.176  1.00 60.69  ? 21  LYS A CE  1 
ATOM   52   N NZ  . LYS A 1 7   ? 11.552  4.083   12.853  1.00 62.67  ? 21  LYS A NZ  1 
ATOM   53   N N   . ALA A 1 8   ? 9.539   -2.972  14.447  1.00 38.82  ? 22  ALA A N   1 
ATOM   54   C CA  . ALA A 1 8   ? 10.030  -4.239  15.015  1.00 39.29  ? 22  ALA A CA  1 
ATOM   55   C C   . ALA A 1 8   ? 9.093   -5.425  14.672  1.00 36.87  ? 22  ALA A C   1 
ATOM   56   O O   . ALA A 1 8   ? 9.554   -6.509  14.355  1.00 35.70  ? 22  ALA A O   1 
ATOM   57   C CB  . ALA A 1 8   ? 10.225  -4.116  16.526  1.00 43.09  ? 22  ALA A CB  1 
ATOM   58   N N   . ARG A 1 9   ? 7.786   -5.213  14.692  1.00 33.43  ? 23  ARG A N   1 
ATOM   59   C CA  . ARG A 1 9   ? 6.858   -6.270  14.213  1.00 34.29  ? 23  ARG A CA  1 
ATOM   60   C C   . ARG A 1 9   ? 7.032   -6.610  12.717  1.00 35.39  ? 23  ARG A C   1 
ATOM   61   O O   . ARG A 1 9   ? 7.123   -7.777  12.365  1.00 33.18  ? 23  ARG A O   1 
ATOM   62   C CB  . ARG A 1 9   ? 5.415   -5.889  14.494  1.00 38.00  ? 23  ARG A CB  1 
ATOM   63   C CG  . ARG A 1 9   ? 4.981   -6.266  15.919  1.00 40.37  ? 23  ARG A CG  1 
ATOM   64   C CD  . ARG A 1 9   ? 3.832   -5.387  16.345  1.00 49.93  ? 23  ARG A CD  1 
ATOM   65   N NE  . ARG A 1 9   ? 3.174   -5.831  17.596  1.00 56.16  ? 23  ARG A NE  1 
ATOM   66   C CZ  . ARG A 1 9   ? 2.158   -6.697  17.690  1.00 51.72  ? 23  ARG A CZ  1 
ATOM   67   N NH1 . ARG A 1 9   ? 1.623   -7.272  16.615  1.00 43.54  ? 23  ARG A NH1 1 
ATOM   68   N NH2 . ARG A 1 9   ? 1.649   -6.985  18.896  1.00 54.20  ? 23  ARG A NH2 1 
ATOM   69   N N   . LEU A 1 10  ? 7.100   -5.576  11.871  1.00 30.97  ? 24  LEU A N   1 
ATOM   70   C CA  . LEU A 1 10  ? 7.233   -5.720  10.431  1.00 32.82  ? 24  LEU A CA  1 
ATOM   71   C C   . LEU A 1 10  ? 8.517   -6.424  10.066  1.00 33.63  ? 24  LEU A C   1 
ATOM   72   O O   . LEU A 1 10  ? 8.490   -7.251  9.188   1.00 33.56  ? 24  LEU A O   1 
ATOM   73   C CB  . LEU A 1 10  ? 7.129   -4.378  9.694   1.00 31.41  ? 24  LEU A CB  1 
ATOM   74   C CG  . LEU A 1 10  ? 5.765   -3.674  9.679   1.00 32.04  ? 24  LEU A CG  1 
ATOM   75   C CD1 . LEU A 1 10  ? 5.858   -2.155  9.356   1.00 32.34  ? 24  LEU A CD1 1 
ATOM   76   C CD2 . LEU A 1 10  ? 4.847   -4.383  8.703   1.00 33.17  ? 24  LEU A CD2 1 
ATOM   77   N N   . ARG A 1 11  ? 9.600   -6.179  10.790  1.00 32.44  ? 25  ARG A N   1 
ATOM   78   C CA  . ARG A 1 11  ? 10.867  -6.826  10.465  1.00 39.62  ? 25  ARG A CA  1 
ATOM   79   C C   . ARG A 1 11  ? 10.840  -8.345  10.563  1.00 41.70  ? 25  ARG A C   1 
ATOM   80   O O   . ARG A 1 11  ? 11.561  -8.981  9.820   1.00 38.77  ? 25  ARG A O   1 
ATOM   81   C CB  . ARG A 1 11  ? 12.025  -6.273  11.283  1.00 46.31  ? 25  ARG A CB  1 
ATOM   82   C CG  . ARG A 1 11  ? 12.436  -4.890  10.768  1.00 54.51  ? 25  ARG A CG  1 
ATOM   83   C CD  . ARG A 1 11  ? 13.507  -4.246  11.630  1.00 59.30  ? 25  ARG A CD  1 
ATOM   84   N NE  . ARG A 1 11  ? 13.555  -2.803  11.362  1.00 68.45  ? 25  ARG A NE  1 
ATOM   85   C CZ  . ARG A 1 11  ? 13.513  -1.816  12.275  1.00 76.46  ? 25  ARG A CZ  1 
ATOM   86   N NH1 . ARG A 1 11  ? 13.449  -2.069  13.607  1.00 71.24  ? 25  ARG A NH1 1 
ATOM   87   N NH2 . ARG A 1 11  ? 13.547  -0.541  11.842  1.00 73.86  ? 25  ARG A NH2 1 
ATOM   88   N N   . LYS A 1 12  ? 10.012  -8.915  11.445  1.00 37.05  ? 26  LYS A N   1 
ATOM   89   C CA  . LYS A 1 12  ? 9.930   -10.366 11.584  1.00 41.48  ? 26  LYS A CA  1 
ATOM   90   C C   . LYS A 1 12  ? 9.294   -11.083 10.356  1.00 40.55  ? 26  LYS A C   1 
ATOM   91   O O   . LYS A 1 12  ? 9.383   -12.296 10.246  1.00 37.83  ? 26  LYS A O   1 
ATOM   92   C CB  . LYS A 1 12  ? 9.137   -10.717 12.853  1.00 47.67  ? 26  LYS A CB  1 
ATOM   93   C CG  . LYS A 1 12  ? 9.727   -10.192 14.166  1.00 52.92  ? 26  LYS A CG  1 
ATOM   94   C CD  . LYS A 1 12  ? 8.875   -10.646 15.345  1.00 60.60  ? 26  LYS A CD  1 
ATOM   95   C CE  . LYS A 1 12  ? 9.036   -9.775  16.579  1.00 69.02  ? 26  LYS A CE  1 
ATOM   96   N NZ  . LYS A 1 12  ? 10.411  -9.833  17.137  1.00 72.06  ? 26  LYS A NZ  1 
ATOM   97   N N   . TYR A 1 13  ? 8.636   -10.336 9.462   1.00 32.34  ? 27  TYR A N   1 
ATOM   98   C CA  . TYR A 1 13  ? 8.020   -10.871 8.290   1.00 30.30  ? 27  TYR A CA  1 
ATOM   99   C C   . TYR A 1 13  ? 8.786   -10.502 6.982   1.00 29.19  ? 27  TYR A C   1 
ATOM   100  O O   . TYR A 1 13  ? 8.346   -10.840 5.886   1.00 33.86  ? 27  TYR A O   1 
ATOM   101  C CB  . TYR A 1 13  ? 6.547   -10.440 8.246   1.00 31.50  ? 27  TYR A CB  1 
ATOM   102  C CG  . TYR A 1 13  ? 5.708   -10.905 9.435   1.00 32.95  ? 27  TYR A CG  1 
ATOM   103  C CD1 . TYR A 1 13  ? 5.697   -10.178 10.607  1.00 35.11  ? 27  TYR A CD1 1 
ATOM   104  C CD2 . TYR A 1 13  ? 4.941   -12.093 9.389   1.00 36.76  ? 27  TYR A CD2 1 
ATOM   105  C CE1 . TYR A 1 13  ? 4.954   -10.586 11.702  1.00 36.32  ? 27  TYR A CE1 1 
ATOM   106  C CE2 . TYR A 1 13  ? 4.188   -12.521 10.498  1.00 37.46  ? 27  TYR A CE2 1 
ATOM   107  C CZ  . TYR A 1 13  ? 4.214   -11.760 11.648  1.00 37.16  ? 27  TYR A CZ  1 
ATOM   108  O OH  . TYR A 1 13  ? 3.478   -12.106 12.742  1.00 43.94  ? 27  TYR A OH  1 
ATOM   109  N N   . ASP A 1 14  ? 9.919   -9.831  7.110   1.00 31.84  ? 28  ASP A N   1 
ATOM   110  C CA  . ASP A 1 14  ? 10.713  -9.376  5.964   1.00 34.41  ? 28  ASP A CA  1 
ATOM   111  C C   . ASP A 1 14  ? 11.297  -10.618 5.285   1.00 40.42  ? 28  ASP A C   1 
ATOM   112  O O   . ASP A 1 14  ? 11.945  -11.441 5.932   1.00 40.22  ? 28  ASP A O   1 
ATOM   113  C CB  . ASP A 1 14  ? 11.845  -8.494  6.464   1.00 36.40  ? 28  ASP A CB  1 
ATOM   114  C CG  . ASP A 1 14  ? 12.673  -7.830  5.337   1.00 39.74  ? 28  ASP A CG  1 
ATOM   115  O OD1 . ASP A 1 14  ? 12.284  -7.732  4.165   1.00 39.45  ? 28  ASP A OD1 1 
ATOM   116  O OD2 . ASP A 1 14  ? 13.735  -7.334  5.686   1.00 47.63  ? 28  ASP A OD2 1 
ATOM   117  N N   . ILE A 1 15  ? 11.018  -10.786 4.008   1.00 41.88  ? 29  ILE A N   1 
ATOM   118  C CA  . ILE A 1 15  ? 11.682  -11.849 3.259   1.00 48.97  ? 29  ILE A CA  1 
ATOM   119  C C   . ILE A 1 15  ? 13.004  -11.400 2.579   1.00 45.13  ? 29  ILE A C   1 
ATOM   120  O O   . ILE A 1 15  ? 13.695  -12.225 2.009   1.00 45.67  ? 29  ILE A O   1 
ATOM   121  C CB  . ILE A 1 15  ? 10.721  -12.543 2.262   1.00 54.28  ? 29  ILE A CB  1 
ATOM   122  C CG1 . ILE A 1 15  ? 10.470  -11.727 1.016   1.00 58.91  ? 29  ILE A CG1 1 
ATOM   123  C CG2 . ILE A 1 15  ? 9.373   -12.901 2.909   1.00 56.30  ? 29  ILE A CG2 1 
ATOM   124  C CD1 . ILE A 1 15  ? 10.245  -12.648 -0.165  1.00 66.27  ? 29  ILE A CD1 1 
ATOM   125  N N   . GLY A 1 16  ? 13.326  -10.104 2.632   1.00 47.02  ? 30  GLY A N   1 
ATOM   126  C CA  . GLY A 1 16  ? 14.465  -9.518  1.885   1.00 49.75  ? 30  GLY A CA  1 
ATOM   127  C C   . GLY A 1 16  ? 14.427  -9.699  0.354   1.00 51.63  ? 30  GLY A C   1 
ATOM   128  O O   . GLY A 1 16  ? 13.381  -9.522  -0.291  1.00 48.24  ? 30  GLY A O   1 
ATOM   129  N N   . GLY A 1 17  ? 15.571  -10.081 -0.227  1.00 51.45  ? 31  GLY A N   1 
ATOM   130  C CA  . GLY A 1 17  ? 15.723  -10.199 -1.687  1.00 47.07  ? 31  GLY A CA  1 
ATOM   131  C C   . GLY A 1 17  ? 15.609  -11.604 -2.259  1.00 45.42  ? 31  GLY A C   1 
ATOM   132  O O   . GLY A 1 17  ? 15.800  -11.820 -3.456  1.00 36.96  ? 31  GLY A O   1 
ATOM   133  N N   . LYS A 1 18  ? 15.244  -12.535 -1.387  1.00 47.53  ? 32  LYS A N   1 
ATOM   134  C CA  . LYS A 1 18  ? 15.102  -13.954 -1.660  1.00 47.14  ? 32  LYS A CA  1 
ATOM   135  C C   . LYS A 1 18  ? 14.479  -14.300 -3.031  1.00 42.94  ? 32  LYS A C   1 
ATOM   136  O O   . LYS A 1 18  ? 15.110  -14.987 -3.840  1.00 46.79  ? 32  LYS A O   1 
ATOM   137  C CB  . LYS A 1 18  ? 14.333  -14.562 -0.455  1.00 48.74  ? 32  LYS A CB  1 
ATOM   138  C CG  . LYS A 1 18  ? 14.427  -16.058 -0.354  1.00 55.65  ? 32  LYS A CG  1 
ATOM   139  C CD  . LYS A 1 18  ? 14.037  -16.594 1.003   1.00 53.00  ? 32  LYS A CD  1 
ATOM   140  C CE  . LYS A 1 18  ? 15.208  -16.482 1.946   1.00 57.75  ? 32  LYS A CE  1 
ATOM   141  N NZ  . LYS A 1 18  ? 14.839  -17.119 3.227   1.00 60.61  ? 32  LYS A NZ  1 
ATOM   142  N N   . TYR A 1 19  ? 13.323  -13.711 -3.333  1.00 41.67  ? 33  TYR A N   1 
ATOM   143  C CA  . TYR A 1 19  ? 12.599  -13.940 -4.582  1.00 35.36  ? 33  TYR A CA  1 
ATOM   144  C C   . TYR A 1 19  ? 12.841  -12.893 -5.713  1.00 38.48  ? 33  TYR A C   1 
ATOM   145  O O   . TYR A 1 19  ? 12.291  -13.031 -6.837  1.00 36.32  ? 33  TYR A O   1 
ATOM   146  C CB  . TYR A 1 19  ? 11.092  -14.060 -4.277  1.00 36.14  ? 33  TYR A CB  1 
ATOM   147  C CG  . TYR A 1 19  ? 10.703  -15.371 -3.601  1.00 33.55  ? 33  TYR A CG  1 
ATOM   148  C CD1 . TYR A 1 19  ? 11.063  -15.626 -2.289  1.00 35.36  ? 33  TYR A CD1 1 
ATOM   149  C CD2 . TYR A 1 19  ? 9.965   -16.363 -4.284  1.00 34.25  ? 33  TYR A CD2 1 
ATOM   150  C CE1 . TYR A 1 19  ? 10.737  -16.841 -1.659  1.00 36.66  ? 33  TYR A CE1 1 
ATOM   151  C CE2 . TYR A 1 19  ? 9.607   -17.560 -3.651  1.00 33.47  ? 33  TYR A CE2 1 
ATOM   152  C CZ  . TYR A 1 19  ? 9.997   -17.795 -2.346  1.00 32.56  ? 33  TYR A CZ  1 
ATOM   153  O OH  . TYR A 1 19  ? 9.665   -18.947 -1.688  1.00 34.65  ? 33  TYR A OH  1 
ATOM   154  N N   . SER A 1 20  ? 13.726  -11.925 -5.472  1.00 34.62  ? 34  SER A N   1 
ATOM   155  C CA  . SER A 1 20  ? 13.853  -10.765 -6.378  1.00 37.03  ? 34  SER A CA  1 
ATOM   156  C C   . SER A 1 20  ? 14.582  -11.049 -7.714  1.00 38.39  ? 34  SER A C   1 
ATOM   157  O O   . SER A 1 20  ? 14.392  -10.303 -8.688  1.00 42.48  ? 34  SER A O   1 
ATOM   158  C CB  . SER A 1 20  ? 14.561  -9.635  -5.631  1.00 40.17  ? 34  SER A CB  1 
ATOM   159  O OG  . SER A 1 20  ? 15.893  -10.021 -5.276  1.00 43.03  ? 34  SER A OG  1 
ATOM   160  N N   . HIS A 1 21  ? 15.377  -12.119 -7.787  1.00 37.00  ? 35  HIS A N   1 
ATOM   161  C CA  . HIS A 1 21  ? 16.165  -12.419 -9.019  1.00 42.58  ? 35  HIS A CA  1 
ATOM   162  C C   . HIS A 1 21  ? 15.493  -13.334 -10.018 1.00 43.53  ? 35  HIS A C   1 
ATOM   163  O O   . HIS A 1 21  ? 16.004  -13.477 -11.114 1.00 48.50  ? 35  HIS A O   1 
ATOM   164  C CB  . HIS A 1 21  ? 17.571  -12.876 -8.661  1.00 46.77  ? 35  HIS A CB  1 
ATOM   165  C CG  . HIS A 1 21  ? 18.163  -12.041 -7.562  1.00 57.82  ? 35  HIS A CG  1 
ATOM   166  N ND1 . HIS A 1 21  ? 18.533  -10.713 -7.748  1.00 57.67  ? 35  HIS A ND1 1 
ATOM   167  C CD2 . HIS A 1 21  ? 18.308  -12.290 -6.237  1.00 60.42  ? 35  HIS A CD2 1 
ATOM   168  C CE1 . HIS A 1 21  ? 18.951  -10.207 -6.602  1.00 57.80  ? 35  HIS A CE1 1 
ATOM   169  N NE2 . HIS A 1 21  ? 18.827  -11.142 -5.670  1.00 70.31  ? 35  HIS A NE2 1 
ATOM   170  N N   . LEU A 1 22  ? 14.320  -13.870 -9.685  1.00 35.62  ? 36  LEU A N   1 
ATOM   171  C CA  . LEU A 1 22  ? 13.585  -14.756 -10.586 1.00 37.95  ? 36  LEU A CA  1 
ATOM   172  C C   . LEU A 1 22  ? 13.087  -14.087 -11.863 1.00 35.71  ? 36  LEU A C   1 
ATOM   173  O O   . LEU A 1 22  ? 12.633  -12.953 -11.843 1.00 37.35  ? 36  LEU A O   1 
ATOM   174  C CB  . LEU A 1 22  ? 12.389  -15.406 -9.860  1.00 36.14  ? 36  LEU A CB  1 
ATOM   175  C CG  . LEU A 1 22  ? 12.734  -16.350 -8.695  1.00 35.33  ? 36  LEU A CG  1 
ATOM   176  C CD1 . LEU A 1 22  ? 11.519  -16.589 -7.810  1.00 39.00  ? 36  LEU A CD1 1 
ATOM   177  C CD2 . LEU A 1 22  ? 13.250  -17.687 -9.149  1.00 38.58  ? 36  LEU A CD2 1 
ATOM   178  N N   . PRO A 1 23  ? 13.062  -14.836 -12.979 1.00 38.83  ? 37  PRO A N   1 
ATOM   179  C CA  . PRO A 1 23  ? 12.803  -14.212 -14.298 1.00 36.74  ? 37  PRO A CA  1 
ATOM   180  C C   . PRO A 1 23  ? 11.323  -13.911 -14.623 1.00 36.78  ? 37  PRO A C   1 
ATOM   181  O O   . PRO A 1 23  ? 10.743  -14.457 -15.551 1.00 38.15  ? 37  PRO A O   1 
ATOM   182  C CB  . PRO A 1 23  ? 13.425  -15.248 -15.272 1.00 37.21  ? 37  PRO A CB  1 
ATOM   183  C CG  . PRO A 1 23  ? 13.157  -16.568 -14.595 1.00 37.66  ? 37  PRO A CG  1 
ATOM   184  C CD  . PRO A 1 23  ? 13.325  -16.292 -13.103 1.00 36.33  ? 37  PRO A CD  1 
ATOM   185  N N   . TYR A 1 24  ? 10.710  -13.019 -13.855 1.00 38.45  ? 38  TYR A N   1 
ATOM   186  C CA  . TYR A 1 24  ? 9.304   -12.684 -14.009 1.00 30.85  ? 38  TYR A CA  1 
ATOM   187  C C   . TYR A 1 24  ? 9.170   -11.300 -14.667 1.00 31.04  ? 38  TYR A C   1 
ATOM   188  O O   . TYR A 1 24  ? 10.115  -10.505 -14.611 1.00 29.68  ? 38  TYR A O   1 
ATOM   189  C CB  . TYR A 1 24  ? 8.683   -12.658 -12.592 1.00 32.49  ? 38  TYR A CB  1 
ATOM   190  C CG  . TYR A 1 24  ? 8.299   -14.038 -12.050 1.00 29.93  ? 38  TYR A CG  1 
ATOM   191  C CD1 . TYR A 1 24  ? 7.179   -14.686 -12.542 1.00 32.10  ? 38  TYR A CD1 1 
ATOM   192  C CD2 . TYR A 1 24  ? 8.999   -14.648 -11.033 1.00 30.86  ? 38  TYR A CD2 1 
ATOM   193  C CE1 . TYR A 1 24  ? 6.783   -15.933 -12.070 1.00 31.52  ? 38  TYR A CE1 1 
ATOM   194  C CE2 . TYR A 1 24  ? 8.606   -15.914 -10.533 1.00 30.50  ? 38  TYR A CE2 1 
ATOM   195  C CZ  . TYR A 1 24  ? 7.505   -16.551 -11.072 1.00 31.59  ? 38  TYR A CZ  1 
ATOM   196  O OH  . TYR A 1 24  ? 7.073   -17.810 -10.626 1.00 34.07  ? 38  TYR A OH  1 
ATOM   197  N N   . ASN A 1 25  ? 7.994   -10.984 -15.206 1.00 30.27  ? 39  ASN A N   1 
ATOM   198  C CA  . ASN A 1 25  ? 7.596   -9.585  -15.380 1.00 35.89  ? 39  ASN A CA  1 
ATOM   199  C C   . ASN A 1 25  ? 7.379   -8.965  -13.968 1.00 35.38  ? 39  ASN A C   1 
ATOM   200  O O   . ASN A 1 25  ? 6.538   -9.468  -13.220 1.00 32.78  ? 39  ASN A O   1 
ATOM   201  C CB  . ASN A 1 25  ? 6.302   -9.477  -16.170 1.00 36.20  ? 39  ASN A CB  1 
ATOM   202  C CG  . ASN A 1 25  ? 6.444   -9.967  -17.594 1.00 43.58  ? 39  ASN A CG  1 
ATOM   203  O OD1 . ASN A 1 25  ? 7.405   -9.630  -18.271 1.00 47.09  ? 39  ASN A OD1 1 
ATOM   204  N ND2 . ASN A 1 25  ? 5.498   -10.772 -18.048 1.00 45.87  ? 39  ASN A ND2 1 
ATOM   205  N N   . LYS A 1 26  ? 8.101   -7.886  -13.655 1.00 32.25  ? 40  LYS A N   1 
ATOM   206  C CA  . LYS A 1 26  ? 8.215   -7.339  -12.304 1.00 32.71  ? 40  LYS A CA  1 
ATOM   207  C C   . LYS A 1 26  ? 7.451   -6.010  -12.072 1.00 34.91  ? 40  LYS A C   1 
ATOM   208  O O   . LYS A 1 26  ? 7.532   -5.062  -12.852 1.00 29.37  ? 40  LYS A O   1 
ATOM   209  C CB  . LYS A 1 26  ? 9.672   -7.242  -11.933 1.00 37.31  ? 40  LYS A CB  1 
ATOM   210  C CG  . LYS A 1 26  ? 10.297  -8.635  -11.766 1.00 41.63  ? 40  LYS A CG  1 
ATOM   211  C CD  . LYS A 1 26  ? 11.796  -8.625  -11.577 1.00 43.11  ? 40  LYS A CD  1 
ATOM   212  C CE  . LYS A 1 26  ? 12.203  -8.236  -10.161 1.00 42.48  ? 40  LYS A CE  1 
ATOM   213  N NZ  . LYS A 1 26  ? 11.397  -8.805  -9.045  1.00 39.54  ? 40  LYS A NZ  1 
ATOM   214  N N   . TYR A 1 27  ? 6.665   -5.995  -11.000 1.00 33.42  ? 41  TYR A N   1 
ATOM   215  C CA  . TYR A 1 27  ? 5.841   -4.876  -10.603 1.00 34.46  ? 41  TYR A CA  1 
ATOM   216  C C   . TYR A 1 27  ? 6.046   -4.769  -9.052  1.00 37.15  ? 41  TYR A C   1 
ATOM   217  O O   . TYR A 1 27  ? 6.193   -5.834  -8.381  1.00 30.27  ? 41  TYR A O   1 
ATOM   218  C CB  . TYR A 1 27  ? 4.428   -5.187  -11.158 1.00 39.91  ? 41  TYR A CB  1 
ATOM   219  C CG  . TYR A 1 27  ? 3.434   -4.121  -11.093 1.00 47.72  ? 41  TYR A CG  1 
ATOM   220  C CD1 . TYR A 1 27  ? 2.954   -3.690  -9.820  1.00 58.50  ? 41  TYR A CD1 1 
ATOM   221  C CD2 . TYR A 1 27  ? 2.906   -3.515  -12.253 1.00 49.34  ? 41  TYR A CD2 1 
ATOM   222  C CE1 . TYR A 1 27  ? 1.992   -2.668  -9.673  1.00 53.63  ? 41  TYR A CE1 1 
ATOM   223  C CE2 . TYR A 1 27  ? 1.924   -2.477  -12.118 1.00 54.28  ? 41  TYR A CE2 1 
ATOM   224  C CZ  . TYR A 1 27  ? 1.464   -2.054  -10.816 1.00 58.51  ? 41  TYR A CZ  1 
ATOM   225  O OH  . TYR A 1 27  ? 0.522   -1.019  -10.585 1.00 50.00  ? 41  TYR A OH  1 
ATOM   226  N N   . SER A 1 28  ? 6.226   -3.521  -8.512  1.00 29.74  ? 42  SER A N   1 
ATOM   227  C CA  . SER A 1 28  ? 6.279   -3.250  -7.071  1.00 29.36  ? 42  SER A CA  1 
ATOM   228  C C   . SER A 1 28  ? 5.183   -2.303  -6.583  1.00 29.42  ? 42  SER A C   1 
ATOM   229  O O   . SER A 1 28  ? 4.712   -1.429  -7.349  1.00 28.18  ? 42  SER A O   1 
ATOM   230  C CB  . SER A 1 28  ? 7.594   -2.635  -6.614  1.00 34.74  ? 42  SER A CB  1 
ATOM   231  O OG  . SER A 1 28  ? 8.734   -3.375  -6.973  1.00 34.65  ? 42  SER A OG  1 
ATOM   232  N N   . VAL A 1 29  ? 4.768   -2.491  -5.316  1.00 25.81  ? 43  VAL A N   1 
ATOM   233  C CA  . VAL A 1 29  ? 3.812   -1.605  -4.677  1.00 26.31  ? 43  VAL A CA  1 
ATOM   234  C C   . VAL A 1 29  ? 4.373   -1.124  -3.364  1.00 26.74  ? 43  VAL A C   1 
ATOM   235  O O   . VAL A 1 29  ? 5.177   -1.830  -2.762  1.00 26.30  ? 43  VAL A O   1 
ATOM   236  C CB  . VAL A 1 29  ? 2.417   -2.189  -4.470  1.00 28.99  ? 43  VAL A CB  1 
ATOM   237  C CG1 . VAL A 1 29  ? 1.701   -2.399  -5.800  1.00 28.63  ? 43  VAL A CG1 1 
ATOM   238  C CG2 . VAL A 1 29  ? 2.444   -3.456  -3.631  1.00 28.77  ? 43  VAL A CG2 1 
ATOM   239  N N   . LEU A 1 30  ? 3.985   0.103   -2.961  1.00 25.06  ? 44  LEU A N   1 
ATOM   240  C CA  . LEU A 1 30  ? 4.332   0.673   -1.671  1.00 26.45  ? 44  LEU A CA  1 
ATOM   241  C C   . LEU A 1 30  ? 3.097   0.712   -0.794  1.00 26.53  ? 44  LEU A C   1 
ATOM   242  O O   . LEU A 1 30  ? 2.084   1.206   -1.202  1.00 25.03  ? 44  LEU A O   1 
ATOM   243  C CB  . LEU A 1 30  ? 4.886   2.083   -1.807  1.00 27.53  ? 44  LEU A CB  1 
ATOM   244  C CG  . LEU A 1 30  ? 5.359   2.754   -0.515  1.00 27.08  ? 44  LEU A CG  1 
ATOM   245  C CD1 . LEU A 1 30  ? 6.641   2.118   -0.023  1.00 27.81  ? 44  LEU A CD1 1 
ATOM   246  C CD2 . LEU A 1 30  ? 5.544   4.251   -0.747  1.00 29.39  ? 44  LEU A CD2 1 
ATOM   247  N N   . LEU A 1 31  ? 3.216   0.180   0.410   1.00 25.27  ? 45  LEU A N   1 
ATOM   248  C CA  . LEU A 1 31  ? 2.158   0.239   1.417   1.00 27.67  ? 45  LEU A CA  1 
ATOM   249  C C   . LEU A 1 31  ? 2.545   1.365   2.398   1.00 25.99  ? 45  LEU A C   1 
ATOM   250  O O   . LEU A 1 31  ? 3.387   1.171   3.263   1.00 24.70  ? 45  LEU A O   1 
ATOM   251  C CB  . LEU A 1 31  ? 2.058   -1.090  2.151   1.00 28.99  ? 45  LEU A CB  1 
ATOM   252  C CG  . LEU A 1 31  ? 1.296   -2.239  1.452   1.00 31.53  ? 45  LEU A CG  1 
ATOM   253  C CD1 . LEU A 1 31  ? 1.531   -2.461  0.011   1.00 31.43  ? 45  LEU A CD1 1 
ATOM   254  C CD2 . LEU A 1 31  ? 1.580   -3.563  2.164   1.00 39.38  ? 45  LEU A CD2 1 
ATOM   255  N N   . PRO A 1 32  ? 1.938   2.542   2.243   1.00 24.56  ? 46  PRO A N   1 
ATOM   256  C CA  . PRO A 1 32  ? 2.436   3.724   2.974   1.00 25.90  ? 46  PRO A CA  1 
ATOM   257  C C   . PRO A 1 32  ? 1.726   3.867   4.340   1.00 23.75  ? 46  PRO A C   1 
ATOM   258  O O   . PRO A 1 32  ? 0.522   3.996   4.380   1.00 24.66  ? 46  PRO A O   1 
ATOM   259  C CB  . PRO A 1 32  ? 2.124   4.876   2.015   1.00 27.24  ? 46  PRO A CB  1 
ATOM   260  C CG  . PRO A 1 32  ? 1.592   4.248   0.740   1.00 26.17  ? 46  PRO A CG  1 
ATOM   261  C CD  . PRO A 1 32  ? 0.976   2.943   1.207   1.00 24.78  ? 46  PRO A CD  1 
ATOM   262  N N   . LEU A 1 33  ? 2.462   3.725   5.428   1.00 24.86  ? 47  LEU A N   1 
ATOM   263  C CA  . LEU A 1 33  ? 1.892   3.853   6.781   1.00 30.17  ? 47  LEU A CA  1 
ATOM   264  C C   . LEU A 1 33  ? 2.096   5.279   7.294   1.00 32.89  ? 47  LEU A C   1 
ATOM   265  O O   . LEU A 1 33  ? 3.243   5.726   7.338   1.00 30.65  ? 47  LEU A O   1 
ATOM   266  C CB  . LEU A 1 33  ? 2.596   2.957   7.767   1.00 32.45  ? 47  LEU A CB  1 
ATOM   267  C CG  . LEU A 1 33  ? 2.162   1.503   7.849   1.00 36.46  ? 47  LEU A CG  1 
ATOM   268  C CD1 . LEU A 1 33  ? 3.087   0.861   8.879   1.00 38.46  ? 47  LEU A CD1 1 
ATOM   269  C CD2 . LEU A 1 33  ? 0.708   1.300   8.282   1.00 36.19  ? 47  LEU A CD2 1 
ATOM   270  N N   . VAL A 1 34  ? 0.999   5.915   7.697   1.00 30.51  ? 48  VAL A N   1 
ATOM   271  C CA  . VAL A 1 34  ? 0.933   7.303   8.146   1.00 32.45  ? 48  VAL A CA  1 
ATOM   272  C C   . VAL A 1 34  ? 0.380   7.340   9.577   1.00 34.66  ? 48  VAL A C   1 
ATOM   273  O O   . VAL A 1 34  ? -0.675  6.732   9.833   1.00 30.97  ? 48  VAL A O   1 
ATOM   274  C CB  . VAL A 1 34  ? -0.053  8.110   7.292   1.00 31.20  ? 48  VAL A CB  1 
ATOM   275  C CG1 . VAL A 1 34  ? -0.184  9.551   7.793   1.00 36.06  ? 48  VAL A CG1 1 
ATOM   276  C CG2 . VAL A 1 34  ? 0.379   8.136   5.845   1.00 36.58  ? 48  VAL A CG2 1 
ATOM   277  N N   . ALA A 1 35  ? 1.078   8.038   10.486  1.00 33.51  ? 49  ALA A N   1 
ATOM   278  C CA  . ALA A 1 35  ? 0.603   8.233   11.882  1.00 37.64  ? 49  ALA A CA  1 
ATOM   279  C C   . ALA A 1 35  ? -0.215  9.509   11.964  1.00 41.65  ? 49  ALA A C   1 
ATOM   280  O O   . ALA A 1 35  ? 0.248   10.535  11.511  1.00 45.31  ? 49  ALA A O   1 
ATOM   281  C CB  . ALA A 1 35  ? 1.768   8.321   12.828  1.00 40.19  ? 49  ALA A CB  1 
ATOM   282  N N   . LYS A 1 36  ? -1.440  9.433   12.492  1.00 40.17  ? 50  LYS A N   1 
ATOM   283  C CA  . LYS A 1 36  ? -2.339  10.575  12.568  1.00 44.94  ? 50  LYS A CA  1 
ATOM   284  C C   . LYS A 1 36  ? -3.203  10.396  13.804  1.00 48.31  ? 50  LYS A C   1 
ATOM   285  O O   . LYS A 1 36  ? -3.814  9.333   13.975  1.00 39.17  ? 50  LYS A O   1 
ATOM   286  C CB  . LYS A 1 36  ? -3.224  10.642  11.324  1.00 52.16  ? 50  LYS A CB  1 
ATOM   287  C CG  . LYS A 1 36  ? -3.557  12.043  10.871  1.00 64.16  ? 50  LYS A CG  1 
ATOM   288  C CD  . LYS A 1 36  ? -4.410  12.062  9.603   1.00 74.47  ? 50  LYS A CD  1 
ATOM   289  C CE  . LYS A 1 36  ? -5.297  13.309  9.531   1.00 81.23  ? 50  LYS A CE  1 
ATOM   290  N NZ  . LYS A 1 36  ? -6.394  13.296  10.551  1.00 82.76  ? 50  LYS A NZ  1 
ATOM   291  N N   . GLU A 1 37  ? -3.217  11.407  14.677  1.00 43.82  ? 51  GLU A N   1 
ATOM   292  C CA  . GLU A 1 37  ? -4.069  11.430  15.859  1.00 43.64  ? 51  GLU A CA  1 
ATOM   293  C C   . GLU A 1 37  ? -3.857  10.261  16.761  1.00 40.32  ? 51  GLU A C   1 
ATOM   294  O O   . GLU A 1 37  ? -4.804  9.694   17.250  1.00 43.10  ? 51  GLU A O   1 
ATOM   295  C CB  . GLU A 1 37  ? -5.543  11.479  15.464  1.00 56.10  ? 51  GLU A CB  1 
ATOM   296  C CG  . GLU A 1 37  ? -5.888  12.569  14.473  1.00 65.78  ? 51  GLU A CG  1 
ATOM   297  C CD  . GLU A 1 37  ? -7.380  12.791  14.369  1.00 76.85  ? 51  GLU A CD  1 
ATOM   298  O OE1 . GLU A 1 37  ? -7.789  13.923  14.031  1.00 87.14  ? 51  GLU A OE1 1 
ATOM   299  O OE2 . GLU A 1 37  ? -8.141  11.836  14.638  1.00 88.14  ? 51  GLU A OE2 1 
ATOM   300  N N   . GLY A 1 38  ? -2.605  9.889   16.957  1.00 38.05  ? 52  GLY A N   1 
ATOM   301  C CA  . GLY A 1 38  ? -2.227  8.765   17.769  1.00 42.04  ? 52  GLY A CA  1 
ATOM   302  C C   . GLY A 1 38  ? -2.404  7.355   17.178  1.00 43.91  ? 52  GLY A C   1 
ATOM   303  O O   . GLY A 1 38  ? -2.190  6.397   17.911  1.00 43.88  ? 52  GLY A O   1 
ATOM   304  N N   . LYS A 1 39  ? -2.796  7.213   15.899  1.00 38.22  ? 53  LYS A N   1 
ATOM   305  C CA  . LYS A 1 39  ? -3.065  5.885   15.276  1.00 39.39  ? 53  LYS A CA  1 
ATOM   306  C C   . LYS A 1 39  ? -2.441  5.744   13.882  1.00 36.87  ? 53  LYS A C   1 
ATOM   307  O O   . LYS A 1 39  ? -2.297  6.729   13.146  1.00 37.01  ? 53  LYS A O   1 
ATOM   308  C CB  . LYS A 1 39  ? -4.559  5.699   15.097  1.00 43.21  ? 53  LYS A CB  1 
ATOM   309  C CG  . LYS A 1 39  ? -5.398  5.742   16.370  1.00 49.36  ? 53  LYS A CG  1 
ATOM   310  C CD  . LYS A 1 39  ? -6.901  5.967   16.117  1.00 61.77  ? 53  LYS A CD  1 
ATOM   311  C CE  . LYS A 1 39  ? -7.308  6.434   14.698  1.00 61.59  ? 53  LYS A CE  1 
ATOM   312  N NZ  . LYS A 1 39  ? -8.762  6.239   14.427  1.00 60.17  ? 53  LYS A NZ  1 
ATOM   313  N N   . LEU A 1 40  ? -2.165  4.507   13.490  1.00 33.23  ? 54  LEU A N   1 
ATOM   314  C CA  . LEU A 1 40  ? -1.670  4.208   12.136  1.00 32.54  ? 54  LEU A CA  1 
ATOM   315  C C   . LEU A 1 40  ? -2.810  4.123   11.111  1.00 30.51  ? 54  LEU A C   1 
ATOM   316  O O   . LEU A 1 40  ? -3.915  3.635   11.402  1.00 32.48  ? 54  LEU A O   1 
ATOM   317  C CB  . LEU A 1 40  ? -0.851  2.922   12.140  1.00 35.23  ? 54  LEU A CB  1 
ATOM   318  C CG  . LEU A 1 40  ? 0.418   3.024   12.965  1.00 38.73  ? 54  LEU A CG  1 
ATOM   319  C CD1 . LEU A 1 40  ? 1.007   1.644   13.184  1.00 42.72  ? 54  LEU A CD1 1 
ATOM   320  C CD2 . LEU A 1 40  ? 1.419   3.961   12.294  1.00 38.63  ? 54  LEU A CD2 1 
ATOM   321  N N   . HIS A 1 41  ? -2.504  4.606   9.920   1.00 27.89  ? 55  HIS A N   1 
ATOM   322  C CA  . HIS A 1 41  ? -3.365  4.616   8.758   1.00 26.70  ? 55  HIS A CA  1 
ATOM   323  C C   . HIS A 1 41  ? -2.565  4.130   7.549   1.00 27.77  ? 55  HIS A C   1 
ATOM   324  O O   . HIS A 1 41  ? -1.348  4.300   7.505   1.00 26.24  ? 55  HIS A O   1 
ATOM   325  C CB  . HIS A 1 41  ? -3.849  6.044   8.443   1.00 29.69  ? 55  HIS A CB  1 
ATOM   326  C CG  . HIS A 1 41  ? -4.631  6.671   9.566   1.00 30.19  ? 55  HIS A CG  1 
ATOM   327  N ND1 . HIS A 1 41  ? -4.031  7.105   10.735  1.00 36.55  ? 55  HIS A ND1 1 
ATOM   328  C CD2 . HIS A 1 41  ? -5.951  6.912   9.705   1.00 31.14  ? 55  HIS A CD2 1 
ATOM   329  C CE1 . HIS A 1 41  ? -4.966  7.573   11.550  1.00 36.55  ? 55  HIS A CE1 1 
ATOM   330  N NE2 . HIS A 1 41  ? -6.134  7.483   10.943  1.00 33.61  ? 55  HIS A NE2 1 
ATOM   331  N N   . LEU A 1 42  ? -3.267  3.548   6.574   1.00 25.05  ? 56  LEU A N   1 
ATOM   332  C CA  . LEU A 1 42  ? -2.684  3.269   5.262   1.00 25.68  ? 56  LEU A CA  1 
ATOM   333  C C   . LEU A 1 42  ? -3.223  4.272   4.265   1.00 24.27  ? 56  LEU A C   1 
ATOM   334  O O   . LEU A 1 42  ? -4.414  4.613   4.264   1.00 27.86  ? 56  LEU A O   1 
ATOM   335  C CB  . LEU A 1 42  ? -3.058  1.839   4.810   1.00 26.75  ? 56  LEU A CB  1 
ATOM   336  C CG  . LEU A 1 42  ? -2.278  0.649   5.411   1.00 29.37  ? 56  LEU A CG  1 
ATOM   337  C CD1 . LEU A 1 42  ? -3.012  -0.691  5.180   1.00 29.27  ? 56  LEU A CD1 1 
ATOM   338  C CD2 . LEU A 1 42  ? -0.910  0.586   4.771   1.00 27.82  ? 56  LEU A CD2 1 
ATOM   339  N N   . LEU A 1 43  ? -2.350  4.668   3.379   1.00 26.12  ? 57  LEU A N   1 
ATOM   340  C CA  . LEU A 1 43  ? -2.662  5.513   2.240   1.00 26.91  ? 57  LEU A CA  1 
ATOM   341  C C   . LEU A 1 43  ? -2.908  4.686   0.960   1.00 28.08  ? 57  LEU A C   1 
ATOM   342  O O   . LEU A 1 43  ? -2.049  3.866   0.565   1.00 26.93  ? 57  LEU A O   1 
ATOM   343  C CB  . LEU A 1 43  ? -1.514  6.496   2.048   1.00 28.44  ? 57  LEU A CB  1 
ATOM   344  C CG  . LEU A 1 43  ? -1.663  7.545   0.905   1.00 31.94  ? 57  LEU A CG  1 
ATOM   345  C CD1 . LEU A 1 43  ? -0.794  8.774   1.123   1.00 35.47  ? 57  LEU A CD1 1 
ATOM   346  C CD2 . LEU A 1 43  ? -1.343  6.961   -0.451  1.00 34.54  ? 57  LEU A CD2 1 
ATOM   347  N N   . PHE A 1 44  ? -4.063  4.954   0.331   1.00 26.26  ? 58  PHE A N   1 
ATOM   348  C CA  . PHE A 1 44  ? -4.546  4.365   -0.912  1.00 27.78  ? 58  PHE A CA  1 
ATOM   349  C C   . PHE A 1 44  ? -4.733  5.436   -1.983  1.00 33.65  ? 58  PHE A C   1 
ATOM   350  O O   . PHE A 1 44  ? -4.896  6.644   -1.667  1.00 30.94  ? 58  PHE A O   1 
ATOM   351  C CB  . PHE A 1 44  ? -5.912  3.720   -0.698  1.00 27.86  ? 58  PHE A CB  1 
ATOM   352  C CG  . PHE A 1 44  ? -5.897  2.584   0.293   1.00 27.57  ? 58  PHE A CG  1 
ATOM   353  C CD1 . PHE A 1 44  ? -5.992  2.844   1.658   1.00 27.09  ? 58  PHE A CD1 1 
ATOM   354  C CD2 . PHE A 1 44  ? -5.708  1.249   -0.126  1.00 29.45  ? 58  PHE A CD2 1 
ATOM   355  C CE1 . PHE A 1 44  ? -5.957  1.803   2.591   1.00 28.70  ? 58  PHE A CE1 1 
ATOM   356  C CE2 . PHE A 1 44  ? -5.691  0.208   0.810   1.00 29.34  ? 58  PHE A CE2 1 
ATOM   357  C CZ  . PHE A 1 44  ? -5.833  0.486   2.171   1.00 27.96  ? 58  PHE A CZ  1 
ATOM   358  N N   . THR A 1 45  ? -4.703  4.996   -3.246  1.00 31.01  ? 59  THR A N   1 
ATOM   359  C CA  . THR A 1 45  ? -5.017  5.840   -4.401  1.00 32.19  ? 59  THR A CA  1 
ATOM   360  C C   . THR A 1 45  ? -6.247  5.323   -5.094  1.00 32.66  ? 59  THR A C   1 
ATOM   361  O O   . THR A 1 45  ? -6.604  4.160   -4.924  1.00 31.66  ? 59  THR A O   1 
ATOM   362  C CB  . THR A 1 45  ? -3.904  5.852   -5.447  1.00 31.96  ? 59  THR A CB  1 
ATOM   363  O OG1 . THR A 1 45  ? -3.804  4.562   -6.044  1.00 35.29  ? 59  THR A OG1 1 
ATOM   364  C CG2 . THR A 1 45  ? -2.589  6.216   -4.860  1.00 31.87  ? 59  THR A CG2 1 
ATOM   365  N N   . VAL A 1 46  ? -6.918  6.209   -5.838  1.00 32.88  ? 60  VAL A N   1 
ATOM   366  C CA  . VAL A 1 46  ? -7.929  5.814   -6.808  1.00 33.15  ? 60  VAL A CA  1 
ATOM   367  C C   . VAL A 1 46  ? -7.319  6.113   -8.167  1.00 35.19  ? 60  VAL A C   1 
ATOM   368  O O   . VAL A 1 46  ? -6.973  7.272   -8.460  1.00 35.21  ? 60  VAL A O   1 
ATOM   369  C CB  . VAL A 1 46  ? -9.265  6.548   -6.624  1.00 36.82  ? 60  VAL A CB  1 
ATOM   370  C CG1 . VAL A 1 46  ? -10.284 6.117   -7.693  1.00 39.22  ? 60  VAL A CG1 1 
ATOM   371  C CG2 . VAL A 1 46  ? -9.831  6.272   -5.249  1.00 37.53  ? 60  VAL A CG2 1 
ATOM   372  N N   . ARG A 1 47  ? -7.164  5.085   -8.993  1.00 35.19  ? 61  ARG A N   1 
ATOM   373  C CA  . ARG A 1 47  ? -6.481  5.253   -10.298 1.00 40.66  ? 61  ARG A CA  1 
ATOM   374  C C   . ARG A 1 47  ? -7.317  6.112   -11.276 1.00 42.98  ? 61  ARG A C   1 
ATOM   375  O O   . ARG A 1 47  ? -8.548  6.057   -11.279 1.00 41.90  ? 61  ARG A O   1 
ATOM   376  C CB  . ARG A 1 47  ? -6.135  3.890   -10.936 1.00 46.43  ? 61  ARG A CB  1 
ATOM   377  C CG  . ARG A 1 47  ? -5.047  3.103   -10.203 1.00 50.19  ? 61  ARG A CG  1 
ATOM   378  C CD  . ARG A 1 47  ? -4.723  1.759   -10.881 1.00 62.59  ? 61  ARG A CD  1 
ATOM   379  N NE  . ARG A 1 47  ? -3.540  1.793   -11.760 1.00 73.01  ? 61  ARG A NE  1 
ATOM   380  C CZ  . ARG A 1 47  ? -2.263  1.868   -11.339 1.00 84.30  ? 61  ARG A CZ  1 
ATOM   381  N NH1 . ARG A 1 47  ? -1.927  1.921   -10.033 1.00 86.56  ? 61  ARG A NH1 1 
ATOM   382  N NH2 . ARG A 1 47  ? -1.292  1.897   -12.247 1.00 93.07  ? 61  ARG A NH2 1 
ATOM   383  N N   . SER A 1 48  ? -6.640  6.941   -12.065 1.00 43.09  ? 62  SER A N   1 
ATOM   384  C CA  . SER A 1 48  ? -7.313  7.765   -13.066 1.00 52.44  ? 62  SER A CA  1 
ATOM   385  C C   . SER A 1 48  ? -8.174  6.920   -14.034 1.00 54.97  ? 62  SER A C   1 
ATOM   386  O O   . SER A 1 48  ? -7.716  5.886   -14.546 1.00 48.44  ? 62  SER A O   1 
ATOM   387  C CB  . SER A 1 48  ? -6.286  8.547   -13.882 1.00 53.65  ? 62  SER A CB  1 
ATOM   388  O OG  . SER A 1 48  ? -6.918  9.116   -15.003 1.00 61.57  ? 62  SER A OG  1 
ATOM   389  N N   . GLU A 1 49  ? -9.406  7.373   -14.263 1.00 65.56  ? 63  GLU A N   1 
ATOM   390  C CA  . GLU A 1 49  ? -10.355 6.749   -15.219 1.00 74.43  ? 63  GLU A CA  1 
ATOM   391  C C   . GLU A 1 49  ? -9.789  6.546   -16.635 1.00 78.99  ? 63  GLU A C   1 
ATOM   392  O O   . GLU A 1 49  ? -10.180 5.615   -17.331 1.00 90.43  ? 63  GLU A O   1 
ATOM   393  C CB  . GLU A 1 49  ? -11.631 7.601   -15.341 1.00 73.67  ? 63  GLU A CB  1 
ATOM   394  C CG  . GLU A 1 49  ? -12.505 7.681   -14.093 1.00 76.36  ? 63  GLU A CG  1 
ATOM   395  C CD  . GLU A 1 49  ? -13.005 6.328   -13.601 1.00 83.29  ? 63  GLU A CD  1 
ATOM   396  O OE1 . GLU A 1 49  ? -13.030 5.334   -14.378 1.00 84.17  ? 63  GLU A OE1 1 
ATOM   397  O OE2 . GLU A 1 49  ? -13.386 6.266   -12.411 1.00 76.97  ? 63  GLU A OE2 1 
ATOM   398  N N   . LYS A 1 50  ? -8.872  7.421   -17.036 1.00 82.16  ? 64  LYS A N   1 
ATOM   399  C CA  . LYS A 1 50  ? -8.322  7.444   -18.388 1.00 85.81  ? 64  LYS A CA  1 
ATOM   400  C C   . LYS A 1 50  ? -7.135  6.502   -18.627 1.00 83.67  ? 64  LYS A C   1 
ATOM   401  O O   . LYS A 1 50  ? -6.639  6.433   -19.744 1.00 91.20  ? 64  LYS A O   1 
ATOM   402  C CB  . LYS A 1 50  ? -7.945  8.894   -18.745 1.00 91.21  ? 64  LYS A CB  1 
ATOM   403  C CG  . LYS A 1 50  ? -9.166  9.820   -18.830 1.00 96.02  ? 64  LYS A CG  1 
ATOM   404  C CD  . LYS A 1 50  ? -8.869  11.262  -18.428 1.00 101.71 ? 64  LYS A CD  1 
ATOM   405  C CE  . LYS A 1 50  ? -7.709  11.874  -19.201 1.00 104.00 ? 64  LYS A CE  1 
ATOM   406  N NZ  . LYS A 1 50  ? -7.849  11.708  -20.677 1.00 108.97 ? 64  LYS A NZ  1 
ATOM   407  N N   . LEU A 1 51  ? -6.683  5.776   -17.604 1.00 80.21  ? 65  LEU A N   1 
ATOM   408  C CA  . LEU A 1 51  ? -5.605  4.785   -17.776 1.00 78.99  ? 65  LEU A CA  1 
ATOM   409  C C   . LEU A 1 51  ? -6.124  3.516   -18.485 1.00 86.03  ? 65  LEU A C   1 
ATOM   410  O O   . LEU A 1 51  ? -7.299  3.148   -18.320 1.00 79.06  ? 65  LEU A O   1 
ATOM   411  C CB  . LEU A 1 51  ? -4.995  4.405   -16.417 1.00 75.55  ? 65  LEU A CB  1 
ATOM   412  C CG  . LEU A 1 51  ? -4.213  5.474   -15.638 1.00 71.47  ? 65  LEU A CG  1 
ATOM   413  C CD1 . LEU A 1 51  ? -3.940  5.009   -14.208 1.00 67.05  ? 65  LEU A CD1 1 
ATOM   414  C CD2 . LEU A 1 51  ? -2.912  5.821   -16.354 1.00 67.46  ? 65  LEU A CD2 1 
ATOM   415  N N   . ARG A 1 52  ? -5.256  2.858   -19.266 1.00 88.58  ? 66  ARG A N   1 
ATOM   416  C CA  . ARG A 1 52  ? -5.612  1.565   -19.885 1.00 97.94  ? 66  ARG A CA  1 
ATOM   417  C C   . ARG A 1 52  ? -5.626  0.435   -18.839 1.00 95.70  ? 66  ARG A C   1 
ATOM   418  O O   . ARG A 1 52  ? -6.596  -0.327  -18.775 1.00 91.74  ? 66  ARG A O   1 
ATOM   419  C CB  . ARG A 1 52  ? -4.739  1.214   -21.113 1.00 101.67 ? 66  ARG A CB  1 
ATOM   420  C CG  . ARG A 1 52  ? -3.248  0.957   -20.872 1.00 107.85 ? 66  ARG A CG  1 
ATOM   421  C CD  . ARG A 1 52  ? -2.547  0.363   -22.099 1.00 111.61 ? 66  ARG A CD  1 
ATOM   422  N NE  . ARG A 1 52  ? -3.044  0.904   -23.369 1.00 116.95 ? 66  ARG A NE  1 
ATOM   423  C CZ  . ARG A 1 52  ? -2.797  2.130   -23.846 1.00 121.19 ? 66  ARG A CZ  1 
ATOM   424  N NH1 . ARG A 1 52  ? -2.039  3.001   -23.176 1.00 119.99 ? 66  ARG A NH1 1 
ATOM   425  N NH2 . ARG A 1 52  ? -3.322  2.498   -25.013 1.00 123.06 ? 66  ARG A NH2 1 
ATOM   426  N N   . ARG A 1 53  ? -4.583  0.361   -18.003 1.00 94.61  ? 67  ARG A N   1 
ATOM   427  C CA  . ARG A 1 53  ? -4.501  -0.656  -16.933 1.00 94.63  ? 67  ARG A CA  1 
ATOM   428  C C   . ARG A 1 53  ? -5.201  -0.185  -15.636 1.00 90.13  ? 67  ARG A C   1 
ATOM   429  O O   . ARG A 1 53  ? -4.755  0.760   -14.963 1.00 81.96  ? 67  ARG A O   1 
ATOM   430  C CB  . ARG A 1 53  ? -3.048  -1.162  -16.699 1.00 98.90  ? 67  ARG A CB  1 
ATOM   431  C CG  . ARG A 1 53  ? -2.142  -0.457  -15.672 1.00 107.81 ? 67  ARG A CG  1 
ATOM   432  C CD  . ARG A 1 53  ? -1.717  0.965   -16.052 1.00 112.81 ? 67  ARG A CD  1 
ATOM   433  N NE  . ARG A 1 53  ? -1.285  1.074   -17.450 1.00 118.00 ? 67  ARG A NE  1 
ATOM   434  C CZ  . ARG A 1 53  ? -0.153  0.572   -17.952 1.00 120.50 ? 67  ARG A CZ  1 
ATOM   435  N NH1 . ARG A 1 53  ? 0.729   -0.073  -17.182 1.00 124.11 ? 67  ARG A NH1 1 
ATOM   436  N NH2 . ARG A 1 53  ? 0.107   0.727   -19.250 1.00 117.75 ? 67  ARG A NH2 1 
ATOM   437  N N   . ALA A 1 54  ? -6.339  -0.823  -15.348 1.00 80.42  ? 68  ALA A N   1 
ATOM   438  C CA  . ALA A 1 54  ? -7.024  -0.725  -14.064 1.00 84.55  ? 68  ALA A CA  1 
ATOM   439  C C   . ALA A 1 54  ? -7.634  0.664   -13.761 1.00 82.95  ? 68  ALA A C   1 
ATOM   440  O O   . ALA A 1 54  ? -7.406  1.207   -12.680 1.00 77.62  ? 68  ALA A O   1 
ATOM   441  C CB  . ALA A 1 54  ? -6.072  -1.172  -12.938 1.00 83.28  ? 68  ALA A CB  1 
ATOM   442  N N   . PRO A 1 55  ? -8.443  1.222   -14.697 1.00 81.73  ? 69  PRO A N   1 
ATOM   443  C CA  . PRO A 1 55  ? -8.994  2.576   -14.512 1.00 72.79  ? 69  PRO A CA  1 
ATOM   444  C C   . PRO A 1 55  ? -9.987  2.615   -13.370 1.00 64.35  ? 69  PRO A C   1 
ATOM   445  O O   . PRO A 1 55  ? -10.829 1.730   -13.300 1.00 61.50  ? 69  PRO A O   1 
ATOM   446  C CB  . PRO A 1 55  ? -9.732  2.839   -15.831 1.00 77.16  ? 69  PRO A CB  1 
ATOM   447  C CG  . PRO A 1 55  ? -10.153 1.486   -16.296 1.00 78.11  ? 69  PRO A CG  1 
ATOM   448  C CD  . PRO A 1 55  ? -9.046  0.549   -15.867 1.00 82.39  ? 69  PRO A CD  1 
ATOM   449  N N   . GLY A 1 56  ? -9.884  3.614   -12.484 1.00 54.52  ? 70  GLY A N   1 
ATOM   450  C CA  . GLY A 1 56  ? -10.857 3.806   -11.390 1.00 50.77  ? 70  GLY A CA  1 
ATOM   451  C C   . GLY A 1 56  ? -10.815 2.884   -10.162 1.00 45.78  ? 70  GLY A C   1 
ATOM   452  O O   . GLY A 1 56  ? -11.656 3.014   -9.268  1.00 43.53  ? 70  GLY A O   1 
ATOM   453  N N   . GLU A 1 57  ? -9.851  1.965   -10.093 1.00 47.14  ? 71  GLU A N   1 
ATOM   454  C CA  . GLU A 1 57  ? -9.755  1.032   -8.942  1.00 48.42  ? 71  GLU A CA  1 
ATOM   455  C C   . GLU A 1 57  ? -9.028  1.664   -7.764  1.00 36.89  ? 71  GLU A C   1 
ATOM   456  O O   . GLU A 1 57  ? -8.188  2.503   -7.981  1.00 35.98  ? 71  GLU A O   1 
ATOM   457  C CB  . GLU A 1 57  ? -8.962  -0.206  -9.338  1.00 51.87  ? 71  GLU A CB  1 
ATOM   458  C CG  . GLU A 1 57  ? -9.544  -1.013  -10.472 1.00 61.25  ? 71  GLU A CG  1 
ATOM   459  C CD  . GLU A 1 57  ? -8.754  -2.287  -10.731 1.00 69.58  ? 71  GLU A CD  1 
ATOM   460  O OE1 . GLU A 1 57  ? -8.250  -2.918  -9.770  1.00 70.48  ? 71  GLU A OE1 1 
ATOM   461  O OE2 . GLU A 1 57  ? -8.626  -2.655  -11.916 1.00 75.97  ? 71  GLU A OE2 1 
ATOM   462  N N   . VAL A 1 58  ? -9.321  1.182   -6.547  1.00 35.92  ? 72  VAL A N   1 
ATOM   463  C CA  . VAL A 1 58  ? -8.534  1.458   -5.338  1.00 34.10  ? 72  VAL A CA  1 
ATOM   464  C C   . VAL A 1 58  ? -7.284  0.541   -5.342  1.00 34.06  ? 72  VAL A C   1 
ATOM   465  O O   . VAL A 1 58  ? -7.419  -0.699  -5.390  1.00 34.78  ? 72  VAL A O   1 
ATOM   466  C CB  . VAL A 1 58  ? -9.398  1.305   -4.056  1.00 34.13  ? 72  VAL A CB  1 
ATOM   467  C CG1 . VAL A 1 58  ? -8.604  1.562   -2.802  1.00 35.22  ? 72  VAL A CG1 1 
ATOM   468  C CG2 . VAL A 1 58  ? -10.521 2.327   -4.049  1.00 36.77  ? 72  VAL A CG2 1 
ATOM   469  N N   . CYS A 1 59  ? -6.087  1.155   -5.324  1.00 31.03  ? 73  CYS A N   1 
ATOM   470  C CA  . CYS A 1 59  ? -4.790  0.466   -5.336  1.00 31.05  ? 73  CYS A CA  1 
ATOM   471  C C   . CYS A 1 59  ? -3.808  1.182   -4.429  1.00 34.20  ? 73  CYS A C   1 
ATOM   472  O O   . CYS A 1 59  ? -3.981  2.375   -4.143  1.00 33.21  ? 73  CYS A O   1 
ATOM   473  C CB  . CYS A 1 59  ? -4.194  0.524   -6.760  1.00 35.81  ? 73  CYS A CB  1 
ATOM   474  S SG  . CYS A 1 59  ? -5.272  -0.186  -8.016  1.00 40.21  ? 73  CYS A SG  1 
ATOM   475  N N   . PHE A 1 60  ? -2.747  0.473   -4.038  1.00 28.48  ? 74  PHE A N   1 
ATOM   476  C CA  . PHE A 1 60  ? -1.575  1.086   -3.462  1.00 25.91  ? 74  PHE A CA  1 
ATOM   477  C C   . PHE A 1 60  ? -0.744  1.746   -4.579  1.00 29.34  ? 74  PHE A C   1 
ATOM   478  O O   . PHE A 1 60  ? -0.838  1.355   -5.753  1.00 31.25  ? 74  PHE A O   1 
ATOM   479  C CB  . PHE A 1 60  ? -0.736  0.080   -2.681  1.00 27.64  ? 74  PHE A CB  1 
ATOM   480  C CG  . PHE A 1 60  ? -1.409  -0.410  -1.428  1.00 27.53  ? 74  PHE A CG  1 
ATOM   481  C CD1 . PHE A 1 60  ? -1.679  0.485   -0.371  1.00 27.11  ? 74  PHE A CD1 1 
ATOM   482  C CD2 . PHE A 1 60  ? -1.774  -1.734  -1.291  1.00 25.75  ? 74  PHE A CD2 1 
ATOM   483  C CE1 . PHE A 1 60  ? -2.315  0.045   0.786   1.00 28.20  ? 74  PHE A CE1 1 
ATOM   484  C CE2 . PHE A 1 60  ? -2.418  -2.191  -0.131  1.00 26.63  ? 74  PHE A CE2 1 
ATOM   485  C CZ  . PHE A 1 60  ? -2.687  -1.311  0.903   1.00 27.21  ? 74  PHE A CZ  1 
ATOM   486  N N   . PRO A 1 61  ? 0.030   2.780   -4.236  1.00 28.75  ? 75  PRO A N   1 
ATOM   487  C CA  . PRO A 1 61  ? 0.946   3.349   -5.235  1.00 30.30  ? 75  PRO A CA  1 
ATOM   488  C C   . PRO A 1 61  ? 1.898   2.258   -5.748  1.00 30.26  ? 75  PRO A C   1 
ATOM   489  O O   . PRO A 1 61  ? 2.420   1.456   -4.955  1.00 28.99  ? 75  PRO A O   1 
ATOM   490  C CB  . PRO A 1 61  ? 1.764   4.373   -4.440  1.00 29.60  ? 75  PRO A CB  1 
ATOM   491  C CG  . PRO A 1 61  ? 1.015   4.628   -3.212  1.00 30.25  ? 75  PRO A CG  1 
ATOM   492  C CD  . PRO A 1 61  ? 0.094   3.482   -2.943  1.00 29.74  ? 75  PRO A CD  1 
ATOM   493  N N   . GLY A 1 62  ? 2.147   2.236   -7.040  1.00 30.85  ? 76  GLY A N   1 
ATOM   494  C CA  . GLY A 1 62  ? 3.121   1.287   -7.565  1.00 31.42  ? 76  GLY A CA  1 
ATOM   495  C C   . GLY A 1 62  ? 3.108   1.222   -9.068  1.00 32.55  ? 76  GLY A C   1 
ATOM   496  O O   . GLY A 1 62  ? 2.406   1.993   -9.739  1.00 29.47  ? 76  GLY A O   1 
ATOM   497  N N   . GLY A 1 63  ? 3.919   0.314   -9.599  1.00 32.84  ? 77  GLY A N   1 
ATOM   498  C CA  . GLY A 1 63  ? 4.013   0.143   -11.040 1.00 32.52  ? 77  GLY A CA  1 
ATOM   499  C C   . GLY A 1 63  ? 5.107   -0.817  -11.482 1.00 34.31  ? 77  GLY A C   1 
ATOM   500  O O   . GLY A 1 63  ? 5.778   -1.450  -10.673 1.00 32.88  ? 77  GLY A O   1 
ATOM   501  N N   . LYS A 1 64  ? 5.348   -0.805  -12.783 1.00 34.54  ? 78  LYS A N   1 
ATOM   502  C CA  . LYS A 1 64  ? 6.257   -1.738  -13.463 1.00 36.54  ? 78  LYS A CA  1 
ATOM   503  C C   . LYS A 1 64  ? 7.715   -1.335  -13.303 1.00 31.12  ? 78  LYS A C   1 
ATOM   504  O O   . LYS A 1 64  ? 8.041   -0.178  -13.390 1.00 31.69  ? 78  LYS A O   1 
ATOM   505  C CB  . LYS A 1 64  ? 5.840   -1.749  -14.929 1.00 41.59  ? 78  LYS A CB  1 
ATOM   506  C CG  . LYS A 1 64  ? 6.446   -2.840  -15.757 1.00 52.59  ? 78  LYS A CG  1 
ATOM   507  C CD  . LYS A 1 64  ? 5.760   -2.935  -17.117 1.00 58.31  ? 78  LYS A CD  1 
ATOM   508  C CE  . LYS A 1 64  ? 6.620   -3.715  -18.113 1.00 65.15  ? 78  LYS A CE  1 
ATOM   509  N NZ  . LYS A 1 64  ? 6.844   -5.134  -17.699 1.00 69.21  ? 78  LYS A NZ  1 
ATOM   510  N N   . ARG A 1 65  ? 8.615   -2.271  -13.031 1.00 27.91  ? 79  ARG A N   1 
ATOM   511  C CA  . ARG A 1 65  ? 10.026  -1.952  -12.921 1.00 29.84  ? 79  ARG A CA  1 
ATOM   512  C C   . ARG A 1 65  ? 10.561  -1.478  -14.280 1.00 31.89  ? 79  ARG A C   1 
ATOM   513  O O   . ARG A 1 65  ? 10.040  -1.874  -15.334 1.00 29.14  ? 79  ARG A O   1 
ATOM   514  C CB  . ARG A 1 65  ? 10.822  -3.133  -12.414 1.00 30.99  ? 79  ARG A CB  1 
ATOM   515  C CG  . ARG A 1 65  ? 12.313  -2.912  -12.415 1.00 34.15  ? 79  ARG A CG  1 
ATOM   516  C CD  . ARG A 1 65  ? 12.947  -3.935  -11.510 1.00 36.70  ? 79  ARG A CD  1 
ATOM   517  N NE  . ARG A 1 65  ? 14.401  -3.869  -11.435 1.00 37.26  ? 79  ARG A NE  1 
ATOM   518  C CZ  . ARG A 1 65  ? 15.136  -4.621  -10.622 1.00 36.71  ? 79  ARG A CZ  1 
ATOM   519  N NH1 . ARG A 1 65  ? 14.571  -5.469  -9.778  1.00 36.84  ? 79  ARG A NH1 1 
ATOM   520  N NH2 . ARG A 1 65  ? 16.447  -4.498  -10.614 1.00 41.26  ? 79  ARG A NH2 1 
ATOM   521  N N   . ASP A 1 66  ? 11.524  -0.560  -14.239 1.00 31.62  ? 80  ASP A N   1 
ATOM   522  C CA  . ASP A 1 66  ? 12.171  -0.092  -15.471 1.00 31.90  ? 80  ASP A CA  1 
ATOM   523  C C   . ASP A 1 66  ? 13.655  -0.174  -15.346 1.00 31.17  ? 80  ASP A C   1 
ATOM   524  O O   . ASP A 1 66  ? 14.159  -0.411  -14.249 1.00 33.40  ? 80  ASP A O   1 
ATOM   525  C CB  . ASP A 1 66  ? 11.619  1.277   -15.956 1.00 33.59  ? 80  ASP A CB  1 
ATOM   526  C CG  . ASP A 1 66  ? 12.263  2.491   -15.273 1.00 32.19  ? 80  ASP A CG  1 
ATOM   527  O OD1 . ASP A 1 66  ? 13.262  2.391   -14.531 1.00 36.07  ? 80  ASP A OD1 1 
ATOM   528  O OD2 . ASP A 1 66  ? 11.722  3.573   -15.496 1.00 37.67  ? 80  ASP A OD2 1 
ATOM   529  N N   . PRO A 1 67  ? 14.402  0.010   -16.482 1.00 34.39  ? 81  PRO A N   1 
ATOM   530  C CA  . PRO A 1 67  ? 15.831  -0.198  -16.386 1.00 32.60  ? 81  PRO A CA  1 
ATOM   531  C C   . PRO A 1 67  ? 16.564  0.718   -15.471 1.00 31.95  ? 81  PRO A C   1 
ATOM   532  O O   . PRO A 1 67  ? 17.657  0.359   -15.023 1.00 33.10  ? 81  PRO A O   1 
ATOM   533  C CB  . PRO A 1 67  ? 16.321  -0.052  -17.852 1.00 37.81  ? 81  PRO A CB  1 
ATOM   534  C CG  . PRO A 1 67  ? 15.140  -0.396  -18.662 1.00 35.47  ? 81  PRO A CG  1 
ATOM   535  C CD  . PRO A 1 67  ? 13.971  0.150   -17.888 1.00 35.14  ? 81  PRO A CD  1 
ATOM   536  N N   . THR A 1 68  ? 16.021  1.892   -15.147 1.00 32.11  ? 82  THR A N   1 
ATOM   537  C CA  . THR A 1 68  ? 16.756  2.767   -14.191 1.00 33.84  ? 82  THR A CA  1 
ATOM   538  C C   . THR A 1 68  ? 16.757  2.290   -12.723 1.00 37.04  ? 82  THR A C   1 
ATOM   539  O O   . THR A 1 68  ? 17.614  2.717   -11.923 1.00 38.50  ? 82  THR A O   1 
ATOM   540  C CB  . THR A 1 68  ? 16.195  4.221   -14.146 1.00 34.97  ? 82  THR A CB  1 
ATOM   541  O OG1 . THR A 1 68  ? 14.903  4.251   -13.514 1.00 35.23  ? 82  THR A OG1 1 
ATOM   542  C CG2 . THR A 1 68  ? 16.061  4.783   -15.522 1.00 37.46  ? 82  THR A CG2 1 
ATOM   543  N N   . ASP A 1 69  ? 15.766  1.475   -12.347 1.00 37.08  ? 83  ASP A N   1 
ATOM   544  C CA  . ASP A 1 69  ? 15.581  1.139   -10.915 1.00 35.01  ? 83  ASP A CA  1 
ATOM   545  C C   . ASP A 1 69  ? 16.753  0.265   -10.497 1.00 33.11  ? 83  ASP A C   1 
ATOM   546  O O   . ASP A 1 69  ? 17.057  -0.738  -11.169 1.00 37.13  ? 83  ASP A O   1 
ATOM   547  C CB  . ASP A 1 69  ? 14.248  0.379   -10.707 1.00 32.03  ? 83  ASP A CB  1 
ATOM   548  C CG  . ASP A 1 69  ? 13.039  1.202   -11.045 1.00 30.54  ? 83  ASP A CG  1 
ATOM   549  O OD1 . ASP A 1 69  ? 13.031  2.387   -10.673 1.00 32.35  ? 83  ASP A OD1 1 
ATOM   550  O OD2 . ASP A 1 69  ? 12.028  0.680   -11.625 1.00 30.15  ? 83  ASP A OD2 1 
ATOM   551  N N   . MET A 1 70  ? 17.425  0.629   -9.422  1.00 31.49  ? 84  MET A N   1 
ATOM   552  C CA  . MET A 1 70  ? 18.496  -0.201  -8.838  1.00 35.79  ? 84  MET A CA  1 
ATOM   553  C C   . MET A 1 70  ? 17.999  -1.537  -8.248  1.00 37.48  ? 84  MET A C   1 
ATOM   554  O O   . MET A 1 70  ? 18.728  -2.519  -8.228  1.00 35.18  ? 84  MET A O   1 
ATOM   555  C CB  . MET A 1 70  ? 19.193  0.561   -7.704  1.00 39.79  ? 84  MET A CB  1 
ATOM   556  C CG  . MET A 1 70  ? 20.102  1.707   -8.161  1.00 53.81  ? 84  MET A CG  1 
ATOM   557  S SD  . MET A 1 70  ? 21.613  1.171   -9.023  1.00 63.85  ? 84  MET A SD  1 
ATOM   558  C CE  . MET A 1 70  ? 22.714  0.902   -7.626  1.00 65.17  ? 84  MET A CE  1 
ATOM   559  N N   . ASP A 1 71  ? 16.780  -1.548  -7.712  1.00 35.27  ? 85  ASP A N   1 
ATOM   560  C CA  . ASP A 1 71  ? 16.199  -2.751  -7.119  1.00 32.11  ? 85  ASP A CA  1 
ATOM   561  C C   . ASP A 1 71  ? 14.669  -2.566  -7.062  1.00 32.66  ? 85  ASP A C   1 
ATOM   562  O O   . ASP A 1 71  ? 14.116  -1.505  -7.482  1.00 30.19  ? 85  ASP A O   1 
ATOM   563  C CB  . ASP A 1 71  ? 16.850  -3.053  -5.758  1.00 32.48  ? 85  ASP A CB  1 
ATOM   564  C CG  . ASP A 1 71  ? 16.686  -1.905  -4.729  1.00 33.54  ? 85  ASP A CG  1 
ATOM   565  O OD1 . ASP A 1 71  ? 15.835  -1.037  -4.893  1.00 36.03  ? 85  ASP A OD1 1 
ATOM   566  O OD2 . ASP A 1 71  ? 17.394  -1.912  -3.719  1.00 36.77  ? 85  ASP A OD2 1 
ATOM   567  N N   . ASP A 1 72  ? 13.972  -3.599  -6.595  1.00 30.29  ? 86  ASP A N   1 
ATOM   568  C CA  . ASP A 1 72  ? 12.503  -3.573  -6.544  1.00 31.16  ? 86  ASP A CA  1 
ATOM   569  C C   . ASP A 1 72  ? 11.950  -2.455  -5.630  1.00 26.41  ? 86  ASP A C   1 
ATOM   570  O O   . ASP A 1 72  ? 10.927  -1.889  -5.944  1.00 27.33  ? 86  ASP A O   1 
ATOM   571  C CB  . ASP A 1 72  ? 11.940  -4.963  -6.173  1.00 31.74  ? 86  ASP A CB  1 
ATOM   572  C CG  . ASP A 1 72  ? 12.134  -5.998  -7.301  1.00 35.33  ? 86  ASP A CG  1 
ATOM   573  O OD1 . ASP A 1 72  ? 11.966  -5.646  -8.516  1.00 32.18  ? 86  ASP A OD1 1 
ATOM   574  O OD2 . ASP A 1 72  ? 12.462  -7.155  -6.967  1.00 38.20  ? 86  ASP A OD2 1 
ATOM   575  N N   . ALA A 1 73  ? 12.644  -2.129  -4.557  1.00 28.68  ? 87  ALA A N   1 
ATOM   576  C CA  . ALA A 1 73  ? 12.245  -0.990  -3.645  1.00 30.51  ? 87  ALA A CA  1 
ATOM   577  C C   . ALA A 1 73  ? 12.247  0.354   -4.399  1.00 28.69  ? 87  ALA A C   1 
ATOM   578  O O   . ALA A 1 73  ? 11.324  1.160   -4.265  1.00 26.78  ? 87  ALA A O   1 
ATOM   579  C CB  . ALA A 1 73  ? 13.183  -0.914  -2.453  1.00 28.92  ? 87  ALA A CB  1 
ATOM   580  N N   . ALA A 1 74  ? 13.264  0.539   -5.249  1.00 29.56  ? 88  ALA A N   1 
ATOM   581  C CA  . ALA A 1 74  ? 13.386  1.765   -6.082  1.00 30.22  ? 88  ALA A CA  1 
ATOM   582  C C   . ALA A 1 74  ? 12.201  1.947   -6.984  1.00 29.11  ? 88  ALA A C   1 
ATOM   583  O O   . ALA A 1 74  ? 11.692  3.056   -7.095  1.00 28.42  ? 88  ALA A O   1 
ATOM   584  C CB  . ALA A 1 74  ? 14.698  1.772   -6.894  1.00 31.40  ? 88  ALA A CB  1 
ATOM   585  N N   . THR A 1 75  ? 11.704  0.866   -7.594  1.00 27.27  ? 89  THR A N   1 
ATOM   586  C CA  . THR A 1 75  ? 10.470  0.930   -8.386  1.00 27.80  ? 89  THR A CA  1 
ATOM   587  C C   . THR A 1 75  ? 9.280   1.503   -7.611  1.00 29.02  ? 89  THR A C   1 
ATOM   588  O O   . THR A 1 75  ? 8.516   2.392   -8.089  1.00 25.61  ? 89  THR A O   1 
ATOM   589  C CB  . THR A 1 75  ? 10.055  -0.496  -8.860  1.00 28.55  ? 89  THR A CB  1 
ATOM   590  O OG1 . THR A 1 75  ? 11.126  -1.135  -9.566  1.00 28.54  ? 89  THR A OG1 1 
ATOM   591  C CG2 . THR A 1 75  ? 8.809   -0.454  -9.693  1.00 26.87  ? 89  THR A CG2 1 
ATOM   592  N N   . ALA A 1 76  ? 9.069   0.925   -6.418  1.00 28.35  ? 90  ALA A N   1 
ATOM   593  C CA  . ALA A 1 76  ? 7.976   1.370   -5.563  1.00 27.62  ? 90  ALA A CA  1 
ATOM   594  C C   . ALA A 1 76  ? 8.097   2.880   -5.202  1.00 23.77  ? 90  ALA A C   1 
ATOM   595  O O   . ALA A 1 76  ? 7.099   3.575   -5.270  1.00 27.95  ? 90  ALA A O   1 
ATOM   596  C CB  . ALA A 1 76  ? 7.845   0.483   -4.298  1.00 25.37  ? 90  ALA A CB  1 
ATOM   597  N N   . LEU A 1 77  ? 9.291   3.360   -4.884  1.00 25.88  ? 91  LEU A N   1 
ATOM   598  C CA  . LEU A 1 77  ? 9.511   4.776   -4.517  1.00 30.91  ? 91  LEU A CA  1 
ATOM   599  C C   . LEU A 1 77  ? 9.371   5.735   -5.700  1.00 30.54  ? 91  LEU A C   1 
ATOM   600  O O   . LEU A 1 77  ? 8.707   6.742   -5.572  1.00 30.61  ? 91  LEU A O   1 
ATOM   601  C CB  . LEU A 1 77  ? 10.860  4.991   -3.819  1.00 28.60  ? 91  LEU A CB  1 
ATOM   602  C CG  . LEU A 1 77  ? 11.111  4.181   -2.527  1.00 34.79  ? 91  LEU A CG  1 
ATOM   603  C CD1 . LEU A 1 77  ? 12.477  4.493   -1.895  1.00 36.02  ? 91  LEU A CD1 1 
ATOM   604  C CD2 . LEU A 1 77  ? 9.989   4.458   -1.546  1.00 35.35  ? 91  LEU A CD2 1 
ATOM   605  N N   . ARG A 1 78  ? 9.923   5.363   -6.858  1.00 31.55  ? 92  ARG A N   1 
ATOM   606  C CA  . ARG A 1 78  ? 9.746   6.121   -8.115  1.00 30.05  ? 92  ARG A CA  1 
ATOM   607  C C   . ARG A 1 78  ? 8.295   6.341   -8.437  1.00 31.22  ? 92  ARG A C   1 
ATOM   608  O O   . ARG A 1 78  ? 7.862   7.489   -8.692  1.00 28.14  ? 92  ARG A O   1 
ATOM   609  C CB  . ARG A 1 78  ? 10.460  5.432   -9.297  1.00 32.50  ? 92  ARG A CB  1 
ATOM   610  C CG  . ARG A 1 78  ? 10.400  6.201   -10.627 1.00 33.75  ? 92  ARG A CG  1 
ATOM   611  C CD  . ARG A 1 78  ? 11.306  5.599   -11.721 1.00 32.39  ? 92  ARG A CD  1 
ATOM   612  N NE  . ARG A 1 78  ? 11.018  4.163   -11.870 1.00 30.72  ? 92  ARG A NE  1 
ATOM   613  C CZ  . ARG A 1 78  ? 9.930   3.633   -12.420 1.00 27.73  ? 92  ARG A CZ  1 
ATOM   614  N NH1 . ARG A 1 78  ? 8.958   4.373   -12.917 1.00 30.38  ? 92  ARG A NH1 1 
ATOM   615  N NH2 . ARG A 1 78  ? 9.777   2.295   -12.448 1.00 32.41  ? 92  ARG A NH2 1 
ATOM   616  N N   . GLU A 1 79  ? 7.514   5.258   -8.375  1.00 27.53  ? 93  GLU A N   1 
ATOM   617  C CA  . GLU A 1 79  ? 6.124   5.331   -8.710  1.00 28.47  ? 93  GLU A CA  1 
ATOM   618  C C   . GLU A 1 79  ? 5.326   6.106   -7.669  1.00 30.20  ? 93  GLU A C   1 
ATOM   619  O O   . GLU A 1 79  ? 4.413   6.836   -8.065  1.00 30.58  ? 93  GLU A O   1 
ATOM   620  C CB  . GLU A 1 79  ? 5.499   3.925   -8.981  1.00 32.53  ? 93  GLU A CB  1 
ATOM   621  C CG  . GLU A 1 79  ? 6.164   3.146   -10.131 1.00 35.19  ? 93  GLU A CG  1 
ATOM   622  C CD  . GLU A 1 79  ? 5.653   3.490   -11.536 1.00 37.63  ? 93  GLU A CD  1 
ATOM   623  O OE1 . GLU A 1 79  ? 4.607   4.091   -11.668 1.00 36.63  ? 93  GLU A OE1 1 
ATOM   624  O OE2 . GLU A 1 79  ? 6.307   3.130   -12.549 1.00 49.50  ? 93  GLU A OE2 1 
ATOM   625  N N   . ALA A 1 80  ? 5.639   5.964   -6.365  1.00 28.78  ? 94  ALA A N   1 
ATOM   626  C CA  . ALA A 1 80  ? 4.942   6.784   -5.342  1.00 30.17  ? 94  ALA A CA  1 
ATOM   627  C C   . ALA A 1 80  ? 5.207   8.310   -5.553  1.00 30.96  ? 94  ALA A C   1 
ATOM   628  O O   . ALA A 1 80  ? 4.297   9.135   -5.407  1.00 33.99  ? 94  ALA A O   1 
ATOM   629  C CB  . ALA A 1 80  ? 5.314   6.372   -3.939  1.00 28.67  ? 94  ALA A CB  1 
ATOM   630  N N   . GLN A 1 81  ? 6.429   8.638   -5.931  1.00 28.84  ? 95  GLN A N   1 
ATOM   631  C CA  . GLN A 1 81  ? 6.800   10.032  -6.225  1.00 34.54  ? 95  GLN A CA  1 
ATOM   632  C C   . GLN A 1 81  ? 5.969   10.620  -7.376  1.00 37.88  ? 95  GLN A C   1 
ATOM   633  O O   . GLN A 1 81  ? 5.307   11.663  -7.213  1.00 31.16  ? 95  GLN A O   1 
ATOM   634  C CB  . GLN A 1 81  ? 8.298   10.163  -6.478  1.00 32.76  ? 95  GLN A CB  1 
ATOM   635  C CG  . GLN A 1 81  ? 8.726   11.643  -6.541  1.00 39.07  ? 95  GLN A CG  1 
ATOM   636  C CD  . GLN A 1 81  ? 10.224  11.867  -6.335  1.00 40.51  ? 95  GLN A CD  1 
ATOM   637  O OE1 . GLN A 1 81  ? 11.013  10.938  -6.118  1.00 49.19  ? 95  GLN A OE1 1 
ATOM   638  N NE2 . GLN A 1 81  ? 10.618  13.119  -6.386  1.00 50.77  ? 95  GLN A NE2 1 
ATOM   639  N N   . GLU A 1 82  ? 5.943   9.889   -8.493  1.00 35.64  ? 96  GLU A N   1 
ATOM   640  C CA  . GLU A 1 82  ? 5.172   10.251  -9.675  1.00 35.57  ? 96  GLU A CA  1 
ATOM   641  C C   . GLU A 1 82  ? 3.674   10.329  -9.432  1.00 35.00  ? 96  GLU A C   1 
ATOM   642  O O   . GLU A 1 82  ? 2.995   11.219  -9.963  1.00 36.22  ? 96  GLU A O   1 
ATOM   643  C CB  . GLU A 1 82  ? 5.460   9.244   -10.806 1.00 42.79  ? 96  GLU A CB  1 
ATOM   644  C CG  . GLU A 1 82  ? 4.829   9.615   -12.131 1.00 52.46  ? 96  GLU A CG  1 
ATOM   645  C CD  . GLU A 1 82  ? 5.401   10.917  -12.688 1.00 60.24  ? 96  GLU A CD  1 
ATOM   646  O OE1 . GLU A 1 82  ? 6.625   11.158  -12.523 1.00 67.44  ? 96  GLU A OE1 1 
ATOM   647  O OE2 . GLU A 1 82  ? 4.629   11.710  -13.266 1.00 68.98  ? 96  GLU A OE2 1 
ATOM   648  N N   . GLU A 1 83  ? 3.120   9.452   -8.601  1.00 32.10  ? 97  GLU A N   1 
ATOM   649  C CA  . GLU A 1 83  ? 1.693   9.472   -8.396  1.00 29.69  ? 97  GLU A CA  1 
ATOM   650  C C   . GLU A 1 83  ? 1.205   10.465  -7.361  1.00 34.90  ? 97  GLU A C   1 
ATOM   651  O O   . GLU A 1 83  ? 0.123   11.022  -7.524  1.00 30.84  ? 97  GLU A O   1 
ATOM   652  C CB  . GLU A 1 83  ? 1.164   8.097   -7.983  1.00 32.30  ? 97  GLU A CB  1 
ATOM   653  C CG  . GLU A 1 83  ? 1.262   7.026   -9.063  1.00 36.06  ? 97  GLU A CG  1 
ATOM   654  C CD  . GLU A 1 83  ? 0.879   5.635   -8.536  1.00 39.89  ? 97  GLU A CD  1 
ATOM   655  O OE1 . GLU A 1 83  ? -0.046  5.490   -7.704  1.00 44.21  ? 97  GLU A OE1 1 
ATOM   656  O OE2 . GLU A 1 83  ? 1.456   4.670   -9.015  1.00 42.64  ? 97  GLU A OE2 1 
ATOM   657  N N   . VAL A 1 84  ? 1.892   10.577  -6.227  1.00 33.20  ? 98  VAL A N   1 
ATOM   658  C CA  . VAL A 1 84  ? 1.379   11.439  -5.120  1.00 32.76  ? 98  VAL A CA  1 
ATOM   659  C C   . VAL A 1 84  ? 2.388   12.446  -4.562  1.00 33.05  ? 98  VAL A C   1 
ATOM   660  O O   . VAL A 1 84  ? 2.105   13.090  -3.540  1.00 36.23  ? 98  VAL A O   1 
ATOM   661  C CB  . VAL A 1 84  ? 0.814   10.599  -3.961  1.00 33.03  ? 98  VAL A CB  1 
ATOM   662  C CG1 . VAL A 1 84  ? -0.239  9.632   -4.480  1.00 35.53  ? 98  VAL A CG1 1 
ATOM   663  C CG2 . VAL A 1 84  ? 1.892   9.835   -3.243  1.00 32.27  ? 98  VAL A CG2 1 
ATOM   664  N N   . GLY A 1 85  ? 3.552   12.556  -5.209  1.00 32.76  ? 99  GLY A N   1 
ATOM   665  C CA  . GLY A 1 85  ? 4.580   13.533  -4.853  1.00 34.85  ? 99  GLY A CA  1 
ATOM   666  C C   . GLY A 1 85  ? 5.433   13.197  -3.652  1.00 39.22  ? 99  GLY A C   1 
ATOM   667  O O   . GLY A 1 85  ? 6.179   14.068  -3.155  1.00 34.30  ? 99  GLY A O   1 
ATOM   668  N N   . LEU A 1 86  ? 5.361   11.930  -3.204  1.00 37.32  ? 100 LEU A N   1 
ATOM   669  C CA  . LEU A 1 86  ? 6.181   11.433  -2.103  1.00 34.92  ? 100 LEU A CA  1 
ATOM   670  C C   . LEU A 1 86  ? 7.657   11.388  -2.451  1.00 35.06  ? 100 LEU A C   1 
ATOM   671  O O   . LEU A 1 86  ? 8.076   10.685  -3.370  1.00 36.16  ? 100 LEU A O   1 
ATOM   672  C CB  . LEU A 1 86  ? 5.664   10.043  -1.618  1.00 33.95  ? 100 LEU A CB  1 
ATOM   673  C CG  . LEU A 1 86  ? 6.376   9.440   -0.416  1.00 35.40  ? 100 LEU A CG  1 
ATOM   674  C CD1 . LEU A 1 86  ? 5.989   10.155  0.900   1.00 33.34  ? 100 LEU A CD1 1 
ATOM   675  C CD2 . LEU A 1 86  ? 6.089   7.933   -0.317  1.00 35.47  ? 100 LEU A CD2 1 
ATOM   676  N N   . ARG A 1 87  ? 8.458   12.126  -1.693  1.00 31.77  ? 101 ARG A N   1 
ATOM   677  C CA  . ARG A 1 87  ? 9.864   12.270  -1.989  1.00 37.46  ? 101 ARG A CA  1 
ATOM   678  C C   . ARG A 1 87  ? 10.647  11.296  -1.111  1.00 38.27  ? 101 ARG A C   1 
ATOM   679  O O   . ARG A 1 87  ? 10.158  10.852  -0.060  1.00 38.88  ? 101 ARG A O   1 
ATOM   680  C CB  . ARG A 1 87  ? 10.314  13.728  -1.802  1.00 42.81  ? 101 ARG A CB  1 
ATOM   681  C CG  . ARG A 1 87  ? 9.987   14.607  -3.006  1.00 50.37  ? 101 ARG A CG  1 
ATOM   682  C CD  . ARG A 1 87  ? 9.789   16.061  -2.620  1.00 56.57  ? 101 ARG A CD  1 
ATOM   683  N NE  . ARG A 1 87  ? 11.072  16.724  -2.377  1.00 71.09  ? 101 ARG A NE  1 
ATOM   684  C CZ  . ARG A 1 87  ? 11.247  17.865  -1.685  1.00 79.01  ? 101 ARG A CZ  1 
ATOM   685  N NH1 . ARG A 1 87  ? 10.217  18.519  -1.123  1.00 75.11  ? 101 ARG A NH1 1 
ATOM   686  N NH2 . ARG A 1 87  ? 12.484  18.361  -1.542  1.00 74.67  ? 101 ARG A NH2 1 
HETATM 687  N N   . HYP A 1 88  ? 11.849  10.925  -1.546  1.00 45.05  ? 102 HYP A N   1 
HETATM 688  C CA  . HYP A 1 88  ? 12.626  9.888   -0.868  1.00 44.60  ? 102 HYP A CA  1 
HETATM 689  C C   . HYP A 1 88  ? 12.962  10.131  0.554   1.00 42.98  ? 102 HYP A C   1 
HETATM 690  O O   . HYP A 1 88  ? 12.956  9.187   1.353   1.00 40.07  ? 102 HYP A O   1 
HETATM 691  C CB  . HYP A 1 88  ? 13.948  9.753   -1.622  1.00 48.92  ? 102 HYP A CB  1 
HETATM 692  C CG  . HYP A 1 88  ? 13.887  10.777  -2.747  1.00 55.64  ? 102 HYP A CG  1 
HETATM 693  C CD  . HYP A 1 88  ? 12.510  11.429  -2.744  1.00 50.61  ? 102 HYP A CD  1 
HETATM 694  O OD1 . HYP A 1 88  ? 14.053  10.137  -4.015  1.00 71.50  ? 102 HYP A OD1 1 
ATOM   695  N N   . HIS A 1 89  ? 13.279  11.382  0.895   1.00 37.85  ? 103 HIS A N   1 
ATOM   696  C CA  . HIS A 1 89  ? 13.548  11.715  2.289   1.00 38.83  ? 103 HIS A CA  1 
ATOM   697  C C   . HIS A 1 89  ? 12.285  11.618  3.166   1.00 34.12  ? 103 HIS A C   1 
ATOM   698  O O   . HIS A 1 89  ? 12.389  11.753  4.374   1.00 32.14  ? 103 HIS A O   1 
ATOM   699  C CB  . HIS A 1 89  ? 14.213  13.115  2.449   1.00 40.59  ? 103 HIS A CB  1 
ATOM   700  C CG  . HIS A 1 89  ? 13.319  14.277  2.104   1.00 35.98  ? 103 HIS A CG  1 
ATOM   701  N ND1 . HIS A 1 89  ? 12.642  15.007  3.053   1.00 39.85  ? 103 HIS A ND1 1 
ATOM   702  C CD2 . HIS A 1 89  ? 12.990  14.823  0.909   1.00 33.39  ? 103 HIS A CD2 1 
ATOM   703  C CE1 . HIS A 1 89  ? 11.929  15.948  2.458   1.00 36.99  ? 103 HIS A CE1 1 
ATOM   704  N NE2 . HIS A 1 89  ? 12.122  15.854  1.151   1.00 36.32  ? 103 HIS A NE2 1 
ATOM   705  N N   . GLN A 1 90  ? 11.109  11.449  2.557   1.00 31.78  ? 104 GLN A N   1 
ATOM   706  C CA  . GLN A 1 90  ? 9.853   11.424  3.307   1.00 32.56  ? 104 GLN A CA  1 
ATOM   707  C C   . GLN A 1 90  ? 9.364   10.016  3.607   1.00 32.01  ? 104 GLN A C   1 
ATOM   708  O O   . GLN A 1 90  ? 8.283   9.846   4.175   1.00 31.48  ? 104 GLN A O   1 
ATOM   709  C CB  . GLN A 1 90  ? 8.782   12.216  2.546   1.00 33.35  ? 104 GLN A CB  1 
ATOM   710  C CG  . GLN A 1 90  ? 9.166   13.677  2.287   1.00 35.05  ? 104 GLN A CG  1 
ATOM   711  C CD  . GLN A 1 90  ? 8.054   14.458  1.624   1.00 36.74  ? 104 GLN A CD  1 
ATOM   712  O OE1 . GLN A 1 90  ? 7.472   15.391  2.203   1.00 42.16  ? 104 GLN A OE1 1 
ATOM   713  N NE2 . GLN A 1 90  ? 7.725   14.072  0.431   1.00 29.39  ? 104 GLN A NE2 1 
ATOM   714  N N   . VAL A 1 91  ? 10.169  9.006   3.269   1.00 31.87  ? 105 VAL A N   1 
ATOM   715  C CA  . VAL A 1 91  ? 9.761   7.655   3.457   1.00 30.85  ? 105 VAL A CA  1 
ATOM   716  C C   . VAL A 1 91  ? 10.905  6.750   3.888   1.00 33.60  ? 105 VAL A C   1 
ATOM   717  O O   . VAL A 1 91  ? 12.022  6.855   3.379   1.00 31.91  ? 105 VAL A O   1 
ATOM   718  C CB  . VAL A 1 91  ? 9.061   7.150   2.185   1.00 34.00  ? 105 VAL A CB  1 
ATOM   719  C CG1 . VAL A 1 91  ? 9.920   7.356   0.943   1.00 33.72  ? 105 VAL A CG1 1 
ATOM   720  C CG2 . VAL A 1 91  ? 8.637   5.694   2.339   1.00 32.98  ? 105 VAL A CG2 1 
ATOM   721  N N   . GLU A 1 92  ? 10.623  5.881   4.857   1.00 32.80  ? 106 GLU A N   1 
ATOM   722  C CA  . GLU A 1 92  ? 11.572  4.829   5.254   1.00 33.81  ? 106 GLU A CA  1 
ATOM   723  C C   . GLU A 1 92  ? 10.976  3.431   4.933   1.00 31.57  ? 106 GLU A C   1 
ATOM   724  O O   . GLU A 1 92  ? 9.998   2.991   5.554   1.00 31.57  ? 106 GLU A O   1 
ATOM   725  C CB  . GLU A 1 92  ? 11.899  4.937   6.744   1.00 34.01  ? 106 GLU A CB  1 
ATOM   726  C CG  . GLU A 1 92  ? 13.066  4.029   7.207   1.00 40.07  ? 106 GLU A CG  1 
ATOM   727  C CD  . GLU A 1 92  ? 13.145  3.911   8.734   1.00 44.08  ? 106 GLU A CD  1 
ATOM   728  O OE1 . GLU A 1 92  ? 12.486  4.692   9.444   1.00 45.46  ? 106 GLU A OE1 1 
ATOM   729  O OE2 . GLU A 1 92  ? 13.844  3.006   9.228   1.00 51.82  ? 106 GLU A OE2 1 
ATOM   730  N N   . VAL A 1 93  ? 11.596  2.741   3.984   1.00 30.01  ? 107 VAL A N   1 
ATOM   731  C CA  . VAL A 1 93  ? 11.202  1.394   3.602   1.00 33.81  ? 107 VAL A CA  1 
ATOM   732  C C   . VAL A 1 93  ? 11.705  0.462   4.692   1.00 37.21  ? 107 VAL A C   1 
ATOM   733  O O   . VAL A 1 93  ? 12.873  0.471   5.014   1.00 35.09  ? 107 VAL A O   1 
ATOM   734  C CB  . VAL A 1 93  ? 11.761  1.001   2.224   1.00 35.80  ? 107 VAL A CB  1 
ATOM   735  C CG1 . VAL A 1 93  ? 11.495  -0.484  1.926   1.00 36.57  ? 107 VAL A CG1 1 
ATOM   736  C CG2 . VAL A 1 93  ? 11.142  1.907   1.149   1.00 35.94  ? 107 VAL A CG2 1 
ATOM   737  N N   . VAL A 1 94  ? 10.770  -0.253  5.315   1.00 35.89  ? 108 VAL A N   1 
ATOM   738  C CA  . VAL A 1 94  ? 11.049  -1.017  6.520   1.00 40.45  ? 108 VAL A CA  1 
ATOM   739  C C   . VAL A 1 94  ? 11.163  -2.498  6.193   1.00 37.53  ? 108 VAL A C   1 
ATOM   740  O O   . VAL A 1 94  ? 11.926  -3.191  6.846   1.00 41.71  ? 108 VAL A O   1 
ATOM   741  C CB  . VAL A 1 94  ? 9.956   -0.765  7.584   1.00 42.16  ? 108 VAL A CB  1 
ATOM   742  C CG1 . VAL A 1 94  ? 9.992   -1.807  8.670   1.00 54.59  ? 108 VAL A CG1 1 
ATOM   743  C CG2 . VAL A 1 94  ? 10.203  0.580   8.206   1.00 48.97  ? 108 VAL A CG2 1 
HETATM 744  N N   . CSO A 1 95  ? 10.379  -2.988  5.235   1.00 33.96  ? 109 CSO A N   1 
HETATM 745  C CA  . CSO A 1 95  ? 10.497  -4.376  4.810   1.00 33.32  ? 109 CSO A CA  1 
HETATM 746  C CB  . CSO A 1 95  ? 9.948   -5.277  5.892   1.00 38.86  ? 109 CSO A CB  1 
HETATM 747  S SG  . CSO A 1 95  ? 8.235   -5.057  6.030   1.00 42.05  ? 109 CSO A SG  1 
HETATM 748  C C   . CSO A 1 95  ? 9.802   -4.724  3.543   1.00 31.83  ? 109 CSO A C   1 
HETATM 749  O O   . CSO A 1 95  ? 9.028   -3.949  2.951   1.00 30.08  ? 109 CSO A O   1 
HETATM 750  O OD  . CSO A 1 95  ? 7.933   -6.751  5.869   1.00 42.68  ? 109 CSO A OD  1 
ATOM   751  N N   . CYS A 1 96  ? 10.089  -5.927  3.109   1.00 32.35  ? 110 CYS A N   1 
ATOM   752  C CA  . CYS A 1 96  ? 9.564   -6.465  1.902   1.00 35.98  ? 110 CYS A CA  1 
ATOM   753  C C   . CYS A 1 96  ? 8.688   -7.667  2.327   1.00 37.10  ? 110 CYS A C   1 
ATOM   754  O O   . CYS A 1 96  ? 9.196   -8.639  2.906   1.00 37.19  ? 110 CYS A O   1 
ATOM   755  C CB  . CYS A 1 96  ? 10.776  -6.863  1.080   1.00 43.57  ? 110 CYS A CB  1 
ATOM   756  S SG  . CYS A 1 96  ? 10.395  -7.781  -0.361  1.00 50.80  ? 110 CYS A SG  1 
ATOM   757  N N   . LEU A 1 97  ? 7.383   -7.566  2.090   1.00 36.09  ? 111 LEU A N   1 
ATOM   758  C CA  . LEU A 1 97  ? 6.464   -8.666  2.399   1.00 38.23  ? 111 LEU A CA  1 
ATOM   759  C C   . LEU A 1 97  ? 6.464   -9.704  1.288   1.00 42.07  ? 111 LEU A C   1 
ATOM   760  O O   . LEU A 1 97  ? 7.144   -9.554  0.265   1.00 34.70  ? 111 LEU A O   1 
ATOM   761  C CB  . LEU A 1 97  ? 5.032   -8.163  2.627   1.00 35.38  ? 111 LEU A CB  1 
ATOM   762  C CG  . LEU A 1 97  ? 4.856   -7.300  3.859   1.00 38.63  ? 111 LEU A CG  1 
ATOM   763  C CD1 . LEU A 1 97  ? 3.445   -6.745  3.859   1.00 40.83  ? 111 LEU A CD1 1 
ATOM   764  C CD2 . LEU A 1 97  ? 5.167   -8.048  5.130   1.00 36.21  ? 111 LEU A CD2 1 
ATOM   765  N N   . VAL A 1 98  ? 5.732   -10.782 1.550   1.00 41.72  ? 112 VAL A N   1 
ATOM   766  C CA  . VAL A 1 98  ? 5.532   -11.859 0.594   1.00 41.88  ? 112 VAL A CA  1 
ATOM   767  C C   . VAL A 1 98  ? 5.001   -11.397 -0.747  1.00 35.39  ? 112 VAL A C   1 
ATOM   768  O O   . VAL A 1 98  ? 3.959   -10.792 -0.820  1.00 31.83  ? 112 VAL A O   1 
ATOM   769  C CB  . VAL A 1 98  ? 4.559   -12.981 1.104   1.00 45.34  ? 112 VAL A CB  1 
ATOM   770  C CG1 . VAL A 1 98  ? 5.246   -13.810 2.181   1.00 50.66  ? 112 VAL A CG1 1 
ATOM   771  C CG2 . VAL A 1 98  ? 3.197   -12.438 1.552   1.00 45.60  ? 112 VAL A CG2 1 
ATOM   772  N N   . PRO A 1 99  ? 5.673   -11.795 -1.822  1.00 34.01  ? 113 PRO A N   1 
ATOM   773  C CA  . PRO A 1 99  ? 5.205   -11.412 -3.135  1.00 34.82  ? 113 PRO A CA  1 
ATOM   774  C C   . PRO A 1 99  ? 4.004   -12.215 -3.598  1.00 35.13  ? 113 PRO A C   1 
ATOM   775  O O   . PRO A 1 99  ? 3.740   -13.290 -3.086  1.00 35.50  ? 113 PRO A O   1 
ATOM   776  C CB  . PRO A 1 99  ? 6.432   -11.627 -4.022  1.00 37.72  ? 113 PRO A CB  1 
ATOM   777  C CG  . PRO A 1 99  ? 7.246   -12.632 -3.349  1.00 41.17  ? 113 PRO A CG  1 
ATOM   778  C CD  . PRO A 1 99  ? 6.983   -12.455 -1.860  1.00 38.39  ? 113 PRO A CD  1 
ATOM   779  N N   . CYS A 1 100 ? 3.270   -11.643 -4.521  1.00 31.68  ? 114 CYS A N   1 
ATOM   780  C CA  . CYS A 1 100 ? 2.022   -12.151 -5.069  1.00 36.14  ? 114 CYS A CA  1 
ATOM   781  C C   . CYS A 1 100 ? 2.348   -12.618 -6.522  1.00 36.02  ? 114 CYS A C   1 
ATOM   782  O O   . CYS A 1 100 ? 2.899   -11.858 -7.331  1.00 31.51  ? 114 CYS A O   1 
ATOM   783  C CB  . CYS A 1 100 ? 0.961   -10.978 -5.074  1.00 35.01  ? 114 CYS A CB  1 
ATOM   784  S SG  . CYS A 1 100 ? 0.878   -10.114 -3.430  1.00 61.12  ? 114 CYS A SG  1 
ATOM   785  N N   . LEU A 1 101 ? 1.988   -13.849 -6.855  1.00 36.36  ? 115 LEU A N   1 
ATOM   786  C CA  . LEU A 1 101 ? 2.135   -14.400 -8.215  1.00 36.18  ? 115 LEU A CA  1 
ATOM   787  C C   . LEU A 1 101 ? 0.875   -14.155 -9.002  1.00 36.09  ? 115 LEU A C   1 
ATOM   788  O O   . LEU A 1 101 ? -0.204  -14.405 -8.494  1.00 37.51  ? 115 LEU A O   1 
ATOM   789  C CB  . LEU A 1 101 ? 2.401   -15.912 -8.141  1.00 36.48  ? 115 LEU A CB  1 
ATOM   790  C CG  . LEU A 1 101 ? 3.666   -16.313 -7.392  1.00 38.36  ? 115 LEU A CG  1 
ATOM   791  C CD1 . LEU A 1 101 ? 3.741   -17.816 -7.155  1.00 42.55  ? 115 LEU A CD1 1 
ATOM   792  C CD2 . LEU A 1 101 ? 4.904   -15.874 -8.166  1.00 43.01  ? 115 LEU A CD2 1 
ATOM   793  N N   . ILE A 1 102 ? 0.986   -13.694 -10.237 1.00 33.12  ? 116 ILE A N   1 
ATOM   794  C CA  . ILE A 1 102 ? -0.215  -13.483 -11.051 1.00 42.15  ? 116 ILE A CA  1 
ATOM   795  C C   . ILE A 1 102 ? 0.028   -13.861 -12.513 1.00 39.62  ? 116 ILE A C   1 
ATOM   796  O O   . ILE A 1 102 ? 1.142   -13.693 -13.035 1.00 39.62  ? 116 ILE A O   1 
ATOM   797  C CB  . ILE A 1 102 ? -0.743  -12.023 -10.826 1.00 53.38  ? 116 ILE A CB  1 
ATOM   798  C CG1 . ILE A 1 102 ? -1.767  -11.582 -11.876 1.00 61.39  ? 116 ILE A CG1 1 
ATOM   799  C CG2 . ILE A 1 102 ? 0.400   -11.030 -10.772 1.00 54.95  ? 116 ILE A CG2 1 
ATOM   800  C CD1 . ILE A 1 102 ? -3.165  -12.090 -11.596 1.00 66.47  ? 116 ILE A CD1 1 
ATOM   801  N N   . ASP A 1 103 ? -0.996  -14.440 -13.160 1.00 41.54  ? 117 ASP A N   1 
ATOM   802  C CA  . ASP A 1 103 ? -0.961  -14.753 -14.612 1.00 47.48  ? 117 ASP A CA  1 
ATOM   803  C C   . ASP A 1 103 ? 0.140   -15.692 -15.060 1.00 42.64  ? 117 ASP A C   1 
ATOM   804  O O   . ASP A 1 103 ? 0.513   -15.647 -16.237 1.00 40.78  ? 117 ASP A O   1 
ATOM   805  C CB  . ASP A 1 103 ? -0.812  -13.471 -15.484 1.00 54.13  ? 117 ASP A CB  1 
ATOM   806  C CG  . ASP A 1 103 ? -1.979  -12.534 -15.368 1.00 66.37  ? 117 ASP A CG  1 
ATOM   807  O OD1 . ASP A 1 103 ? -3.094  -13.017 -15.083 1.00 74.21  ? 117 ASP A OD1 1 
ATOM   808  O OD2 . ASP A 1 103 ? -1.784  -11.303 -15.573 1.00 77.41  ? 117 ASP A OD2 1 
ATOM   809  N N   . THR A 1 104 ? 0.689   -16.493 -14.148 1.00 35.64  ? 118 THR A N   1 
ATOM   810  C CA  . THR A 1 104 ? 1.832   -17.384 -14.432 1.00 38.32  ? 118 THR A CA  1 
ATOM   811  C C   . THR A 1 104 ? 3.202   -16.752 -14.723 1.00 39.01  ? 118 THR A C   1 
ATOM   812  O O   . THR A 1 104 ? 4.229   -17.423 -14.522 1.00 38.10  ? 118 THR A O   1 
ATOM   813  C CB  . THR A 1 104 ? 1.511   -18.440 -15.544 1.00 43.97  ? 118 THR A CB  1 
ATOM   814  O OG1 . THR A 1 104 ? 1.474   -17.833 -16.858 1.00 39.92  ? 118 THR A OG1 1 
ATOM   815  C CG2 . THR A 1 104 ? 0.167   -19.102 -15.257 1.00 43.97  ? 118 THR A CG2 1 
ATOM   816  N N   . ASP A 1 105 ? 3.238   -15.482 -15.144 1.00 35.17  ? 119 ASP A N   1 
ATOM   817  C CA  . ASP A 1 105 ? 4.492   -14.827 -15.613 1.00 37.73  ? 119 ASP A CA  1 
ATOM   818  C C   . ASP A 1 105 ? 4.829   -13.464 -14.919 1.00 34.46  ? 119 ASP A C   1 
ATOM   819  O O   . ASP A 1 105 ? 5.795   -12.795 -15.320 1.00 33.76  ? 119 ASP A O   1 
ATOM   820  C CB  . ASP A 1 105 ? 4.421   -14.605 -17.157 1.00 38.30  ? 119 ASP A CB  1 
ATOM   821  C CG  . ASP A 1 105 ? 3.289   -13.640 -17.574 1.00 45.54  ? 119 ASP A CG  1 
ATOM   822  O OD1 . ASP A 1 105 ? 2.590   -13.029 -16.723 1.00 46.28  ? 119 ASP A OD1 1 
ATOM   823  O OD2 . ASP A 1 105 ? 3.024   -13.527 -18.779 1.00 51.42  ? 119 ASP A OD2 1 
ATOM   824  N N   . THR A 1 106 ? 4.094   -13.119 -13.863 1.00 33.38  ? 120 THR A N   1 
ATOM   825  C CA  . THR A 1 106 ? 4.189   -11.828 -13.197 1.00 34.91  ? 120 THR A CA  1 
ATOM   826  C C   . THR A 1 106 ? 4.292   -11.969 -11.677 1.00 34.25  ? 120 THR A C   1 
ATOM   827  O O   . THR A 1 106 ? 3.599   -12.801 -11.051 1.00 32.18  ? 120 THR A O   1 
ATOM   828  C CB  . THR A 1 106 ? 2.972   -10.946 -13.566 1.00 37.19  ? 120 THR A CB  1 
ATOM   829  O OG1 . THR A 1 106 ? 2.910   -10.831 -14.983 1.00 37.81  ? 120 THR A OG1 1 
ATOM   830  C CG2 . THR A 1 106 ? 3.072   -9.507  -12.906 1.00 36.42  ? 120 THR A CG2 1 
ATOM   831  N N   . LEU A 1 107 ? 5.205   -11.180 -11.113 1.00 31.05  ? 121 LEU A N   1 
ATOM   832  C CA  . LEU A 1 107 ? 5.529   -11.178 -9.699  1.00 32.46  ? 121 LEU A CA  1 
ATOM   833  C C   . LEU A 1 107 ? 5.459   -9.747  -9.139  1.00 33.06  ? 121 LEU A C   1 
ATOM   834  O O   . LEU A 1 107 ? 6.181   -8.824  -9.606  1.00 33.25  ? 121 LEU A O   1 
ATOM   835  C CB  . LEU A 1 107 ? 6.927   -11.762 -9.436  1.00 32.98  ? 121 LEU A CB  1 
ATOM   836  C CG  . LEU A 1 107 ? 7.235   -11.875 -7.918  1.00 36.60  ? 121 LEU A CG  1 
ATOM   837  C CD1 . LEU A 1 107 ? 6.758   -13.172 -7.343  1.00 42.54  ? 121 LEU A CD1 1 
ATOM   838  C CD2 . LEU A 1 107 ? 8.697   -11.721 -7.571  1.00 43.86  ? 121 LEU A CD2 1 
ATOM   839  N N   . ILE A 1 108 ? 4.630   -9.587  -8.115  1.00 31.80  ? 122 ILE A N   1 
ATOM   840  C CA  . ILE A 1 108 ? 4.371   -8.269  -7.503  1.00 31.54  ? 122 ILE A CA  1 
ATOM   841  C C   . ILE A 1 108 ? 4.957   -8.285  -6.116  1.00 32.54  ? 122 ILE A C   1 
ATOM   842  O O   . ILE A 1 108 ? 4.562   -9.108  -5.291  1.00 30.13  ? 122 ILE A O   1 
ATOM   843  C CB  . ILE A 1 108 ? 2.886   -8.000  -7.453  1.00 34.33  ? 122 ILE A CB  1 
ATOM   844  C CG1 . ILE A 1 108 ? 2.341   -7.924  -8.899  1.00 39.63  ? 122 ILE A CG1 1 
ATOM   845  C CG2 . ILE A 1 108 ? 2.586   -6.705  -6.687  1.00 35.77  ? 122 ILE A CG2 1 
ATOM   846  C CD1 . ILE A 1 108 ? 0.891   -8.263  -8.948  1.00 44.07  ? 122 ILE A CD1 1 
ATOM   847  N N   . THR A 1 109 ? 5.916   -7.396  -5.880  1.00 29.95  ? 123 THR A N   1 
ATOM   848  C CA  . THR A 1 109 ? 6.621   -7.292  -4.620  1.00 31.19  ? 123 THR A CA  1 
ATOM   849  C C   . THR A 1 109 ? 6.109   -6.059  -3.814  1.00 30.92  ? 123 THR A C   1 
ATOM   850  O O   . THR A 1 109 ? 6.224   -4.893  -4.304  1.00 26.55  ? 123 THR A O   1 
ATOM   851  C CB  . THR A 1 109 ? 8.142   -7.188  -4.872  1.00 32.22  ? 123 THR A CB  1 
ATOM   852  O OG1 . THR A 1 109 ? 8.540   -8.231  -5.762  1.00 35.10  ? 123 THR A OG1 1 
ATOM   853  C CG2 . THR A 1 109 ? 8.927   -7.330  -3.562  1.00 36.74  ? 123 THR A CG2 1 
ATOM   854  N N   . PRO A 1 110 ? 5.508   -6.310  -2.624  1.00 30.39  ? 124 PRO A N   1 
ATOM   855  C CA  . PRO A 1 110 ? 5.098   -5.243  -1.697  1.00 28.24  ? 124 PRO A CA  1 
ATOM   856  C C   . PRO A 1 110 ? 6.148   -4.810  -0.680  1.00 27.96  ? 124 PRO A C   1 
ATOM   857  O O   . PRO A 1 110 ? 6.767   -5.624  -0.004  1.00 29.45  ? 124 PRO A O   1 
ATOM   858  C CB  . PRO A 1 110 ? 3.857   -5.824  -1.009  1.00 29.67  ? 124 PRO A CB  1 
ATOM   859  C CG  . PRO A 1 110 ? 3.984   -7.309  -1.068  1.00 30.57  ? 124 PRO A CG  1 
ATOM   860  C CD  . PRO A 1 110 ? 4.902   -7.617  -2.241  1.00 32.42  ? 124 PRO A CD  1 
ATOM   861  N N   . PHE A 1 111 ? 6.373   -3.499  -0.599  1.00 26.13  ? 125 PHE A N   1 
ATOM   862  C CA  . PHE A 1 111 ? 7.216   -2.923  0.433   1.00 24.87  ? 125 PHE A CA  1 
ATOM   863  C C   . PHE A 1 111 ? 6.385   -2.078  1.377   1.00 27.01  ? 125 PHE A C   1 
ATOM   864  O O   . PHE A 1 111 ? 5.469   -1.392  0.935   1.00 27.86  ? 125 PHE A O   1 
ATOM   865  C CB  . PHE A 1 111 ? 8.289   -2.055  -0.201  1.00 27.58  ? 125 PHE A CB  1 
ATOM   866  C CG  . PHE A 1 111 ? 9.210   -2.821  -1.094  1.00 26.92  ? 125 PHE A CG  1 
ATOM   867  C CD1 . PHE A 1 111 ? 8.877   -3.018  -2.425  1.00 26.21  ? 125 PHE A CD1 1 
ATOM   868  C CD2 . PHE A 1 111 ? 10.402  -3.333  -0.600  1.00 27.15  ? 125 PHE A CD2 1 
ATOM   869  C CE1 . PHE A 1 111 ? 9.711   -3.747  -3.257  1.00 27.30  ? 125 PHE A CE1 1 
ATOM   870  C CE2 . PHE A 1 111 ? 11.237  -4.074  -1.424  1.00 27.94  ? 125 PHE A CE2 1 
ATOM   871  C CZ  . PHE A 1 111 ? 10.890  -4.295  -2.734  1.00 26.80  ? 125 PHE A CZ  1 
ATOM   872  N N   . VAL A 1 112 ? 6.666   -2.161  2.680   1.00 27.29  ? 126 VAL A N   1 
ATOM   873  C CA  . VAL A 1 112 ? 6.000   -1.297  3.674   1.00 28.52  ? 126 VAL A CA  1 
ATOM   874  C C   . VAL A 1 112 ? 6.892   -0.095  3.960   1.00 27.67  ? 126 VAL A C   1 
ATOM   875  O O   . VAL A 1 112 ? 8.084   -0.235  4.178   1.00 27.68  ? 126 VAL A O   1 
ATOM   876  C CB  . VAL A 1 112 ? 5.676   -2.004  4.994   1.00 30.38  ? 126 VAL A CB  1 
ATOM   877  C CG1 . VAL A 1 112 ? 4.922   -1.039  5.946   1.00 28.79  ? 126 VAL A CG1 1 
ATOM   878  C CG2 . VAL A 1 112 ? 4.838   -3.252  4.699   1.00 28.80  ? 126 VAL A CG2 1 
ATOM   879  N N   . GLY A 1 113 ? 6.307   1.093   3.887   1.00 27.46  ? 127 GLY A N   1 
ATOM   880  C CA  . GLY A 1 113 ? 7.066   2.350   4.083   1.00 30.05  ? 127 GLY A CA  1 
ATOM   881  C C   . GLY A 1 113 ? 6.430   3.197   5.183   1.00 29.93  ? 127 GLY A C   1 
ATOM   882  O O   . GLY A 1 113 ? 5.217   3.371   5.164   1.00 30.71  ? 127 GLY A O   1 
ATOM   883  N N   . LEU A 1 114 ? 7.247   3.693   6.123   1.00 31.34  ? 128 LEU A N   1 
ATOM   884  C CA  . LEU A 1 114 ? 6.826   4.694   7.124   1.00 32.20  ? 128 LEU A CA  1 
ATOM   885  C C   . LEU A 1 114 ? 6.986   6.122   6.569   1.00 28.98  ? 128 LEU A C   1 
ATOM   886  O O   . LEU A 1 114 ? 8.065   6.486   6.073   1.00 28.31  ? 128 LEU A O   1 
ATOM   887  C CB  . LEU A 1 114 ? 7.660   4.614   8.391   1.00 37.03  ? 128 LEU A CB  1 
ATOM   888  C CG  . LEU A 1 114 ? 7.880   3.252   9.006   1.00 44.89  ? 128 LEU A CG  1 
ATOM   889  C CD1 . LEU A 1 114 ? 8.746   3.480   10.240  1.00 49.91  ? 128 LEU A CD1 1 
ATOM   890  C CD2 . LEU A 1 114 ? 6.577   2.558   9.388   1.00 45.08  ? 128 LEU A CD2 1 
ATOM   891  N N   . ILE A 1 115 ? 5.915   6.893   6.656   1.00 29.30  ? 129 ILE A N   1 
ATOM   892  C CA  . ILE A 1 115 ? 5.774   8.188   5.985   1.00 30.13  ? 129 ILE A CA  1 
ATOM   893  C C   . ILE A 1 115 ? 5.952   9.318   7.009   1.00 32.04  ? 129 ILE A C   1 
ATOM   894  O O   . ILE A 1 115 ? 5.354   9.305   8.095   1.00 28.35  ? 129 ILE A O   1 
ATOM   895  C CB  . ILE A 1 115 ? 4.402   8.323   5.302   1.00 29.06  ? 129 ILE A CB  1 
ATOM   896  C CG1 . ILE A 1 115 ? 4.149   7.177   4.260   1.00 31.93  ? 129 ILE A CG1 1 
ATOM   897  C CG2 . ILE A 1 115 ? 4.241   9.703   4.658   1.00 31.76  ? 129 ILE A CG2 1 
ATOM   898  C CD1 . ILE A 1 115 ? 5.245   6.975   3.207   1.00 31.92  ? 129 ILE A CD1 1 
ATOM   899  N N   . ASP A 1 116 ? 6.771   10.286  6.633   1.00 34.09  ? 130 ASP A N   1 
ATOM   900  C CA  . ASP A 1 116 ? 7.087   11.460  7.446   1.00 32.18  ? 130 ASP A CA  1 
ATOM   901  C C   . ASP A 1 116 ? 5.806   12.226  7.786   1.00 31.20  ? 130 ASP A C   1 
ATOM   902  O O   . ASP A 1 116 ? 4.976   12.451  6.914   1.00 30.62  ? 130 ASP A O   1 
ATOM   903  C CB  . ASP A 1 116 ? 8.010   12.419  6.682   1.00 35.26  ? 130 ASP A CB  1 
ATOM   904  C CG  . ASP A 1 116 ? 8.456   13.602  7.562   1.00 40.54  ? 130 ASP A CG  1 
ATOM   905  O OD1 . ASP A 1 116 ? 9.247   13.338  8.488   1.00 41.29  ? 130 ASP A OD1 1 
ATOM   906  O OD2 . ASP A 1 116 ? 7.971   14.742  7.369   1.00 38.05  ? 130 ASP A OD2 1 
ATOM   907  N N   . HIS A 1 117 ? 5.660   12.629  9.042   1.00 32.15  ? 131 HIS A N   1 
ATOM   908  C CA  . HIS A 1 117 ? 4.493   13.423  9.488   1.00 34.07  ? 131 HIS A CA  1 
ATOM   909  C C   . HIS A 1 117 ? 4.251   14.740  8.762   1.00 33.87  ? 131 HIS A C   1 
ATOM   910  O O   . HIS A 1 117 ? 3.128   15.169  8.760   1.00 36.64  ? 131 HIS A O   1 
ATOM   911  C CB  . HIS A 1 117 ? 4.489   13.658  11.024  1.00 37.94  ? 131 HIS A CB  1 
ATOM   912  C CG  . HIS A 1 117 ? 5.451   14.713  11.497  1.00 41.34  ? 131 HIS A CG  1 
ATOM   913  N ND1 . HIS A 1 117 ? 6.824   14.615  11.343  1.00 42.34  ? 131 HIS A ND1 1 
ATOM   914  C CD2 . HIS A 1 117 ? 5.234   15.886  12.131  1.00 41.96  ? 131 HIS A CD2 1 
ATOM   915  C CE1 . HIS A 1 117 ? 7.403   15.686  11.847  1.00 38.20  ? 131 HIS A CE1 1 
ATOM   916  N NE2 . HIS A 1 117 ? 6.462   16.468  12.343  1.00 46.22  ? 131 HIS A NE2 1 
ATOM   917  N N   . ASN A 1 118 ? 5.235   15.363  8.094   1.00 37.14  ? 132 ASN A N   1 
ATOM   918  C CA  . ASN A 1 118 ? 4.963   16.602  7.330   1.00 36.46  ? 132 ASN A CA  1 
ATOM   919  C C   . ASN A 1 118 ? 4.659   16.362  5.826   1.00 42.39  ? 132 ASN A C   1 
ATOM   920  O O   . ASN A 1 118 ? 4.503   17.323  5.066   1.00 36.29  ? 132 ASN A O   1 
ATOM   921  C CB  . ASN A 1 118 ? 6.125   17.613  7.465   1.00 39.18  ? 132 ASN A CB  1 
ATOM   922  C CG  . ASN A 1 118 ? 6.307   18.134  8.920   1.00 39.53  ? 132 ASN A CG  1 
ATOM   923  O OD1 . ASN A 1 118 ? 7.421   18.127  9.477   1.00 37.91  ? 132 ASN A OD1 1 
ATOM   924  N ND2 . ASN A 1 118 ? 5.221   18.536  9.532   1.00 35.93  ? 132 ASN A ND2 1 
ATOM   925  N N   . PHE A 1 119 ? 4.562   15.104  5.386   1.00 37.58  ? 133 PHE A N   1 
ATOM   926  C CA  . PHE A 1 119 ? 4.132   14.816  3.984   1.00 35.87  ? 133 PHE A CA  1 
ATOM   927  C C   . PHE A 1 119 ? 2.701   15.203  3.791   1.00 33.52  ? 133 PHE A C   1 
ATOM   928  O O   . PHE A 1 119 ? 1.873   14.867  4.597   1.00 35.23  ? 133 PHE A O   1 
ATOM   929  C CB  . PHE A 1 119 ? 4.289   13.295  3.646   1.00 35.88  ? 133 PHE A CB  1 
ATOM   930  C CG  . PHE A 1 119 ? 3.667   12.887  2.340   1.00 34.61  ? 133 PHE A CG  1 
ATOM   931  C CD1 . PHE A 1 119 ? 4.247   13.241  1.128   1.00 38.17  ? 133 PHE A CD1 1 
ATOM   932  C CD2 . PHE A 1 119 ? 2.505   12.145  2.319   1.00 36.88  ? 133 PHE A CD2 1 
ATOM   933  C CE1 . PHE A 1 119 ? 3.669   12.852  -0.087  1.00 40.47  ? 133 PHE A CE1 1 
ATOM   934  C CE2 . PHE A 1 119 ? 1.932   11.748  1.111   1.00 37.27  ? 133 PHE A CE2 1 
ATOM   935  C CZ  . PHE A 1 119 ? 2.514   12.109  -0.090  1.00 34.69  ? 133 PHE A CZ  1 
ATOM   936  N N   . GLN A 1 120 ? 2.398   15.864  2.685   1.00 38.74  ? 134 GLN A N   1 
ATOM   937  C CA  . GLN A 1 120 ? 1.019   16.045  2.247   1.00 43.17  ? 134 GLN A CA  1 
ATOM   938  C C   . GLN A 1 120 ? 0.886   15.618  0.796   1.00 38.72  ? 134 GLN A C   1 
ATOM   939  O O   . GLN A 1 120 ? 1.555   16.161  -0.049  1.00 34.40  ? 134 GLN A O   1 
ATOM   940  C CB  . GLN A 1 120 ? 0.657   17.515  2.322   1.00 55.38  ? 134 GLN A CB  1 
ATOM   941  C CG  . GLN A 1 120 ? 0.646   18.040  3.738   1.00 66.39  ? 134 GLN A CG  1 
ATOM   942  C CD  . GLN A 1 120 ? -0.373  19.132  3.896   1.00 74.60  ? 134 GLN A CD  1 
ATOM   943  O OE1 . GLN A 1 120 ? -1.342  18.982  4.640   1.00 85.33  ? 134 GLN A OE1 1 
ATOM   944  N NE2 . GLN A 1 120 ? -0.182  20.233  3.157   1.00 92.73  ? 134 GLN A NE2 1 
ATOM   945  N N   . ALA A 1 121 ? 0.009   14.672  0.511   1.00 40.87  ? 135 ALA A N   1 
ATOM   946  C CA  . ALA A 1 121 ? -0.159  14.145  -0.853  1.00 41.01  ? 135 ALA A CA  1 
ATOM   947  C C   . ALA A 1 121 ? -0.568  15.221  -1.846  1.00 44.06  ? 135 ALA A C   1 
ATOM   948  O O   . ALA A 1 121 ? -1.461  16.026  -1.559  1.00 41.58  ? 135 ALA A O   1 
ATOM   949  C CB  . ALA A 1 121 ? -1.221  13.069  -0.852  1.00 44.60  ? 135 ALA A CB  1 
ATOM   950  N N   . GLN A 1 122 ? 0.077   15.203  -3.009  1.00 40.60  ? 136 GLN A N   1 
ATOM   951  C CA  . GLN A 1 122 ? -0.285  16.051  -4.156  1.00 42.56  ? 136 GLN A CA  1 
ATOM   952  C C   . GLN A 1 122 ? -0.683  15.148  -5.306  1.00 37.65  ? 136 GLN A C   1 
ATOM   953  O O   . GLN A 1 122 ? 0.190   14.720  -6.081  1.00 33.69  ? 136 GLN A O   1 
ATOM   954  C CB  . GLN A 1 122 ? 0.924   16.910  -4.536  1.00 46.09  ? 136 GLN A CB  1 
ATOM   955  C CG  . GLN A 1 122 ? 1.165   18.000  -3.500  1.00 56.80  ? 136 GLN A CG  1 
ATOM   956  C CD  . GLN A 1 122 ? 2.463   18.744  -3.733  1.00 67.49  ? 136 GLN A CD  1 
ATOM   957  O OE1 . GLN A 1 122 ? 3.548   18.170  -3.628  1.00 69.19  ? 136 GLN A OE1 1 
ATOM   958  N NE2 . GLN A 1 122 ? 2.357   20.030  -4.069  1.00 75.74  ? 136 GLN A NE2 1 
ATOM   959  N N   . PRO A 1 123 ? -1.978  14.785  -5.388  1.00 36.94  ? 137 PRO A N   1 
ATOM   960  C CA  . PRO A 1 123 ? -2.403  13.837  -6.419  1.00 37.01  ? 137 PRO A CA  1 
ATOM   961  C C   . PRO A 1 123 ? -2.030  14.321  -7.817  1.00 39.53  ? 137 PRO A C   1 
ATOM   962  O O   . PRO A 1 123 ? -2.297  15.479  -8.162  1.00 37.55  ? 137 PRO A O   1 
ATOM   963  C CB  . PRO A 1 123 ? -3.913  13.793  -6.244  1.00 38.98  ? 137 PRO A CB  1 
ATOM   964  C CG  . PRO A 1 123 ? -4.155  14.136  -4.819  1.00 37.57  ? 137 PRO A CG  1 
ATOM   965  C CD  . PRO A 1 123 ? -3.076  15.098  -4.450  1.00 38.72  ? 137 PRO A CD  1 
ATOM   966  N N   . ASN A 1 124 ? -1.369  13.470  -8.592  1.00 35.71  ? 138 ASN A N   1 
ATOM   967  C CA  . ASN A 1 124 ? -1.084  13.797  -9.973  1.00 35.22  ? 138 ASN A CA  1 
ATOM   968  C C   . ASN A 1 124 ? -2.276  13.328  -10.837 1.00 37.17  ? 138 ASN A C   1 
ATOM   969  O O   . ASN A 1 124 ? -2.443  12.127  -11.034 1.00 36.38  ? 138 ASN A O   1 
ATOM   970  C CB  . ASN A 1 124 ? 0.192   13.128  -10.395 1.00 34.37  ? 138 ASN A CB  1 
ATOM   971  C CG  . ASN A 1 124 ? 0.482   13.259  -11.875 1.00 39.33  ? 138 ASN A CG  1 
ATOM   972  O OD1 . ASN A 1 124 ? -0.341  13.759  -12.682 1.00 44.60  ? 138 ASN A OD1 1 
ATOM   973  N ND2 . ASN A 1 124 ? 1.645   12.757  -12.253 1.00 36.37  ? 138 ASN A ND2 1 
ATOM   974  N N   . PRO A 1 125 ? -3.077  14.268  -11.388 1.00 38.56  ? 139 PRO A N   1 
ATOM   975  C CA  . PRO A 1 125 ? -4.336  13.868  -12.070 1.00 41.65  ? 139 PRO A CA  1 
ATOM   976  C C   . PRO A 1 125 ? -4.199  13.021  -13.369 1.00 37.70  ? 139 PRO A C   1 
ATOM   977  O O   . PRO A 1 125 ? -5.174  12.400  -13.803 1.00 40.56  ? 139 PRO A O   1 
ATOM   978  C CB  . PRO A 1 125 ? -5.013  15.206  -12.369 1.00 40.07  ? 139 PRO A CB  1 
ATOM   979  C CG  . PRO A 1 125 ? -3.889  16.146  -12.549 1.00 39.79  ? 139 PRO A CG  1 
ATOM   980  C CD  . PRO A 1 125 ? -2.803  15.702  -11.583 1.00 40.55  ? 139 PRO A CD  1 
ATOM   981  N N   . ALA A 1 126 ? -3.024  12.996  -13.964 1.00 37.36  ? 140 ALA A N   1 
ATOM   982  C CA  . ALA A 1 126 ? -2.763  12.078  -15.087 1.00 43.42  ? 140 ALA A CA  1 
ATOM   983  C C   . ALA A 1 126 ? -2.699  10.617  -14.612 1.00 46.54  ? 140 ALA A C   1 
ATOM   984  O O   . ALA A 1 126 ? -2.926  9.706   -15.410 1.00 49.01  ? 140 ALA A O   1 
ATOM   985  C CB  . ALA A 1 126 ? -1.462  12.463  -15.805 1.00 40.66  ? 140 ALA A CB  1 
ATOM   986  N N   . GLU A 1 127 ? -2.393  10.385  -13.330 1.00 42.70  ? 141 GLU A N   1 
ATOM   987  C CA  . GLU A 1 127 ? -2.289  9.012   -12.803 1.00 43.82  ? 141 GLU A CA  1 
ATOM   988  C C   . GLU A 1 127 ? -3.307  8.590   -11.757 1.00 41.71  ? 141 GLU A C   1 
ATOM   989  O O   . GLU A 1 127 ? -3.776  7.449   -11.739 1.00 38.21  ? 141 GLU A O   1 
ATOM   990  C CB  . GLU A 1 127 ? -0.821  8.766   -12.426 1.00 52.13  ? 141 GLU A CB  1 
ATOM   991  C CG  . GLU A 1 127 ? -0.093  8.396   -13.736 1.00 59.59  ? 141 GLU A CG  1 
ATOM   992  C CD  . GLU A 1 127 ? 1.359   8.213   -13.613 1.00 64.47  ? 141 GLU A CD  1 
ATOM   993  O OE1 . GLU A 1 127 ? 2.065   8.732   -14.500 1.00 76.07  ? 141 GLU A OE1 1 
ATOM   994  O OE2 . GLU A 1 127 ? 1.789   7.524   -12.665 1.00 81.14  ? 141 GLU A OE2 1 
ATOM   995  N N   . VAL A 1 128 ? -3.794  9.551   -10.999 1.00 34.90  ? 142 VAL A N   1 
ATOM   996  C CA  . VAL A 1 128 ? -4.571  9.254   -9.845  1.00 36.56  ? 142 VAL A CA  1 
ATOM   997  C C   . VAL A 1 128 ? -5.711  10.274  -9.752  1.00 37.98  ? 142 VAL A C   1 
ATOM   998  O O   . VAL A 1 128 ? -5.492  11.490  -9.862  1.00 36.37  ? 142 VAL A O   1 
ATOM   999  C CB  . VAL A 1 128 ? -3.551  9.277   -8.682  1.00 39.29  ? 142 VAL A CB  1 
ATOM   1000 C CG1 . VAL A 1 128 ? -3.994  10.088  -7.511  1.00 41.51  ? 142 VAL A CG1 1 
ATOM   1001 C CG2 . VAL A 1 128 ? -3.072  7.865   -8.360  1.00 41.85  ? 142 VAL A CG2 1 
ATOM   1002 N N   . LYS A 1 129 ? -6.915  9.759   -9.563  1.00 38.70  ? 143 LYS A N   1 
ATOM   1003 C CA  . LYS A 1 129 ? -8.131  10.565  -9.388  1.00 41.79  ? 143 LYS A CA  1 
ATOM   1004 C C   . LYS A 1 129 ? -8.380  11.007  -7.931  1.00 40.99  ? 143 LYS A C   1 
ATOM   1005 O O   . LYS A 1 129 ? -9.101  11.975  -7.678  1.00 37.44  ? 143 LYS A O   1 
ATOM   1006 C CB  . LYS A 1 129 ? -9.322  9.733   -9.850  1.00 49.41  ? 143 LYS A CB  1 
ATOM   1007 C CG  . LYS A 1 129 ? -10.504 10.561  -10.268 1.00 61.50  ? 143 LYS A CG  1 
ATOM   1008 C CD  . LYS A 1 129 ? -11.606 9.667   -10.830 1.00 68.42  ? 143 LYS A CD  1 
ATOM   1009 C CE  . LYS A 1 129 ? -12.442 9.061   -9.723  1.00 67.98  ? 143 LYS A CE  1 
ATOM   1010 N NZ  . LYS A 1 129 ? -13.612 8.364   -10.304 1.00 74.73  ? 143 LYS A NZ  1 
ATOM   1011 N N   . ASP A 1 130 ? -7.842  10.269  -6.966  1.00 37.08  ? 144 ASP A N   1 
ATOM   1012 C CA  . ASP A 1 130 ? -8.075  10.560  -5.541  1.00 36.26  ? 144 ASP A CA  1 
ATOM   1013 C C   . ASP A 1 130 ? -7.007  9.821   -4.688  1.00 36.88  ? 144 ASP A C   1 
ATOM   1014 O O   . ASP A 1 130 ? -6.325  8.895   -5.191  1.00 35.93  ? 144 ASP A O   1 
ATOM   1015 C CB  . ASP A 1 130 ? -9.534  10.185  -5.166  1.00 33.71  ? 144 ASP A CB  1 
ATOM   1016 C CG  . ASP A 1 130 ? -9.993  10.776  -3.866  1.00 36.69  ? 144 ASP A CG  1 
ATOM   1017 O OD1 . ASP A 1 130 ? -9.255  11.617  -3.277  1.00 31.22  ? 144 ASP A OD1 1 
ATOM   1018 O OD2 . ASP A 1 130 ? -11.110 10.379  -3.417  1.00 35.44  ? 144 ASP A OD2 1 
ATOM   1019 N N   . VAL A 1 131 ? -6.792  10.321  -3.469  1.00 33.65  ? 145 VAL A N   1 
ATOM   1020 C CA  . VAL A 1 131 ? -5.867  9.750   -2.460  1.00 33.92  ? 145 VAL A CA  1 
ATOM   1021 C C   . VAL A 1 131 ? -6.596  9.868   -1.130  1.00 34.07  ? 145 VAL A C   1 
ATOM   1022 O O   . VAL A 1 131 ? -7.208  10.903  -0.857  1.00 38.54  ? 145 VAL A O   1 
ATOM   1023 C CB  . VAL A 1 131 ? -4.544  10.512  -2.399  1.00 33.12  ? 145 VAL A CB  1 
ATOM   1024 C CG1 . VAL A 1 131 ? -3.645  9.996   -1.301  1.00 37.12  ? 145 VAL A CG1 1 
ATOM   1025 C CG2 . VAL A 1 131 ? -3.827  10.418  -3.728  1.00 36.49  ? 145 VAL A CG2 1 
ATOM   1026 N N   . PHE A 1 132 ? -6.605  8.801   -0.343  1.00 31.43  ? 146 PHE A N   1 
ATOM   1027 C CA  . PHE A 1 132 ? -7.325  8.773   0.936   1.00 29.64  ? 146 PHE A CA  1 
ATOM   1028 C C   . PHE A 1 132 ? -6.644  7.827   1.940   1.00 31.71  ? 146 PHE A C   1 
ATOM   1029 O O   . PHE A 1 132 ? -5.901  6.897   1.544   1.00 27.75  ? 146 PHE A O   1 
ATOM   1030 C CB  . PHE A 1 132 ? -8.813  8.421   0.725   1.00 33.33  ? 146 PHE A CB  1 
ATOM   1031 C CG  . PHE A 1 132 ? -9.065  7.009   0.227   1.00 32.97  ? 146 PHE A CG  1 
ATOM   1032 C CD1 . PHE A 1 132 ? -8.844  6.674   -1.096  1.00 35.42  ? 146 PHE A CD1 1 
ATOM   1033 C CD2 . PHE A 1 132 ? -9.486  6.008   1.110   1.00 32.01  ? 146 PHE A CD2 1 
ATOM   1034 C CE1 . PHE A 1 132 ? -9.064  5.364   -1.551  1.00 35.55  ? 146 PHE A CE1 1 
ATOM   1035 C CE2 . PHE A 1 132 ? -9.666  4.702   0.683   1.00 34.96  ? 146 PHE A CE2 1 
ATOM   1036 C CZ  . PHE A 1 132 ? -9.474  4.375   -0.654  1.00 36.22  ? 146 PHE A CZ  1 
ATOM   1037 N N   . LEU A 1 133 ? -6.891  8.081   3.225   1.00 29.21  ? 147 LEU A N   1 
ATOM   1038 C CA  . LEU A 1 133 ? -6.339  7.302   4.326   1.00 30.40  ? 147 LEU A CA  1 
ATOM   1039 C C   . LEU A 1 133 ? -7.414  6.381   4.924   1.00 33.77  ? 147 LEU A C   1 
ATOM   1040 O O   . LEU A 1 133 ? -8.595  6.725   4.935   1.00 30.85  ? 147 LEU A O   1 
ATOM   1041 C CB  . LEU A 1 133 ? -5.822  8.203   5.441   1.00 32.14  ? 147 LEU A CB  1 
ATOM   1042 C CG  . LEU A 1 133 ? -4.682  9.181   5.108   1.00 34.31  ? 147 LEU A CG  1 
ATOM   1043 C CD1 . LEU A 1 133 ? -4.327  10.008  6.318   1.00 38.67  ? 147 LEU A CD1 1 
ATOM   1044 C CD2 . LEU A 1 133 ? -3.469  8.445   4.605   1.00 34.38  ? 147 LEU A CD2 1 
ATOM   1045 N N   . VAL A 1 134 ? -7.009  5.212   5.418   1.00 29.25  ? 148 VAL A N   1 
ATOM   1046 C CA  . VAL A 1 134 ? -7.925  4.355   6.170   1.00 30.39  ? 148 VAL A CA  1 
ATOM   1047 C C   . VAL A 1 134 ? -7.189  3.959   7.447   1.00 28.67  ? 148 VAL A C   1 
ATOM   1048 O O   . VAL A 1 134 ? -6.050  3.489   7.392   1.00 28.04  ? 148 VAL A O   1 
ATOM   1049 C CB  . VAL A 1 134 ? -8.424  3.117   5.374   1.00 28.22  ? 148 VAL A CB  1 
ATOM   1050 C CG1 . VAL A 1 134 ? -9.410  2.302   6.191   1.00 30.90  ? 148 VAL A CG1 1 
ATOM   1051 C CG2 . VAL A 1 134 ? -9.076  3.516   4.079   1.00 30.15  ? 148 VAL A CG2 1 
ATOM   1052 N N   . PRO A 1 135 ? -7.831  4.147   8.620   1.00 29.75  ? 149 PRO A N   1 
ATOM   1053 C CA  . PRO A 1 135 ? -7.224  3.616   9.846   1.00 29.17  ? 149 PRO A CA  1 
ATOM   1054 C C   . PRO A 1 135 ? -6.895  2.094   9.733   1.00 27.87  ? 149 PRO A C   1 
ATOM   1055 O O   . PRO A 1 135 ? -7.709  1.320   9.249   1.00 27.06  ? 149 PRO A O   1 
ATOM   1056 C CB  . PRO A 1 135 ? -8.316  3.862   10.935  1.00 33.02  ? 149 PRO A CB  1 
ATOM   1057 C CG  . PRO A 1 135 ? -9.307  4.818   10.317  1.00 34.75  ? 149 PRO A CG  1 
ATOM   1058 C CD  . PRO A 1 135 ? -9.207  4.653   8.828   1.00 31.67  ? 149 PRO A CD  1 
ATOM   1059 N N   . LEU A 1 136 ? -5.684  1.702   10.133  1.00 29.10  ? 150 LEU A N   1 
ATOM   1060 C CA  . LEU A 1 136 ? -5.235  0.339   10.052  1.00 30.42  ? 150 LEU A CA  1 
ATOM   1061 C C   . LEU A 1 136 ? -6.202  -0.638  10.772  1.00 34.94  ? 150 LEU A C   1 
ATOM   1062 O O   . LEU A 1 136 ? -6.523  -1.730  10.250  1.00 29.44  ? 150 LEU A O   1 
ATOM   1063 C CB  . LEU A 1 136 ? -3.784  0.233   10.570  1.00 31.40  ? 150 LEU A CB  1 
ATOM   1064 C CG  . LEU A 1 136 ? -3.044  -1.056  10.273  1.00 30.82  ? 150 LEU A CG  1 
ATOM   1065 C CD1 . LEU A 1 136 ? -2.929  -1.295  8.767   1.00 30.52  ? 150 LEU A CD1 1 
ATOM   1066 C CD2 . LEU A 1 136 ? -1.674  -1.012  10.935  1.00 30.55  ? 150 LEU A CD2 1 
ATOM   1067 N N   . ALA A 1 137 ? -6.705  -0.214  11.928  1.00 31.35  ? 151 ALA A N   1 
ATOM   1068 C CA  . ALA A 1 137 ? -7.654  -1.000  12.712  1.00 32.52  ? 151 ALA A CA  1 
ATOM   1069 C C   . ALA A 1 137 ? -8.924  -1.402  11.987  1.00 33.12  ? 151 ALA A C   1 
ATOM   1070 O O   . ALA A 1 137 ? -9.499  -2.447  12.305  1.00 33.06  ? 151 ALA A O   1 
ATOM   1071 C CB  . ALA A 1 137 ? -8.039  -0.267  14.009  1.00 35.78  ? 151 ALA A CB  1 
ATOM   1072 N N   . TYR A 1 138 ? -9.383  -0.583  11.047  1.00 31.91  ? 152 TYR A N   1 
ATOM   1073 C CA  . TYR A 1 138 ? -10.560 -0.895  10.234  1.00 29.84  ? 152 TYR A CA  1 
ATOM   1074 C C   . TYR A 1 138 ? -10.496 -2.327  9.623   1.00 33.36  ? 152 TYR A C   1 
ATOM   1075 O O   . TYR A 1 138 ? -11.528 -3.030  9.492   1.00 29.39  ? 152 TYR A O   1 
ATOM   1076 C CB  . TYR A 1 138 ? -10.708 0.153   9.098   1.00 30.69  ? 152 TYR A CB  1 
ATOM   1077 C CG  . TYR A 1 138 ? -11.753 -0.232  8.098   1.00 29.71  ? 152 TYR A CG  1 
ATOM   1078 C CD1 . TYR A 1 138 ? -13.115 0.048   8.308   1.00 33.59  ? 152 TYR A CD1 1 
ATOM   1079 C CD2 . TYR A 1 138 ? -11.397 -0.952  6.973   1.00 33.74  ? 152 TYR A CD2 1 
ATOM   1080 C CE1 . TYR A 1 138 ? -14.077 -0.365  7.395   1.00 33.21  ? 152 TYR A CE1 1 
ATOM   1081 C CE2 . TYR A 1 138 ? -12.347 -1.386  6.069   1.00 36.06  ? 152 TYR A CE2 1 
ATOM   1082 C CZ  . TYR A 1 138 ? -13.684 -1.114  6.275   1.00 35.74  ? 152 TYR A CZ  1 
ATOM   1083 O OH  . TYR A 1 138 ? -14.591 -1.594  5.310   1.00 37.00  ? 152 TYR A OH  1 
ATOM   1084 N N   . PHE A 1 139 ? -9.301  -2.702  9.181   1.00 29.81  ? 153 PHE A N   1 
ATOM   1085 C CA  . PHE A 1 139 ? -9.121  -3.970  8.432   1.00 32.77  ? 153 PHE A CA  1 
ATOM   1086 C C   . PHE A 1 139 ? -9.225  -5.232  9.347   1.00 37.59  ? 153 PHE A C   1 
ATOM   1087 O O   . PHE A 1 139 ? -9.293  -6.361  8.838   1.00 34.58  ? 153 PHE A O   1 
ATOM   1088 C CB  . PHE A 1 139 ? -7.836  -3.938  7.603   1.00 28.33  ? 153 PHE A CB  1 
ATOM   1089 C CG  . PHE A 1 139 ? -7.863  -2.880  6.544   1.00 30.04  ? 153 PHE A CG  1 
ATOM   1090 C CD1 . PHE A 1 139 ? -8.617  -3.072  5.396   1.00 28.61  ? 153 PHE A CD1 1 
ATOM   1091 C CD2 . PHE A 1 139 ? -7.237  -1.639  6.736   1.00 29.12  ? 153 PHE A CD2 1 
ATOM   1092 C CE1 . PHE A 1 139 ? -8.700  -2.086  4.433   1.00 26.65  ? 153 PHE A CE1 1 
ATOM   1093 C CE2 . PHE A 1 139 ? -7.313  -0.633  5.765   1.00 26.37  ? 153 PHE A CE2 1 
ATOM   1094 C CZ  . PHE A 1 139 ? -8.058  -0.851  4.630   1.00 27.79  ? 153 PHE A CZ  1 
ATOM   1095 N N   . LEU A 1 140 ? -9.275  -5.021  10.664  1.00 35.13  ? 154 LEU A N   1 
ATOM   1096 C CA  . LEU A 1 140 ? -9.670  -6.075  11.599  1.00 38.05  ? 154 LEU A CA  1 
ATOM   1097 C C   . LEU A 1 140 ? -11.189 -6.248  11.764  1.00 42.43  ? 154 LEU A C   1 
ATOM   1098 O O   . LEU A 1 140 ? -11.597 -7.283  12.204  1.00 38.94  ? 154 LEU A O   1 
ATOM   1099 C CB  . LEU A 1 140 ? -9.089  -5.805  12.973  1.00 37.23  ? 154 LEU A CB  1 
ATOM   1100 C CG  . LEU A 1 140 ? -7.584  -5.558  13.050  1.00 39.41  ? 154 LEU A CG  1 
ATOM   1101 C CD1 . LEU A 1 140 ? -7.232  -5.245  14.483  1.00 39.23  ? 154 LEU A CD1 1 
ATOM   1102 C CD2 . LEU A 1 140 ? -6.767  -6.713  12.497  1.00 37.50  ? 154 LEU A CD2 1 
ATOM   1103 N N   . HIS A 1 141 ? -12.002 -5.226  11.471  1.00 42.00  ? 155 HIS A N   1 
ATOM   1104 C CA  . HIS A 1 141 ? -13.468 -5.292  11.576  1.00 42.75  ? 155 HIS A CA  1 
ATOM   1105 C C   . HIS A 1 141 ? -14.088 -4.548  10.407  1.00 43.37  ? 155 HIS A C   1 
ATOM   1106 O O   . HIS A 1 141 ? -14.719 -3.508  10.576  1.00 41.38  ? 155 HIS A O   1 
ATOM   1107 C CB  . HIS A 1 141 ? -13.937 -4.686  12.902  1.00 45.78  ? 155 HIS A CB  1 
ATOM   1108 C CG  . HIS A 1 141 ? -13.499 -5.478  14.096  1.00 48.31  ? 155 HIS A CG  1 
ATOM   1109 N ND1 . HIS A 1 141 ? -13.973 -6.750  14.353  1.00 51.44  ? 155 HIS A ND1 1 
ATOM   1110 C CD2 . HIS A 1 141 ? -12.589 -5.213  15.063  1.00 47.95  ? 155 HIS A CD2 1 
ATOM   1111 C CE1 . HIS A 1 141 ? -13.394 -7.220  15.447  1.00 52.72  ? 155 HIS A CE1 1 
ATOM   1112 N NE2 . HIS A 1 141 ? -12.556 -6.305  15.906  1.00 47.19  ? 155 HIS A NE2 1 
ATOM   1113 N N   . PRO A 1 142 ? -13.873 -5.057  9.196   1.00 43.77  ? 156 PRO A N   1 
ATOM   1114 C CA  . PRO A 1 142 ? -14.309 -4.299  8.027   1.00 50.10  ? 156 PRO A CA  1 
ATOM   1115 C C   . PRO A 1 142 ? -15.799 -4.495  7.699   1.00 52.46  ? 156 PRO A C   1 
ATOM   1116 O O   . PRO A 1 142 ? -16.408 -5.485  8.129   1.00 49.81  ? 156 PRO A O   1 
ATOM   1117 C CB  . PRO A 1 142 ? -13.403 -4.870  6.915   1.00 49.05  ? 156 PRO A CB  1 
ATOM   1118 C CG  . PRO A 1 142 ? -13.189 -6.281  7.335   1.00 45.35  ? 156 PRO A CG  1 
ATOM   1119 C CD  . PRO A 1 142 ? -13.125 -6.274  8.822   1.00 42.61  ? 156 PRO A CD  1 
ATOM   1120 N N   . GLN A 1 143 ? -16.368 -3.560  6.941   1.00 52.18  ? 157 GLN A N   1 
ATOM   1121 C CA  . GLN A 1 143 ? -17.738 -3.685  6.435   1.00 56.13  ? 157 GLN A CA  1 
ATOM   1122 C C   . GLN A 1 143 ? -17.710 -4.431  5.084   1.00 58.56  ? 157 GLN A C   1 
ATOM   1123 O O   . GLN A 1 143 ? -17.315 -3.854  4.062   1.00 47.18  ? 157 GLN A O   1 
ATOM   1124 C CB  . GLN A 1 143 ? -18.379 -2.292  6.318   1.00 60.15  ? 157 GLN A CB  1 
ATOM   1125 C CG  . GLN A 1 143 ? -19.878 -2.301  6.064   1.00 72.85  ? 157 GLN A CG  1 
ATOM   1126 C CD  . GLN A 1 143 ? -20.435 -0.911  5.775   1.00 81.11  ? 157 GLN A CD  1 
ATOM   1127 O OE1 . GLN A 1 143 ? -20.336 -0.004  6.609   1.00 87.21  ? 157 GLN A OE1 1 
ATOM   1128 N NE2 . GLN A 1 143 ? -21.024 -0.736  4.586   1.00 82.32  ? 157 GLN A NE2 1 
ATOM   1129 N N   . VAL A 1 144 ? -18.123 -5.709  5.094   1.00 57.67  ? 158 VAL A N   1 
ATOM   1130 C CA  . VAL A 1 144 ? -17.937 -6.622  3.960   1.00 61.09  ? 158 VAL A CA  1 
ATOM   1131 C C   . VAL A 1 144 ? -19.203 -6.726  3.116   1.00 66.25  ? 158 VAL A C   1 
ATOM   1132 O O   . VAL A 1 144 ? -20.313 -6.766  3.655   1.00 62.62  ? 158 VAL A O   1 
ATOM   1133 C CB  . VAL A 1 144 ? -17.504 -8.050  4.412   1.00 66.06  ? 158 VAL A CB  1 
ATOM   1134 C CG1 . VAL A 1 144 ? -17.229 -8.946  3.206   1.00 65.80  ? 158 VAL A CG1 1 
ATOM   1135 C CG2 . VAL A 1 144 ? -16.272 -7.989  5.305   1.00 65.85  ? 158 VAL A CG2 1 
ATOM   1136 N N   . HIS A 1 145 ? -19.011 -6.769  1.796   1.00 67.16  ? 159 HIS A N   1 
ATOM   1137 C CA  . HIS A 1 145 ? -20.080 -6.917  0.808   1.00 77.14  ? 159 HIS A CA  1 
ATOM   1138 C C   . HIS A 1 145 ? -19.680 -8.020  -0.164  1.00 78.93  ? 159 HIS A C   1 
ATOM   1139 O O   . HIS A 1 145 ? -18.522 -8.100  -0.556  1.00 73.45  ? 159 HIS A O   1 
ATOM   1140 C CB  . HIS A 1 145 ? -20.290 -5.595  0.054   1.00 79.37  ? 159 HIS A CB  1 
ATOM   1141 C CG  . HIS A 1 145 ? -21.067 -4.593  0.837   1.00 91.95  ? 159 HIS A CG  1 
ATOM   1142 N ND1 . HIS A 1 145 ? -20.693 -4.193  2.103   1.00 98.14  ? 159 HIS A ND1 1 
ATOM   1143 C CD2 . HIS A 1 145 ? -22.217 -3.935  0.558   1.00 101.30 ? 159 HIS A CD2 1 
ATOM   1144 C CE1 . HIS A 1 145 ? -21.574 -3.325  2.566   1.00 99.74  ? 159 HIS A CE1 1 
ATOM   1145 N NE2 . HIS A 1 145 ? -22.507 -3.150  1.647   1.00 103.12 ? 159 HIS A NE2 1 
ATOM   1146 N N   . ASP A 1 146 ? -20.631 -8.872  -0.546  1.00 85.52  ? 160 ASP A N   1 
ATOM   1147 C CA  . ASP A 1 146 ? -20.374 -9.945  -1.519  1.00 87.00  ? 160 ASP A CA  1 
ATOM   1148 C C   . ASP A 1 146 ? -20.888 -9.562  -2.917  1.00 82.89  ? 160 ASP A C   1 
ATOM   1149 O O   . ASP A 1 146 ? -22.086 -9.381  -3.098  1.00 77.03  ? 160 ASP A O   1 
ATOM   1150 C CB  . ASP A 1 146 ? -21.010 -11.248 -1.031  1.00 91.77  ? 160 ASP A CB  1 
ATOM   1151 C CG  . ASP A 1 146 ? -20.304 -11.824 0.190   1.00 94.42  ? 160 ASP A CG  1 
ATOM   1152 O OD1 . ASP A 1 146 ? -20.036 -11.067 1.149   1.00 101.91 ? 160 ASP A OD1 1 
ATOM   1153 O OD2 . ASP A 1 146 ? -20.017 -13.039 0.189   1.00 94.20  ? 160 ASP A OD2 1 
ATOM   1154 N N   . GLN A 1 147 ? -19.979 -9.431  -3.890  1.00 84.82  ? 161 GLN A N   1 
ATOM   1155 C CA  . GLN A 1 147 ? -20.326 -9.025  -5.264  1.00 85.81  ? 161 GLN A CA  1 
ATOM   1156 C C   . GLN A 1 147 ? -20.879 -10.205 -6.055  1.00 88.95  ? 161 GLN A C   1 
ATOM   1157 O O   . GLN A 1 147 ? -20.194 -11.209 -6.232  1.00 90.56  ? 161 GLN A O   1 
ATOM   1158 C CB  . GLN A 1 147 ? -19.104 -8.447  -5.992  1.00 80.93  ? 161 GLN A CB  1 
ATOM   1159 N N   . ILE A 1 158 ? -20.593 -13.744 -5.504  1.00 139.04 ? 172 ILE A N   1 
ATOM   1160 C CA  . ILE A 1 158 ? -20.341 -13.939 -4.073  1.00 129.72 ? 172 ILE A CA  1 
ATOM   1161 C C   . ILE A 1 158 ? -18.803 -14.081 -3.863  1.00 122.12 ? 172 ILE A C   1 
ATOM   1162 O O   . ILE A 1 158 ? -18.194 -15.103 -4.212  1.00 112.78 ? 172 ILE A O   1 
ATOM   1163 C CB  . ILE A 1 158 ? -21.196 -15.116 -3.504  1.00 123.52 ? 172 ILE A CB  1 
ATOM   1164 C CG1 . ILE A 1 158 ? -22.656 -15.065 -4.033  1.00 116.54 ? 172 ILE A CG1 1 
ATOM   1165 C CG2 . ILE A 1 158 ? -21.199 -15.117 -1.981  1.00 120.93 ? 172 ILE A CG2 1 
ATOM   1166 C CD1 . ILE A 1 158 ? -23.352 -13.711 -3.979  1.00 109.47 ? 172 ILE A CD1 1 
ATOM   1167 N N   . ASN A 1 159 ? -18.208 -13.027 -3.280  1.00 114.95 ? 173 ASN A N   1 
ATOM   1168 C CA  . ASN A 1 159 ? -16.786 -12.634 -3.489  1.00 101.64 ? 173 ASN A CA  1 
ATOM   1169 C C   . ASN A 1 159 ? -16.526 -11.283 -2.741  1.00 87.55  ? 173 ASN A C   1 
ATOM   1170 O O   . ASN A 1 159 ? -17.171 -10.283 -3.041  1.00 73.05  ? 173 ASN A O   1 
ATOM   1171 C CB  . ASN A 1 159 ? -16.530 -12.554 -5.015  1.00 98.88  ? 173 ASN A CB  1 
ATOM   1172 C CG  . ASN A 1 159 ? -15.404 -11.614 -5.413  1.00 95.56  ? 173 ASN A CG  1 
ATOM   1173 O OD1 . ASN A 1 159 ? -14.357 -12.060 -5.873  1.00 95.21  ? 173 ASN A OD1 1 
ATOM   1174 N ND2 . ASN A 1 159 ? -15.638 -10.312 -5.307  1.00 91.05  ? 173 ASN A ND2 1 
ATOM   1175 N N   . HIS A 1 160 ? -15.576 -11.262 -1.800  1.00 80.25  ? 174 HIS A N   1 
ATOM   1176 C CA  . HIS A 1 160 ? -15.559 -10.257 -0.690  1.00 78.05  ? 174 HIS A CA  1 
ATOM   1177 C C   . HIS A 1 160 ? -14.932 -8.865  -0.981  1.00 69.88  ? 174 HIS A C   1 
ATOM   1178 O O   . HIS A 1 160 ? -13.765 -8.757  -1.355  1.00 71.97  ? 174 HIS A O   1 
ATOM   1179 C CB  . HIS A 1 160 ? -14.887 -10.844 0.566   1.00 77.40  ? 174 HIS A CB  1 
ATOM   1180 C CG  . HIS A 1 160 ? -15.425 -12.181 0.977   1.00 89.68  ? 174 HIS A CG  1 
ATOM   1181 N ND1 . HIS A 1 160 ? -16.774 -12.428 1.137   1.00 89.58  ? 174 HIS A ND1 1 
ATOM   1182 C CD2 . HIS A 1 160 ? -14.791 -13.346 1.261   1.00 90.18  ? 174 HIS A CD2 1 
ATOM   1183 C CE1 . HIS A 1 160 ? -16.946 -13.688 1.497   1.00 91.00  ? 174 HIS A CE1 1 
ATOM   1184 N NE2 . HIS A 1 160 ? -15.759 -14.265 1.580   1.00 94.23  ? 174 HIS A NE2 1 
ATOM   1185 N N   . ILE A 1 161 ? -15.724 -7.819  -0.738  1.00 58.40  ? 175 ILE A N   1 
ATOM   1186 C CA  . ILE A 1 161 ? -15.380 -6.420  -1.008  1.00 58.69  ? 175 ILE A CA  1 
ATOM   1187 C C   . ILE A 1 161 ? -15.559 -5.630  0.292   1.00 56.56  ? 175 ILE A C   1 
ATOM   1188 O O   . ILE A 1 161 ? -16.563 -5.819  0.985   1.00 54.44  ? 175 ILE A O   1 
ATOM   1189 C CB  . ILE A 1 161 ? -16.324 -5.858  -2.104  1.00 58.25  ? 175 ILE A CB  1 
ATOM   1190 C CG1 . ILE A 1 161 ? -15.941 -6.476  -3.457  1.00 64.43  ? 175 ILE A CG1 1 
ATOM   1191 C CG2 . ILE A 1 161 ? -16.287 -4.334  -2.173  1.00 56.64  ? 175 ILE A CG2 1 
ATOM   1192 C CD1 . ILE A 1 161 ? -16.922 -6.212  -4.579  1.00 64.36  ? 175 ILE A CD1 1 
ATOM   1193 N N   . PHE A 1 162 ? -14.600 -4.762  0.622   1.00 47.08  ? 176 PHE A N   1 
ATOM   1194 C CA  . PHE A 1 162 ? -14.691 -3.899  1.801   1.00 44.48  ? 176 PHE A CA  1 
ATOM   1195 C C   . PHE A 1 162 ? -15.208 -2.516  1.400   1.00 42.67  ? 176 PHE A C   1 
ATOM   1196 O O   . PHE A 1 162 ? -14.798 -1.986  0.376   1.00 43.69  ? 176 PHE A O   1 
ATOM   1197 C CB  . PHE A 1 162 ? -13.330 -3.699  2.468   1.00 44.21  ? 176 PHE A CB  1 
ATOM   1198 C CG  . PHE A 1 162 ? -12.691 -4.944  3.020   1.00 45.15  ? 176 PHE A CG  1 
ATOM   1199 C CD1 . PHE A 1 162 ? -13.426 -6.106  3.313   1.00 49.75  ? 176 PHE A CD1 1 
ATOM   1200 C CD2 . PHE A 1 162 ? -11.324 -4.944  3.285   1.00 44.14  ? 176 PHE A CD2 1 
ATOM   1201 C CE1 . PHE A 1 162 ? -12.786 -7.228  3.838   1.00 49.72  ? 176 PHE A CE1 1 
ATOM   1202 C CE2 . PHE A 1 162 ? -10.693 -6.056  3.817   1.00 42.86  ? 176 PHE A CE2 1 
ATOM   1203 C CZ  . PHE A 1 162 ? -11.417 -7.194  4.098   1.00 45.37  ? 176 PHE A CZ  1 
ATOM   1204 N N   . GLU A 1 163 ? -16.085 -1.942  2.215   1.00 43.22  ? 177 GLU A N   1 
ATOM   1205 C CA  . GLU A 1 163 ? -16.567 -0.551  2.046   1.00 45.64  ? 177 GLU A CA  1 
ATOM   1206 C C   . GLU A 1 163 ? -16.165 0.301   3.226   1.00 40.74  ? 177 GLU A C   1 
ATOM   1207 O O   . GLU A 1 163 ? -16.472 -0.031  4.382   1.00 38.66  ? 177 GLU A O   1 
ATOM   1208 C CB  . GLU A 1 163 ? -18.092 -0.511  1.908   1.00 48.83  ? 177 GLU A CB  1 
ATOM   1209 C CG  . GLU A 1 163 ? -18.568 -0.988  0.543   1.00 60.92  ? 177 GLU A CG  1 
ATOM   1210 C CD  . GLU A 1 163 ? -20.004 -0.612  0.184   1.00 70.06  ? 177 GLU A CD  1 
ATOM   1211 O OE1 . GLU A 1 163 ? -20.621 0.244   0.877   1.00 71.98  ? 177 GLU A OE1 1 
ATOM   1212 O OE2 . GLU A 1 163 ? -20.500 -1.184  -0.824  1.00 72.13  ? 177 GLU A OE2 1 
ATOM   1213 N N   . TYR A 1 164 ? -15.485 1.398   2.933   1.00 37.74  ? 178 TYR A N   1 
ATOM   1214 C CA  . TYR A 1 164 ? -15.024 2.323   3.961   1.00 37.36  ? 178 TYR A CA  1 
ATOM   1215 C C   . TYR A 1 164 ? -15.619 3.692   3.660   1.00 35.79  ? 178 TYR A C   1 
ATOM   1216 O O   . TYR A 1 164 ? -15.495 4.189   2.536   1.00 38.51  ? 178 TYR A O   1 
ATOM   1217 C CB  . TYR A 1 164 ? -13.477 2.398   4.010   1.00 32.90  ? 178 TYR A CB  1 
ATOM   1218 C CG  . TYR A 1 164 ? -13.005 3.466   4.966   1.00 35.44  ? 178 TYR A CG  1 
ATOM   1219 C CD1 . TYR A 1 164 ? -13.086 3.262   6.337   1.00 38.00  ? 178 TYR A CD1 1 
ATOM   1220 C CD2 . TYR A 1 164 ? -12.569 4.709   4.514   1.00 34.40  ? 178 TYR A CD2 1 
ATOM   1221 C CE1 . TYR A 1 164 ? -12.714 4.255   7.235   1.00 39.19  ? 178 TYR A CE1 1 
ATOM   1222 C CE2 . TYR A 1 164 ? -12.175 5.704   5.413   1.00 36.45  ? 178 TYR A CE2 1 
ATOM   1223 C CZ  . TYR A 1 164 ? -12.262 5.467   6.770   1.00 37.28  ? 178 TYR A CZ  1 
ATOM   1224 O OH  . TYR A 1 164 ? -11.921 6.421   7.709   1.00 38.88  ? 178 TYR A OH  1 
ATOM   1225 N N   . THR A 1 165 ? -16.226 4.293   4.664   1.00 36.06  ? 179 THR A N   1 
ATOM   1226 C CA  . THR A 1 165 ? -16.783 5.635   4.575   1.00 38.47  ? 179 THR A CA  1 
ATOM   1227 C C   . THR A 1 165 ? -15.929 6.591   5.400   1.00 37.73  ? 179 THR A C   1 
ATOM   1228 O O   . THR A 1 165 ? -15.703 6.386   6.573   1.00 38.18  ? 179 THR A O   1 
ATOM   1229 C CB  . THR A 1 165 ? -18.247 5.623   5.068   1.00 41.01  ? 179 THR A CB  1 
ATOM   1230 O OG1 . THR A 1 165 ? -18.992 4.763   4.213   1.00 42.39  ? 179 THR A OG1 1 
ATOM   1231 C CG2 . THR A 1 165 ? -18.879 7.030   5.024   1.00 41.17  ? 179 THR A CG2 1 
ATOM   1232 N N   . ASN A 1 166 ? -15.409 7.626   4.761   1.00 36.20  ? 180 ASN A N   1 
ATOM   1233 C CA  . ASN A 1 166 ? -14.599 8.621   5.452   1.00 36.77  ? 180 ASN A CA  1 
ATOM   1234 C C   . ASN A 1 166 ? -15.505 9.556   6.286   1.00 38.19  ? 180 ASN A C   1 
ATOM   1235 O O   . ASN A 1 166 ? -16.370 10.215  5.709   1.00 38.68  ? 180 ASN A O   1 
ATOM   1236 C CB  . ASN A 1 166 ? -13.823 9.369   4.370   1.00 37.68  ? 180 ASN A CB  1 
ATOM   1237 C CG  . ASN A 1 166 ? -12.925 10.433  4.919   1.00 39.81  ? 180 ASN A CG  1 
ATOM   1238 O OD1 . ASN A 1 166 ? -12.905 10.698  6.106   1.00 43.88  ? 180 ASN A OD1 1 
ATOM   1239 N ND2 . ASN A 1 166 ? -12.175 11.068  4.028   1.00 43.38  ? 180 ASN A ND2 1 
ATOM   1240 N N   . PRO A 1 167 ? -15.342 9.597   7.634   1.00 42.23  ? 181 PRO A N   1 
ATOM   1241 C CA  . PRO A 1 167 ? -16.177 10.495  8.487   1.00 41.46  ? 181 PRO A CA  1 
ATOM   1242 C C   . PRO A 1 167 ? -16.002 11.995  8.240   1.00 39.87  ? 181 PRO A C   1 
ATOM   1243 O O   . PRO A 1 167 ? -16.847 12.756  8.618   1.00 41.18  ? 181 PRO A O   1 
ATOM   1244 C CB  . PRO A 1 167 ? -15.765 10.149  9.949   1.00 42.36  ? 181 PRO A CB  1 
ATOM   1245 C CG  . PRO A 1 167 ? -14.719 9.104   9.863   1.00 42.77  ? 181 PRO A CG  1 
ATOM   1246 C CD  . PRO A 1 167 ? -14.340 8.844   8.425   1.00 40.92  ? 181 PRO A CD  1 
ATOM   1247 N N   . GLU A 1 168 ? -14.923 12.409  7.609   1.00 44.40  ? 182 GLU A N   1 
ATOM   1248 C CA  . GLU A 1 168 ? -14.747 13.803  7.222   1.00 47.12  ? 182 GLU A CA  1 
ATOM   1249 C C   . GLU A 1 168 ? -15.816 14.324  6.240   1.00 50.11  ? 182 GLU A C   1 
ATOM   1250 O O   . GLU A 1 168 ? -16.381 15.413  6.466   1.00 45.17  ? 182 GLU A O   1 
ATOM   1251 C CB  . GLU A 1 168 ? -13.369 14.005  6.594   1.00 51.75  ? 182 GLU A CB  1 
ATOM   1252 C CG  . GLU A 1 168 ? -12.216 13.816  7.577   1.00 59.51  ? 182 GLU A CG  1 
ATOM   1253 C CD  . GLU A 1 168 ? -12.155 14.875  8.661   1.00 66.55  ? 182 GLU A CD  1 
ATOM   1254 O OE1 . GLU A 1 168 ? -12.166 16.104  8.328   1.00 61.39  ? 182 GLU A OE1 1 
ATOM   1255 O OE2 . GLU A 1 168 ? -12.065 14.468  9.846   1.00 70.60  ? 182 GLU A OE2 1 
ATOM   1256 N N   . ASP A 1 169 ? -16.100 13.541  5.192   1.00 47.00  ? 183 ASP A N   1 
ATOM   1257 C CA  . ASP A 1 169 ? -16.994 13.937  4.105   1.00 44.58  ? 183 ASP A CA  1 
ATOM   1258 C C   . ASP A 1 169 ? -18.102 12.947  3.663   1.00 40.29  ? 183 ASP A C   1 
ATOM   1259 O O   . ASP A 1 169 ? -18.863 13.243  2.733   1.00 42.90  ? 183 ASP A O   1 
ATOM   1260 C CB  . ASP A 1 169 ? -16.152 14.312  2.896   1.00 41.80  ? 183 ASP A CB  1 
ATOM   1261 C CG  . ASP A 1 169 ? -15.286 13.143  2.396   1.00 49.57  ? 183 ASP A CG  1 
ATOM   1262 O OD1 . ASP A 1 169 ? -15.538 11.972  2.779   1.00 47.58  ? 183 ASP A OD1 1 
ATOM   1263 O OD2 . ASP A 1 169 ? -14.353 13.405  1.615   1.00 49.20  ? 183 ASP A OD2 1 
ATOM   1264 N N   . GLY A 1 170 ? -18.190 11.778  4.282   1.00 41.83  ? 184 GLY A N   1 
ATOM   1265 C CA  . GLY A 1 170 ? -19.186 10.733  3.892   1.00 39.00  ? 184 GLY A CA  1 
ATOM   1266 C C   . GLY A 1 170 ? -18.963 9.988   2.586   1.00 38.06  ? 184 GLY A C   1 
ATOM   1267 O O   . GLY A 1 170 ? -19.842 9.244   2.098   1.00 41.29  ? 184 GLY A O   1 
ATOM   1268 N N   . VAL A 1 171 ? -17.796 10.160  1.997   1.00 38.14  ? 185 VAL A N   1 
ATOM   1269 C CA  . VAL A 1 171 ? -17.487 9.449   0.765   1.00 40.62  ? 185 VAL A CA  1 
ATOM   1270 C C   . VAL A 1 171 ? -17.119 7.997   1.078   1.00 39.68  ? 185 VAL A C   1 
ATOM   1271 O O   . VAL A 1 171 ? -16.374 7.719   2.025   1.00 35.19  ? 185 VAL A O   1 
ATOM   1272 C CB  . VAL A 1 171 ? -16.333 10.121  0.012   1.00 42.95  ? 185 VAL A CB  1 
ATOM   1273 C CG1 . VAL A 1 171 ? -16.012 9.358   -1.273  1.00 43.40  ? 185 VAL A CG1 1 
ATOM   1274 C CG2 . VAL A 1 171 ? -16.710 11.577  -0.304  1.00 49.68  ? 185 VAL A CG2 1 
ATOM   1275 N N   . THR A 1 172 ? -17.658 7.106   0.268   1.00 37.90  ? 186 THR A N   1 
ATOM   1276 C CA  . THR A 1 172 ? -17.459 5.695   0.389   1.00 43.23  ? 186 THR A CA  1 
ATOM   1277 C C   . THR A 1 172 ? -16.529 5.188   -0.693  1.00 43.20  ? 186 THR A C   1 
ATOM   1278 O O   . THR A 1 172 ? -16.630 5.567   -1.847  1.00 44.55  ? 186 THR A O   1 
ATOM   1279 C CB  . THR A 1 172 ? -18.804 4.968   0.320   1.00 48.29  ? 186 THR A CB  1 
ATOM   1280 O OG1 . THR A 1 172 ? -19.567 5.362   1.455   1.00 46.16  ? 186 THR A OG1 1 
ATOM   1281 C CG2 . THR A 1 172 ? -18.628 3.446   0.382   1.00 52.80  ? 186 THR A CG2 1 
ATOM   1282 N N   . TYR A 1 173 ? -15.623 4.313   -0.286  1.00 39.13  ? 187 TYR A N   1 
ATOM   1283 C CA  . TYR A 1 173 ? -14.657 3.697   -1.162  1.00 38.63  ? 187 TYR A CA  1 
ATOM   1284 C C   . TYR A 1 173 ? -14.789 2.194   -1.041  1.00 41.04  ? 187 TYR A C   1 
ATOM   1285 O O   . TYR A 1 173 ? -15.071 1.659   0.053   1.00 39.63  ? 187 TYR A O   1 
ATOM   1286 C CB  . TYR A 1 173 ? -13.243 4.099   -0.740  1.00 37.28  ? 187 TYR A CB  1 
ATOM   1287 C CG  . TYR A 1 173 ? -12.947 5.578   -0.790  1.00 38.35  ? 187 TYR A CG  1 
ATOM   1288 C CD1 . TYR A 1 173 ? -12.511 6.163   -1.963  1.00 39.20  ? 187 TYR A CD1 1 
ATOM   1289 C CD2 . TYR A 1 173 ? -13.125 6.392   0.329   1.00 41.96  ? 187 TYR A CD2 1 
ATOM   1290 C CE1 . TYR A 1 173 ? -12.238 7.515   -2.024  1.00 40.30  ? 187 TYR A CE1 1 
ATOM   1291 C CE2 . TYR A 1 173 ? -12.854 7.759   0.291   1.00 43.42  ? 187 TYR A CE2 1 
ATOM   1292 C CZ  . TYR A 1 173 ? -12.410 8.315   -0.893  1.00 44.11  ? 187 TYR A CZ  1 
ATOM   1293 O OH  . TYR A 1 173 ? -12.115 9.654   -0.966  1.00 44.94  ? 187 TYR A OH  1 
ATOM   1294 N N   . GLN A 1 174 ? -14.566 1.521   -2.162  1.00 40.85  ? 188 GLN A N   1 
ATOM   1295 C CA  . GLN A 1 174 ? -14.594 0.071   -2.241  1.00 45.74  ? 188 GLN A CA  1 
ATOM   1296 C C   . GLN A 1 174 ? -13.170 -0.438  -2.367  1.00 42.04  ? 188 GLN A C   1 
ATOM   1297 O O   . GLN A 1 174 ? -12.415 0.047   -3.203  1.00 40.63  ? 188 GLN A O   1 
ATOM   1298 C CB  . GLN A 1 174 ? -15.421 -0.387  -3.439  1.00 50.05  ? 188 GLN A CB  1 
ATOM   1299 C CG  . GLN A 1 174 ? -16.919 -0.200  -3.248  1.00 56.34  ? 188 GLN A CG  1 
ATOM   1300 C CD  . GLN A 1 174 ? -17.745 -1.087  -4.177  1.00 65.35  ? 188 GLN A CD  1 
ATOM   1301 O OE1 . GLN A 1 174 ? -17.344 -1.406  -5.313  1.00 65.12  ? 188 GLN A OE1 1 
ATOM   1302 N NE2 . GLN A 1 174 ? -18.901 -1.509  -3.684  1.00 67.38  ? 188 GLN A NE2 1 
ATOM   1303 N N   . ILE A 1 175 ? -12.802 -1.395  -1.528  1.00 36.96  ? 189 ILE A N   1 
ATOM   1304 C CA  . ILE A 1 175 ? -11.439 -1.933  -1.522  1.00 36.69  ? 189 ILE A CA  1 
ATOM   1305 C C   . ILE A 1 175 ? -11.530 -3.453  -1.696  1.00 38.00  ? 189 ILE A C   1 
ATOM   1306 O O   . ILE A 1 175 ? -12.267 -4.127  -0.938  1.00 36.88  ? 189 ILE A O   1 
ATOM   1307 C CB  . ILE A 1 175 ? -10.714 -1.609  -0.209  1.00 33.00  ? 189 ILE A CB  1 
ATOM   1308 C CG1 . ILE A 1 175 ? -10.880 -0.116  0.148   1.00 37.06  ? 189 ILE A CG1 1 
ATOM   1309 C CG2 . ILE A 1 175 ? -9.213  -1.949  -0.284  1.00 31.76  ? 189 ILE A CG2 1 
ATOM   1310 C CD1 . ILE A 1 175 ? -10.090 0.312   1.379   1.00 33.73  ? 189 ILE A CD1 1 
ATOM   1311 N N   . LYS A 1 176 ? -10.795 -3.986  -2.670  1.00 36.84  ? 190 LYS A N   1 
ATOM   1312 C CA  . LYS A 1 176 ? -10.913 -5.426  -2.968  1.00 39.29  ? 190 LYS A CA  1 
ATOM   1313 C C   . LYS A 1 176 ? -9.638  -6.067  -3.485  1.00 35.04  ? 190 LYS A C   1 
ATOM   1314 O O   . LYS A 1 176 ? -8.609  -5.380  -3.695  1.00 32.13  ? 190 LYS A O   1 
ATOM   1315 C CB  . LYS A 1 176 ? -12.060 -5.647  -3.948  1.00 41.95  ? 190 LYS A CB  1 
ATOM   1316 C CG  . LYS A 1 176 ? -11.816 -5.114  -5.346  1.00 45.40  ? 190 LYS A CG  1 
ATOM   1317 C CD  . LYS A 1 176 ? -13.137 -4.780  -6.067  1.00 55.26  ? 190 LYS A CD  1 
ATOM   1318 C CE  . LYS A 1 176 ? -13.692 -3.433  -5.595  1.00 64.28  ? 190 LYS A CE  1 
ATOM   1319 N NZ  . LYS A 1 176 ? -14.855 -2.870  -6.356  1.00 68.90  ? 190 LYS A NZ  1 
ATOM   1320 N N   . GLY A 1 177 ? -9.664  -7.403  -3.628  1.00 34.13  ? 191 GLY A N   1 
ATOM   1321 C CA  . GLY A 1 177 ? -8.584  -8.116  -4.358  1.00 29.73  ? 191 GLY A CA  1 
ATOM   1322 C C   . GLY A 1 177 ? -7.276  -8.107  -3.593  1.00 30.66  ? 191 GLY A C   1 
ATOM   1323 O O   . GLY A 1 177 ? -7.279  -8.156  -2.359  1.00 30.06  ? 191 GLY A O   1 
ATOM   1324 N N   . MET A 1 178 ? -6.162  -8.036  -4.320  1.00 30.44  ? 192 MET A N   1 
ATOM   1325 C CA  . MET A 1 178 ? -4.816  -8.023  -3.730  1.00 32.07  ? 192 MET A CA  1 
ATOM   1326 C C   . MET A 1 178 ? -4.640  -6.864  -2.721  1.00 31.05  ? 192 MET A C   1 
ATOM   1327 O O   . MET A 1 178 ? -3.983  -7.008  -1.667  1.00 28.51  ? 192 MET A O   1 
ATOM   1328 C CB  . MET A 1 178 ? -3.767  -7.903  -4.851  1.00 32.23  ? 192 MET A CB  1 
ATOM   1329 C CG  . MET A 1 178 ? -2.301  -8.027  -4.413  1.00 35.40  ? 192 MET A CG  1 
ATOM   1330 S SD  . MET A 1 178 ? -1.060  -7.451  -5.648  1.00 40.44  ? 192 MET A SD  1 
ATOM   1331 C CE  . MET A 1 178 ? -1.172  -5.643  -5.419  1.00 43.29  ? 192 MET A CE  1 
ATOM   1332 N N   . THR A 1 179 ? -5.194  -5.716  -3.093  1.00 29.98  ? 193 THR A N   1 
ATOM   1333 C CA  . THR A 1 179 ? -5.160  -4.497  -2.266  1.00 29.83  ? 193 THR A CA  1 
ATOM   1334 C C   . THR A 1 179 ? -5.781  -4.737  -0.899  1.00 28.64  ? 193 THR A C   1 
ATOM   1335 O O   . THR A 1 179 ? -5.154  -4.484  0.137   1.00 27.60  ? 193 THR A O   1 
ATOM   1336 C CB  . THR A 1 179 ? -5.803  -3.301  -2.993  1.00 28.36  ? 193 THR A CB  1 
ATOM   1337 O OG1 . THR A 1 179 ? -5.121  -3.076  -4.253  1.00 30.54  ? 193 THR A OG1 1 
ATOM   1338 C CG2 . THR A 1 179 ? -5.653  -1.994  -2.101  1.00 31.03  ? 193 THR A CG2 1 
ATOM   1339 N N   . ALA A 1 180 ? -6.991  -5.284  -0.879  1.00 27.48  ? 194 ALA A N   1 
ATOM   1340 C CA  . ALA A 1 180 ? -7.625  -5.644  0.391   1.00 25.67  ? 194 ALA A CA  1 
ATOM   1341 C C   . ALA A 1 180 ? -6.880  -6.742  1.162   1.00 27.51  ? 194 ALA A C   1 
ATOM   1342 O O   . ALA A 1 180 ? -6.751  -6.634  2.407   1.00 28.12  ? 194 ALA A O   1 
ATOM   1343 C CB  . ALA A 1 180 ? -9.088  -6.018  0.170   1.00 27.80  ? 194 ALA A CB  1 
ATOM   1344 N N   . ASN A 1 181 ? -6.355  -7.761  0.449   1.00 26.76  ? 195 ASN A N   1 
ATOM   1345 C CA  . ASN A 1 181 ? -5.544  -8.849  1.061   1.00 28.37  ? 195 ASN A CA  1 
ATOM   1346 C C   . ASN A 1 181 ? -4.309  -8.325  1.787   1.00 24.94  ? 195 ASN A C   1 
ATOM   1347 O O   . ASN A 1 181 ? -4.047  -8.705  2.914   1.00 25.12  ? 195 ASN A O   1 
ATOM   1348 C CB  . ASN A 1 181 ? -5.101  -9.926  0.052   1.00 29.93  ? 195 ASN A CB  1 
ATOM   1349 C CG  . ASN A 1 181 ? -6.276  -10.652 -0.612  1.00 38.57  ? 195 ASN A CG  1 
ATOM   1350 O OD1 . ASN A 1 181 ? -7.380  -10.692 -0.101  1.00 40.36  ? 195 ASN A OD1 1 
ATOM   1351 N ND2 . ASN A 1 181 ? -6.023  -11.198 -1.794  1.00 44.20  ? 195 ASN A ND2 1 
ATOM   1352 N N   . LEU A 1 182 ? -3.565  -7.428  1.145   1.00 25.44  ? 196 LEU A N   1 
ATOM   1353 C CA  . LEU A 1 182 ? -2.353  -6.840  1.748   1.00 25.20  ? 196 LEU A CA  1 
ATOM   1354 C C   . LEU A 1 182 ? -2.643  -5.944  2.944   1.00 24.64  ? 196 LEU A C   1 
ATOM   1355 O O   . LEU A 1 182 ? -1.858  -5.885  3.903   1.00 27.49  ? 196 LEU A O   1 
ATOM   1356 C CB  . LEU A 1 182 ? -1.496  -6.113  0.690   1.00 25.63  ? 196 LEU A CB  1 
ATOM   1357 C CG  . LEU A 1 182 ? -0.863  -7.038  -0.364  1.00 29.00  ? 196 LEU A CG  1 
ATOM   1358 C CD1 . LEU A 1 182 ? -0.254  -6.245  -1.516  1.00 31.32  ? 196 LEU A CD1 1 
ATOM   1359 C CD2 . LEU A 1 182 ? 0.192   -7.975  0.230   1.00 30.05  ? 196 LEU A CD2 1 
ATOM   1360 N N   . ALA A 1 183 ? -3.750  -5.217  2.864   1.00 28.13  ? 197 ALA A N   1 
ATOM   1361 C CA  . ALA A 1 183 ? -4.172  -4.338  3.960   1.00 29.07  ? 197 ALA A CA  1 
ATOM   1362 C C   . ALA A 1 183 ? -4.450  -5.111  5.242   1.00 27.98  ? 197 ALA A C   1 
ATOM   1363 O O   . ALA A 1 183 ? -4.014  -4.687  6.320   1.00 26.43  ? 197 ALA A O   1 
ATOM   1364 C CB  . ALA A 1 183 ? -5.389  -3.512  3.534   1.00 29.60  ? 197 ALA A CB  1 
ATOM   1365 N N   . VAL A 1 184 ? -5.141  -6.261  5.105   1.00 27.41  ? 198 VAL A N   1 
ATOM   1366 C CA  . VAL A 1 184 ? -5.447  -7.156  6.214   1.00 27.17  ? 198 VAL A CA  1 
ATOM   1367 C C   . VAL A 1 184 ? -4.180  -7.753  6.791   1.00 25.82  ? 198 VAL A C   1 
ATOM   1368 O O   . VAL A 1 184 ? -3.992  -7.756  7.996   1.00 26.16  ? 198 VAL A O   1 
ATOM   1369 C CB  . VAL A 1 184 ? -6.465  -8.283  5.795   1.00 29.40  ? 198 VAL A CB  1 
ATOM   1370 C CG1 . VAL A 1 184 ? -6.611  -9.363  6.886   1.00 31.59  ? 198 VAL A CG1 1 
ATOM   1371 C CG2 . VAL A 1 184 ? -7.818  -7.666  5.505   1.00 31.42  ? 198 VAL A CG2 1 
ATOM   1372 N N   . LEU A 1 185 ? -3.296  -8.250  5.931   1.00 24.81  ? 199 LEU A N   1 
ATOM   1373 C CA  . LEU A 1 185 ? -2.023  -8.727  6.364   1.00 24.45  ? 199 LEU A CA  1 
ATOM   1374 C C   . LEU A 1 185 ? -1.213  -7.736  7.227   1.00 25.92  ? 199 LEU A C   1 
ATOM   1375 O O   . LEU A 1 185 ? -0.689  -8.106  8.271   1.00 25.63  ? 199 LEU A O   1 
ATOM   1376 C CB  . LEU A 1 185 ? -1.187  -9.164  5.142   1.00 26.35  ? 199 LEU A CB  1 
ATOM   1377 C CG  . LEU A 1 185 ? 0.245   -9.641  5.359   1.00 29.34  ? 199 LEU A CG  1 
ATOM   1378 C CD1 . LEU A 1 185 ? 0.378   -10.852 6.291   1.00 32.13  ? 199 LEU A CD1 1 
ATOM   1379 C CD2 . LEU A 1 185 ? 0.947   -9.937  4.044   1.00 30.85  ? 199 LEU A CD2 1 
ATOM   1380 N N   . VAL A 1 186 ? -1.030  -6.505  6.742   1.00 25.52  ? 200 VAL A N   1 
ATOM   1381 C CA  . VAL A 1 186 ? -0.300  -5.469  7.505   1.00 27.25  ? 200 VAL A CA  1 
ATOM   1382 C C   . VAL A 1 186 ? -1.022  -5.202  8.849   1.00 26.28  ? 200 VAL A C   1 
ATOM   1383 O O   . VAL A 1 186 ? -0.373  -5.106  9.855   1.00 26.58  ? 200 VAL A O   1 
ATOM   1384 C CB  . VAL A 1 186 ? -0.144  -4.172  6.678   1.00 28.59  ? 200 VAL A CB  1 
ATOM   1385 C CG1 . VAL A 1 186 ? 0.394   -3.024  7.525   1.00 34.63  ? 200 VAL A CG1 1 
ATOM   1386 C CG2 . VAL A 1 186 ? 0.820   -4.437  5.558   1.00 30.10  ? 200 VAL A CG2 1 
ATOM   1387 N N   . ALA A 1 187 ? -2.352  -5.109  8.832   1.00 26.62  ? 201 ALA A N   1 
ATOM   1388 C CA  . ALA A 1 187 ? -3.134  -4.893  10.081  1.00 28.21  ? 201 ALA A CA  1 
ATOM   1389 C C   . ALA A 1 187 ? -2.875  -6.009  11.116  1.00 28.80  ? 201 ALA A C   1 
ATOM   1390 O O   . ALA A 1 187 ? -2.577  -5.728  12.317  1.00 28.25  ? 201 ALA A O   1 
ATOM   1391 C CB  . ALA A 1 187 ? -4.615  -4.766  9.746   1.00 28.64  ? 201 ALA A CB  1 
ATOM   1392 N N   . PHE A 1 188 ? -2.918  -7.283  10.666  1.00 29.08  ? 202 PHE A N   1 
ATOM   1393 C CA  . PHE A 1 188 ? -2.576  -8.404  11.579  1.00 28.53  ? 202 PHE A CA  1 
ATOM   1394 C C   . PHE A 1 188 ? -1.161  -8.335  12.141  1.00 29.53  ? 202 PHE A C   1 
ATOM   1395 O O   . PHE A 1 188 ? -0.933  -8.604  13.324  1.00 26.28  ? 202 PHE A O   1 
ATOM   1396 C CB  . PHE A 1 188 ? -2.717  -9.794  10.931  1.00 27.96  ? 202 PHE A CB  1 
ATOM   1397 C CG  . PHE A 1 188 ? -4.129  -10.232 10.574  1.00 30.45  ? 202 PHE A CG  1 
ATOM   1398 C CD1 . PHE A 1 188 ? -5.276  -9.678  11.153  1.00 32.56  ? 202 PHE A CD1 1 
ATOM   1399 C CD2 . PHE A 1 188 ? -4.291  -11.319 9.694   1.00 34.02  ? 202 PHE A CD2 1 
ATOM   1400 C CE1 . PHE A 1 188 ? -6.550  -10.171 10.853  1.00 35.19  ? 202 PHE A CE1 1 
ATOM   1401 C CE2 . PHE A 1 188 ? -5.562  -11.810 9.379   1.00 33.52  ? 202 PHE A CE2 1 
ATOM   1402 C CZ  . PHE A 1 188 ? -6.704  -11.230 9.967   1.00 34.30  ? 202 PHE A CZ  1 
ATOM   1403 N N   . ILE A 1 189 ? -0.183  -8.082  11.271  1.00 28.37  ? 203 ILE A N   1 
ATOM   1404 C CA  . ILE A 1 189 ? 1.215   -8.007  11.697  1.00 26.31  ? 203 ILE A CA  1 
ATOM   1405 C C   . ILE A 1 189 ? 1.388   -6.996  12.819  1.00 26.37  ? 203 ILE A C   1 
ATOM   1406 O O   . ILE A 1 189 ? 2.075   -7.273  13.811  1.00 29.35  ? 203 ILE A O   1 
ATOM   1407 C CB  . ILE A 1 189 ? 2.142   -7.666  10.496  1.00 25.32  ? 203 ILE A CB  1 
ATOM   1408 C CG1 . ILE A 1 189 ? 2.261   -8.882  9.557   1.00 29.09  ? 203 ILE A CG1 1 
ATOM   1409 C CG2 . ILE A 1 189 ? 3.537   -7.296  10.957  1.00 25.81  ? 203 ILE A CG2 1 
ATOM   1410 C CD1 . ILE A 1 189 ? 2.932   -8.594  8.216   1.00 28.72  ? 203 ILE A CD1 1 
ATOM   1411 N N   . ILE A 1 190 ? 0.795   -5.813  12.641  1.00 26.87  ? 204 ILE A N   1 
ATOM   1412 C CA  . ILE A 1 190 ? 1.094   -4.663  13.493  1.00 28.13  ? 204 ILE A CA  1 
ATOM   1413 C C   . ILE A 1 190 ? 0.233   -4.664  14.765  1.00 26.50  ? 204 ILE A C   1 
ATOM   1414 O O   . ILE A 1 190 ? 0.709   -4.326  15.828  1.00 28.66  ? 204 ILE A O   1 
ATOM   1415 C CB  . ILE A 1 190 ? 0.968   -3.327  12.693  1.00 29.54  ? 204 ILE A CB  1 
ATOM   1416 C CG1 . ILE A 1 190 ? 2.159   -3.223  11.694  1.00 29.24  ? 204 ILE A CG1 1 
ATOM   1417 C CG2 . ILE A 1 190 ? 0.978   -2.107  13.630  1.00 30.28  ? 204 ILE A CG2 1 
ATOM   1418 C CD1 . ILE A 1 190 ? 1.993   -2.118  10.681  1.00 31.39  ? 204 ILE A CD1 1 
ATOM   1419 N N   . LEU A 1 191 ? -1.020  -5.026  14.638  1.00 26.91  ? 205 LEU A N   1 
ATOM   1420 C CA  . LEU A 1 191 ? -1.996  -4.859  15.738  1.00 29.83  ? 205 LEU A CA  1 
ATOM   1421 C C   . LEU A 1 191 ? -2.376  -6.142  16.504  1.00 33.70  ? 205 LEU A C   1 
ATOM   1422 O O   . LEU A 1 191 ? -3.045  -6.053  17.524  1.00 36.12  ? 205 LEU A O   1 
ATOM   1423 C CB  . LEU A 1 191 ? -3.260  -4.248  15.156  1.00 28.96  ? 205 LEU A CB  1 
ATOM   1424 C CG  . LEU A 1 191 ? -3.082  -2.872  14.470  1.00 31.36  ? 205 LEU A CG  1 
ATOM   1425 C CD1 . LEU A 1 191 ? -4.421  -2.417  13.914  1.00 30.82  ? 205 LEU A CD1 1 
ATOM   1426 C CD2 . LEU A 1 191 ? -2.602  -1.816  15.456  1.00 33.47  ? 205 LEU A CD2 1 
ATOM   1427 N N   . GLU A 1 192 ? -2.032  -7.331  16.002  1.00 36.06  ? 206 GLU A N   1 
ATOM   1428 C CA  . GLU A 1 192 ? -2.397  -8.555  16.742  1.00 40.87  ? 206 GLU A CA  1 
ATOM   1429 C C   . GLU A 1 192 ? -1.770  -8.580  18.121  1.00 40.10  ? 206 GLU A C   1 
ATOM   1430 O O   . GLU A 1 192 ? -0.608  -8.184  18.314  1.00 35.70  ? 206 GLU A O   1 
ATOM   1431 C CB  . GLU A 1 192 ? -2.031  -9.851  16.018  1.00 42.87  ? 206 GLU A CB  1 
ATOM   1432 C CG  . GLU A 1 192 ? -0.568  -10.256 16.101  1.00 46.63  ? 206 GLU A CG  1 
ATOM   1433 C CD  . GLU A 1 192 ? -0.284  -11.597 15.412  1.00 55.17  ? 206 GLU A CD  1 
ATOM   1434 O OE1 . GLU A 1 192 ? -1.201  -12.455 15.376  1.00 54.07  ? 206 GLU A OE1 1 
ATOM   1435 O OE2 . GLU A 1 192 ? 0.862   -11.780 14.924  1.00 58.59  ? 206 GLU A OE2 1 
ATOM   1436 N N   . LYS A 1 193 ? -2.553  -9.055  19.084  1.00 41.96  ? 207 LYS A N   1 
ATOM   1437 C CA  . LYS A 1 193 ? -2.069  -9.257  20.454  1.00 47.78  ? 207 LYS A CA  1 
ATOM   1438 C C   . LYS A 1 193 ? -1.350  -8.075  21.051  1.00 46.34  ? 207 LYS A C   1 
ATOM   1439 O O   . LYS A 1 193 ? -0.161  -8.144  21.270  1.00 50.98  ? 207 LYS A O   1 
ATOM   1440 C CB  . LYS A 1 193 ? -1.176  -10.479 20.550  1.00 53.67  ? 207 LYS A CB  1 
ATOM   1441 C CG  . LYS A 1 193 ? -1.907  -11.766 20.260  1.00 59.80  ? 207 LYS A CG  1 
ATOM   1442 C CD  . LYS A 1 193 ? -0.914  -12.911 20.275  1.00 72.80  ? 207 LYS A CD  1 
ATOM   1443 C CE  . LYS A 1 193 ? -1.359  -14.059 19.381  1.00 77.54  ? 207 LYS A CE  1 
ATOM   1444 N NZ  . LYS A 1 193 ? -0.147  -14.745 18.852  1.00 84.43  ? 207 LYS A NZ  1 
ATOM   1445 N N   . LYS A 1 194 ? -2.079  -7.001  21.318  1.00 50.46  ? 208 LYS A N   1 
ATOM   1446 C CA  . LYS A 1 194 ? -1.512  -5.804  21.965  1.00 62.78  ? 208 LYS A CA  1 
ATOM   1447 C C   . LYS A 1 194 ? -2.357  -5.443  23.181  1.00 59.26  ? 208 LYS A C   1 
ATOM   1448 O O   . LYS A 1 194 ? -3.592  -5.453  23.084  1.00 54.92  ? 208 LYS A O   1 
ATOM   1449 C CB  . LYS A 1 194 ? -1.432  -4.588  21.003  1.00 67.73  ? 208 LYS A CB  1 
ATOM   1450 C CG  . LYS A 1 194 ? -0.158  -4.539  20.155  1.00 76.67  ? 208 LYS A CG  1 
ATOM   1451 C CD  . LYS A 1 194 ? 0.397   -3.131  19.951  1.00 79.81  ? 208 LYS A CD  1 
ATOM   1452 C CE  . LYS A 1 194 ? -0.521  -2.252  19.119  1.00 80.76  ? 208 LYS A CE  1 
ATOM   1453 N NZ  . LYS A 1 194 ? 0.221   -1.044  18.650  1.00 83.46  ? 208 LYS A NZ  1 
ATOM   1454 N N   . PRO A 1 195 ? -1.696  -5.107  24.319  1.00 70.47  ? 209 PRO A N   1 
ATOM   1455 C CA  . PRO A 1 195 ? -2.408  -4.457  25.453  1.00 74.14  ? 209 PRO A CA  1 
ATOM   1456 C C   . PRO A 1 195 ? -3.080  -3.130  25.014  1.00 75.57  ? 209 PRO A C   1 
ATOM   1457 O O   . PRO A 1 195 ? -2.547  -2.467  24.115  1.00 80.88  ? 209 PRO A O   1 
ATOM   1458 C CB  . PRO A 1 195 ? -1.287  -4.195  26.478  1.00 74.58  ? 209 PRO A CB  1 
ATOM   1459 C CG  . PRO A 1 195 ? -0.117  -5.039  26.051  1.00 74.17  ? 209 PRO A CG  1 
ATOM   1460 C CD  . PRO A 1 195 ? -0.240  -5.241  24.575  1.00 70.38  ? 209 PRO A CD  1 
ATOM   1461 N N   . THR A 1 196 ? -4.211  -2.747  25.624  1.00 75.71  ? 210 THR A N   1 
ATOM   1462 C CA  . THR A 1 196 ? -5.001  -1.580  25.157  1.00 76.85  ? 210 THR A CA  1 
ATOM   1463 C C   . THR A 1 196 ? -4.553  -0.224  25.745  1.00 79.74  ? 210 THR A C   1 
ATOM   1464 O O   . THR A 1 196 ? -3.746  -0.162  26.678  1.00 77.34  ? 210 THR A O   1 
ATOM   1465 C CB  . THR A 1 196 ? -6.519  -1.780  25.407  1.00 78.63  ? 210 THR A CB  1 
ATOM   1466 O OG1 . THR A 1 196 ? -6.754  -2.132  26.774  1.00 74.50  ? 210 THR A OG1 1 
ATOM   1467 C CG2 . THR A 1 196 ? -7.080  -2.886  24.509  1.00 82.68  ? 210 THR A CG2 1 
HETATM 1468 C C   . ACT B 2 .   ? -13.874 3.152   -5.465  1.00 69.17  ? 301 ACT A C   1 
HETATM 1469 O O   . ACT B 2 .   ? -13.226 4.228   -5.368  1.00 72.40  ? 301 ACT A O   1 
HETATM 1470 O OXT . ACT B 2 .   ? -14.746 2.901   -4.596  1.00 52.20  ? 301 ACT A OXT 1 
HETATM 1471 C CH3 . ACT B 2 .   ? -13.590 2.178   -6.610  1.00 64.86  ? 301 ACT A CH3 1 
HETATM 1472 C C   . ACT C 2 .   ? 14.465  7.872   5.331   1.00 80.49  ? 302 ACT A C   1 
HETATM 1473 O O   . ACT C 2 .   ? 14.364  8.220   4.132   1.00 75.70  ? 302 ACT A O   1 
HETATM 1474 O OXT . ACT C 2 .   ? 13.829  8.469   6.237   1.00 79.23  ? 302 ACT A OXT 1 
HETATM 1475 C CH3 . ACT C 2 .   ? 15.372  6.718   5.686   1.00 77.43  ? 302 ACT A CH3 1 
HETATM 1476 S S   . DMS D 3 .   ? 5.057   17.092  -0.235  1.00 85.12  ? 303 DMS A S   1 
HETATM 1477 O O   . DMS D 3 .   ? 4.777   16.879  1.240   1.00 43.41  ? 303 DMS A O   1 
HETATM 1478 C C1  . DMS D 3 .   ? 6.489   16.361  -0.840  1.00 61.51  ? 303 DMS A C1  1 
HETATM 1479 C C2  . DMS D 3 .   ? 3.982   16.297  -1.341  1.00 72.32  ? 303 DMS A C2  1 
HETATM 1480 S S   . DMS E 3 .   ? 9.096   11.712  11.431  1.00 98.81  ? 304 DMS A S   1 
HETATM 1481 O O   . DMS E 3 .   ? 7.625   11.622  11.074  1.00 54.53  ? 304 DMS A O   1 
HETATM 1482 C C1  . DMS E 3 .   ? 9.408   12.680  12.808  1.00 82.60  ? 304 DMS A C1  1 
HETATM 1483 C C2  . DMS E 3 .   ? 9.700   10.235  12.064  1.00 90.02  ? 304 DMS A C2  1 
HETATM 1484 N N1  . H3Y F 4 .   ? -3.362  -4.608  -10.846 0.54 39.01  ? 305 H3Y A N1  1 
HETATM 1485 C C4  . H3Y F 4 .   ? -1.658  -7.590  -12.703 0.54 40.91  ? 305 H3Y A C4  1 
HETATM 1486 C C5  . H3Y F 4 .   ? -1.240  -7.826  -14.016 0.54 42.04  ? 305 H3Y A C5  1 
HETATM 1487 C C6  . H3Y F 4 .   ? -0.313  -6.961  -14.615 0.54 43.82  ? 305 H3Y A C6  1 
HETATM 1488 C C7  . H3Y F 4 .   ? 0.179   -5.881  -13.894 0.54 41.05  ? 305 H3Y A C7  1 
HETATM 1489 C C8  . H3Y F 4 .   ? -0.244  -5.644  -12.587 0.54 40.51  ? 305 H3Y A C8  1 
HETATM 1490 C C10 . H3Y F 4 .   ? -3.801  -6.183  -9.051  0.54 38.65  ? 305 H3Y A C10 1 
HETATM 1491 C C13 . H3Y F 4 .   ? -3.778  -2.570  -9.391  0.54 37.12  ? 305 H3Y A C13 1 
HETATM 1492 O O   . H3Y F 4 .   ? -1.185  -3.292  -8.306  0.54 41.87  ? 305 H3Y A O   1 
HETATM 1493 C C   . H3Y F 4 .   ? -1.502  -3.865  -9.569  0.54 40.73  ? 305 H3Y A C   1 
HETATM 1494 C C14 . H3Y F 4 .   ? -3.045  -3.918  -9.568  0.54 39.04  ? 305 H3Y A C14 1 
HETATM 1495 C C11 . H3Y F 4 .   ? -3.532  -4.827  -8.402  0.54 37.11  ? 305 H3Y A C11 1 
HETATM 1496 N N   . H3Y F 4 .   ? -4.615  -2.656  -8.145  0.54 34.31  ? 305 H3Y A N   1 
HETATM 1497 C C12 . H3Y F 4 .   ? -4.734  -4.081  -7.837  0.54 37.39  ? 305 H3Y A C12 1 
HETATM 1498 C C9  . H3Y F 4 .   ? -3.206  -6.039  -10.506 0.54 39.59  ? 305 H3Y A C9  1 
HETATM 1499 C C2  . H3Y F 4 .   ? -1.677  -6.346  -10.533 0.54 40.30  ? 305 H3Y A C2  1 
HETATM 1500 C C1  . H3Y F 4 .   ? -0.909  -5.328  -9.658  0.54 41.67  ? 305 H3Y A C1  1 
HETATM 1501 C C3  . H3Y F 4 .   ? -1.170  -6.500  -11.964 0.54 39.85  ? 305 H3Y A C3  1 
HETATM 1502 O O   . HOH G 5 .   ? 2.586   4.854   -10.922 1.00 48.16  ? 401 HOH A O   1 
HETATM 1503 O O   . HOH G 5 .   ? 15.393  -14.711 -6.041  1.00 39.37  ? 402 HOH A O   1 
HETATM 1504 O O   . HOH G 5 .   ? -11.978 -9.202  -2.792  1.00 48.70  ? 403 HOH A O   1 
HETATM 1505 O O   . HOH G 5 .   ? -3.285  -13.093 16.305  1.00 58.58  ? 404 HOH A O   1 
HETATM 1506 O O   . HOH G 5 .   ? 2.243   15.302  -7.144  1.00 46.87  ? 405 HOH A O   1 
HETATM 1507 O O   . HOH G 5 .   ? -12.765 9.340   -4.946  1.00 66.72  ? 406 HOH A O   1 
HETATM 1508 O O   . HOH G 5 .   ? 8.951   -7.689  -18.208 1.00 60.07  ? 407 HOH A O   1 
HETATM 1509 O O   . HOH G 5 .   ? 11.385  14.104  9.521   1.00 49.84  ? 408 HOH A O   1 
HETATM 1510 O O   . HOH G 5 .   ? 4.741   -18.296 -11.424 1.00 29.80  ? 409 HOH A O   1 
HETATM 1511 O O   . HOH G 5 .   ? 9.537   -5.042  -9.014  1.00 41.52  ? 410 HOH A O   1 
HETATM 1512 O O   . HOH G 5 .   ? -7.461  11.892  -12.775 1.00 50.46  ? 411 HOH A O   1 
HETATM 1513 O O   . HOH G 5 .   ? 8.596   6.651   17.494  1.00 64.89  ? 412 HOH A O   1 
HETATM 1514 O O   . HOH G 5 .   ? -4.937  -3.928  21.525  1.00 49.15  ? 413 HOH A O   1 
HETATM 1515 O O   . HOH G 5 .   ? -6.432  11.451  -15.982 1.00 60.75  ? 414 HOH A O   1 
HETATM 1516 O O   . HOH G 5 .   ? 1.337   2.231   -12.107 1.00 47.00  ? 415 HOH A O   1 
HETATM 1517 O O   . HOH G 5 .   ? -13.223 -12.398 -1.721  1.00 62.22  ? 416 HOH A O   1 
HETATM 1518 O O   . HOH G 5 .   ? -21.916 8.976   3.668   1.00 63.82  ? 417 HOH A O   1 
HETATM 1519 O O   . HOH G 5 .   ? 2.357   0.367   16.562  1.00 44.96  ? 418 HOH A O   1 
HETATM 1520 O O   . HOH G 5 .   ? 12.059  -7.088  14.901  1.00 51.33  ? 419 HOH A O   1 
HETATM 1521 O O   . HOH G 5 .   ? 3.535   9.638   9.963   1.00 42.56  ? 420 HOH A O   1 
HETATM 1522 O O   . HOH G 5 .   ? 6.966   16.240  -4.413  1.00 48.23  ? 421 HOH A O   1 
HETATM 1523 O O   . HOH G 5 .   ? 3.980   20.002  7.720   1.00 68.32  ? 422 HOH A O   1 
HETATM 1524 O O   . HOH G 5 .   ? 13.964  -2.532  8.764   1.00 68.21  ? 423 HOH A O   1 
HETATM 1525 O O   . HOH G 5 .   ? -14.263 -1.169  11.738  1.00 52.96  ? 424 HOH A O   1 
HETATM 1526 O O   . HOH G 5 .   ? -12.552 11.162  1.183   1.00 55.48  ? 425 HOH A O   1 
HETATM 1527 O O   . HOH G 5 .   ? 7.322   1.970   -14.788 1.00 54.10  ? 426 HOH A O   1 
HETATM 1528 O O   . HOH G 5 .   ? 9.167   -4.228  -16.225 1.00 63.02  ? 427 HOH A O   1 
HETATM 1529 O O   . HOH G 5 .   ? 12.772  -10.607 -14.798 1.00 51.62  ? 428 HOH A O   1 
HETATM 1530 O O   . HOH G 5 .   ? -6.550  -4.770  -5.738  1.00 47.44  ? 429 HOH A O   1 
HETATM 1531 O O   . HOH G 5 .   ? 14.532  4.338   -9.640  1.00 33.87  ? 430 HOH A O   1 
HETATM 1532 O O   . HOH G 5 .   ? 15.904  -2.172  -13.238 1.00 33.63  ? 431 HOH A O   1 
HETATM 1533 O O   . HOH G 5 .   ? 9.664   16.367  8.668   1.00 38.99  ? 432 HOH A O   1 
HETATM 1534 O O   . HOH G 5 .   ? -9.424  -2.385  -4.799  1.00 32.52  ? 433 HOH A O   1 
HETATM 1535 O O   . HOH G 5 .   ? -0.287  15.701  -14.539 1.00 64.82  ? 434 HOH A O   1 
HETATM 1536 O O   . HOH G 5 .   ? 8.404   15.922  4.992   1.00 39.86  ? 435 HOH A O   1 
HETATM 1537 O O   . HOH G 5 .   ? -15.713 -7.748  12.558  1.00 64.40  ? 436 HOH A O   1 
HETATM 1538 O O   . HOH G 5 .   ? -21.125 7.873   0.152   1.00 69.55  ? 437 HOH A O   1 
HETATM 1539 O O   . HOH G 5 .   ? 14.902  6.064   -11.508 1.00 46.97  ? 438 HOH A O   1 
HETATM 1540 O O   . HOH G 5 .   ? 11.889  -0.724  15.974  1.00 56.35  ? 439 HOH A O   1 
HETATM 1541 O O   . HOH G 5 .   ? -1.637  13.788  2.484   1.00 60.56  ? 440 HOH A O   1 
HETATM 1542 O O   . HOH G 5 .   ? 0.280   5.290   -12.321 1.00 63.39  ? 441 HOH A O   1 
HETATM 1543 O O   . HOH G 5 .   ? 12.115  6.260   -15.315 1.00 42.77  ? 442 HOH A O   1 
HETATM 1544 O O   . HOH G 5 .   ? -2.557  -2.379  -4.935  1.00 31.38  ? 443 HOH A O   1 
HETATM 1545 O O   . HOH G 5 .   ? -12.731 5.820   10.267  1.00 49.60  ? 444 HOH A O   1 
HETATM 1546 O O   . HOH G 5 .   ? 8.561   -7.872  -8.491  1.00 32.29  ? 445 HOH A O   1 
HETATM 1547 O O   . HOH G 5 .   ? 2.956   -9.773  14.560  1.00 39.64  ? 446 HOH A O   1 
HETATM 1548 O O   . HOH G 5 .   ? 9.421   -0.427  -17.599 1.00 61.58  ? 447 HOH A O   1 
HETATM 1549 O O   . HOH G 5 .   ? -4.025  17.373  -7.132  1.00 43.70  ? 448 HOH A O   1 
HETATM 1550 O O   . HOH G 5 .   ? -10.591 8.485   4.190   1.00 47.91  ? 449 HOH A O   1 
HETATM 1551 O O   . HOH G 5 .   ? -21.155 12.592  1.329   1.00 46.02  ? 450 HOH A O   1 
HETATM 1552 O O   . HOH G 5 .   ? 13.459  5.184   -6.985  1.00 33.11  ? 451 HOH A O   1 
HETATM 1553 O O   . HOH G 5 .   ? 13.769  11.526  -6.405  1.00 63.71  ? 452 HOH A O   1 
HETATM 1554 O O   . HOH G 5 .   ? 9.021   8.081   -3.104  1.00 41.59  ? 453 HOH A O   1 
HETATM 1555 O O   . HOH G 5 .   ? -3.038  -15.501 -11.597 1.00 55.84  ? 454 HOH A O   1 
HETATM 1556 O O   . HOH G 5 .   ? -19.321 -6.804  7.359   1.00 60.68  ? 455 HOH A O   1 
HETATM 1557 O O   . HOH G 5 .   ? 15.871  -19.692 2.933   1.00 59.38  ? 456 HOH A O   1 
HETATM 1558 O O   . HOH G 5 .   ? 2.643   -2.549  16.795  1.00 43.63  ? 457 HOH A O   1 
HETATM 1559 O O   . HOH G 5 .   ? -11.009 -2.535  14.666  1.00 55.02  ? 458 HOH A O   1 
HETATM 1560 O O   . HOH G 5 .   ? -10.117 -9.031  9.069   1.00 40.71  ? 459 HOH A O   1 
HETATM 1561 O O   . HOH G 5 .   ? -5.564  2.360   13.287  1.00 34.39  ? 460 HOH A O   1 
HETATM 1562 O O   . HOH G 5 .   ? 13.389  -5.835  2.409   1.00 59.52  ? 461 HOH A O   1 
HETATM 1563 O O   . HOH G 5 .   ? 12.324  -8.134  -4.331  1.00 65.58  ? 462 HOH A O   1 
HETATM 1564 O O   . HOH G 5 .   ? -6.142  14.119  -9.067  1.00 38.04  ? 463 HOH A O   1 
HETATM 1565 O O   . HOH G 5 .   ? -17.751 3.447   -3.345  1.00 68.15  ? 464 HOH A O   1 
HETATM 1566 O O   . HOH G 5 .   ? 10.972  7.085   9.394   1.00 52.33  ? 465 HOH A O   1 
HETATM 1567 O O   . HOH G 5 .   ? 9.685   8.329   7.490   1.00 40.48  ? 466 HOH A O   1 
HETATM 1568 O O   . HOH G 5 .   ? 12.708  -15.484 4.143   1.00 73.71  ? 467 HOH A O   1 
HETATM 1569 O O   . HOH G 5 .   ? 9.475   9.531   -9.831  1.00 46.62  ? 468 HOH A O   1 
HETATM 1570 O O   . HOH G 5 .   ? -15.881 -7.672  9.865   1.00 54.35  ? 469 HOH A O   1 
HETATM 1571 O O   . HOH G 5 .   ? 17.029  -16.878 -2.936  1.00 49.01  ? 470 HOH A O   1 
HETATM 1572 O O   . HOH G 5 .   ? 16.683  1.419   -3.739  1.00 54.69  ? 471 HOH A O   1 
HETATM 1573 O O   . HOH G 5 .   ? -14.808 16.105  0.766   1.00 53.39  ? 472 HOH A O   1 
HETATM 1574 O O   . HOH G 5 .   ? 2.371   0.541   19.837  1.00 64.43  ? 473 HOH A O   1 
HETATM 1575 O O   . HOH G 5 .   ? 13.648  6.331   1.063   1.00 43.27  ? 474 HOH A O   1 
HETATM 1576 O O   . HOH G 5 .   ? 14.452  -10.889 -12.704 1.00 62.33  ? 475 HOH A O   1 
HETATM 1577 O O   . HOH G 5 .   ? 11.392  -13.793 11.697  1.00 62.90  ? 476 HOH A O   1 
HETATM 1578 O O   . HOH G 5 .   ? 11.643  -11.758 -9.358  1.00 31.72  ? 477 HOH A O   1 
HETATM 1579 O O   . HOH G 5 .   ? -2.194  5.137   -10.993 1.00 48.20  ? 478 HOH A O   1 
HETATM 1580 O O   . HOH G 5 .   ? -18.744 1.916   4.769   1.00 56.40  ? 479 HOH A O   1 
HETATM 1581 O O   . HOH G 5 .   ? 3.797   5.951   20.920  1.00 57.15  ? 480 HOH A O   1 
HETATM 1582 O O   . HOH G 5 .   ? -16.616 2.904   7.200   1.00 46.24  ? 481 HOH A O   1 
HETATM 1583 O O   . HOH G 5 .   ? 9.893   -6.748  -15.659 1.00 39.84  ? 482 HOH A O   1 
HETATM 1584 O O   . HOH G 5 .   ? -0.183  1.139   16.749  1.00 60.42  ? 483 HOH A O   1 
HETATM 1585 O O   . HOH G 5 .   ? 4.118   -3.561  19.193  1.00 64.76  ? 484 HOH A O   1 
HETATM 1586 O O   . HOH G 5 .   ? 12.206  -10.949 -2.570  1.00 52.31  ? 485 HOH A O   1 
HETATM 1587 O O   . HOH G 5 .   ? 4.662   20.060  11.989  1.00 54.32  ? 486 HOH A O   1 
HETATM 1588 O O   . HOH G 5 .   ? 16.996  3.479   -8.800  1.00 38.68  ? 487 HOH A O   1 
HETATM 1589 O O   . HOH G 5 .   ? -11.614 -0.674  -5.954  1.00 52.79  ? 488 HOH A O   1 
HETATM 1590 O O   . HOH G 5 .   ? -3.940  -3.491  18.698  1.00 49.41  ? 489 HOH A O   1 
HETATM 1591 O O   . HOH G 5 .   ? 3.627   0.779   -14.604 1.00 44.06  ? 490 HOH A O   1 
HETATM 1592 O O   . HOH G 5 .   ? -9.585  -11.036 -2.081  1.00 54.93  ? 491 HOH A O   1 
HETATM 1593 O O   . HOH G 5 .   ? 18.241  -5.635  -8.514  1.00 54.53  ? 492 HOH A O   1 
HETATM 1594 O O   . HOH G 5 .   ? 15.260  -6.179  -5.778  1.00 38.91  ? 493 HOH A O   1 
HETATM 1595 O O   . HOH G 5 .   ? 13.909  4.081   2.601   1.00 40.99  ? 494 HOH A O   1 
HETATM 1596 O O   . HOH G 5 .   ? -7.812  3.384   14.505  1.00 45.96  ? 495 HOH A O   1 
HETATM 1597 O O   . HOH G 5 .   ? 6.893   -4.651  18.514  1.00 64.66  ? 496 HOH A O   1 
HETATM 1598 O O   . HOH G 5 .   ? 1.839   12.468  6.429   1.00 55.73  ? 497 HOH A O   1 
HETATM 1599 O O   . HOH G 5 .   ? 8.009   11.916  -9.950  1.00 57.41  ? 498 HOH A O   1 
HETATM 1600 O O   . HOH G 5 .   ? -0.243  17.248  -9.541  1.00 70.32  ? 499 HOH A O   1 
HETATM 1601 O O   . HOH G 5 .   ? -10.022 10.255  -13.490 1.00 60.74  ? 500 HOH A O   1 
HETATM 1602 O O   . HOH G 5 .   ? 10.519  -10.115 -4.415  1.00 53.64  ? 501 HOH A O   1 
HETATM 1603 O O   . HOH G 5 .   ? 8.057   -15.316 -16.739 1.00 62.65  ? 502 HOH A O   1 
HETATM 1604 O O   . HOH G 5 .   ? -6.532  -7.821  -7.363  1.00 45.85  ? 503 HOH A O   1 
HETATM 1605 O O   . HOH G 5 .   ? 14.646  -3.943  -3.076  1.00 42.12  ? 504 HOH A O   1 
HETATM 1606 O O   . HOH G 5 .   ? 4.077   13.944  -8.902  1.00 52.39  ? 505 HOH A O   1 
HETATM 1607 O O   . HOH G 5 .   ? 5.548   -18.232 -17.219 1.00 49.10  ? 506 HOH A O   1 
HETATM 1608 O O   . HOH G 5 .   ? 11.042  -16.318 -18.031 1.00 58.28  ? 507 HOH A O   1 
HETATM 1609 O O   . HOH G 5 .   ? 3.816   -18.556 -18.805 1.00 67.34  ? 508 HOH A O   1 
HETATM 1610 O O   . HOH G 5 .   ? 7.885   7.314   -12.985 1.00 45.66  ? 509 HOH A O   1 
HETATM 1611 O O   . HOH G 5 .   ? -8.307  10.875  3.603   1.00 24.36  ? 510 HOH A O   1 
HETATM 1612 O O   . HOH G 5 .   ? -9.903  -2.531  26.658  1.00 58.70  ? 511 HOH A O   1 
HETATM 1613 O O   . HOH G 5 .   ? 15.212  -8.812  -11.383 1.00 62.04  ? 512 HOH A O   1 
HETATM 1614 O O   . HOH G 5 .   ? 3.215   -15.927 -11.678 1.00 48.75  ? 513 HOH A O   1 
HETATM 1615 O O   . HOH G 5 .   ? -3.054  1.867   15.150  1.00 33.67  ? 514 HOH A O   1 
HETATM 1616 O O   . HOH G 5 .   ? -9.127  8.699   11.258  1.00 52.82  ? 515 HOH A O   1 
HETATM 1617 O O   . HOH G 5 .   ? 13.509  -4.813  15.361  1.00 60.32  ? 516 HOH A O   1 
HETATM 1618 O O   . HOH G 5 .   ? 4.035   -6.916  -17.833 1.00 68.71  ? 517 HOH A O   1 
HETATM 1619 O O   . HOH G 5 .   ? 2.579   17.546  11.346  1.00 54.20  ? 518 HOH A O   1 
HETATM 1620 O O   . HOH G 5 .   ? 13.592  14.920  -3.670  1.00 66.25  ? 519 HOH A O   1 
HETATM 1621 O O   . HOH G 5 .   ? 13.467  -3.213  -16.616 1.00 53.26  ? 520 HOH A O   1 
HETATM 1622 O O   . HOH G 5 .   ? 14.575  -6.841  -13.028 1.00 63.57  ? 521 HOH A O   1 
HETATM 1623 O O   . HOH G 5 .   ? 11.974  9.111   -8.904  1.00 57.41  ? 522 HOH A O   1 
HETATM 1624 O O   . HOH G 5 .   ? 14.375  13.841  -1.387  1.00 59.63  ? 523 HOH A O   1 
HETATM 1625 O O   . HOH G 5 .   ? -11.223 7.574   12.142  1.00 53.27  ? 524 HOH A O   1 
HETATM 1626 O O   . HOH G 5 .   ? 9.551   9.006   -12.390 1.00 47.96  ? 525 HOH A O   1 
HETATM 1627 O O   . HOH G 5 .   ? -7.216  14.952  -6.787  1.00 38.29  ? 526 HOH A O   1 
HETATM 1628 O O   . HOH G 5 .   ? 8.206   -6.905  17.892  1.00 69.98  ? 527 HOH A O   1 
HETATM 1629 O O   . HOH G 5 .   ? 6.521   -12.716 14.682  1.00 62.79  ? 528 HOH A O   1 
HETATM 1630 O O   . HOH G 5 .   ? 16.456  -6.662  -3.822  1.00 68.36  ? 529 HOH A O   1 
HETATM 1631 O O   . HOH G 5 .   ? 13.877  -6.753  -2.961  1.00 53.33  ? 530 HOH A O   1 
HETATM 1632 O O   . HOH G 5 .   ? 15.774  15.098  5.413   1.00 47.78  ? 531 HOH A O   1 
HETATM 1633 O O   . HOH G 5 .   ? -10.718 2.583   13.152  1.00 53.64  ? 532 HOH A O   1 
HETATM 1634 O O   . HOH G 5 .   ? -21.201 12.774  6.788   1.00 64.83  ? 533 HOH A O   1 
HETATM 1635 O O   . HOH G 5 .   ? -7.522  -5.762  28.525  1.00 54.74  ? 534 HOH A O   1 
HETATM 1636 O O   . HOH G 5 .   ? 14.842  -3.206  -0.462  1.00 64.50  ? 535 HOH A O   1 
HETATM 1637 O O   . HOH G 5 .   ? 13.455  -3.410  1.984   1.00 65.58  ? 536 HOH A O   1 
HETATM 1638 O O   . HOH G 5 .   ? -10.146 -6.928  -7.940  1.00 69.83  ? 537 HOH A O   1 
HETATM 1639 O O   . HOH G 5 .   ? -4.971  -6.664  27.608  1.00 54.90  ? 538 HOH A O   1 
HETATM 1640 O O   . HOH G 5 .   ? -12.335 2.985   11.149  1.00 47.45  ? 539 HOH A O   1 
HETATM 1641 O O   . HOH G 5 .   ? -8.053  2.152   16.826  1.00 56.08  ? 540 HOH A O   1 
HETATM 1642 O O   . HOH G 5 .   ? 14.000  8.122   -16.295 1.00 50.23  ? 541 HOH A O   1 
HETATM 1643 O O   . HOH G 5 .   ? -14.902 1.313   11.332  1.00 67.39  ? 542 HOH A O   1 
HETATM 1644 O O   . HOH G 5 .   ? -5.117  0.753   16.479  1.00 52.24  ? 543 HOH A O   1 
HETATM 1645 O O   . HOH G 5 .   ? -6.155  -2.083  17.280  1.00 45.25  ? 544 HOH A O   1 
HETATM 1646 O O   . HOH G 5 .   ? 14.585  1.814   -0.416  1.00 63.23  ? 545 HOH A O   1 
HETATM 1647 O O   . HOH G 5 .   ? -9.697  0.075   17.252  1.00 55.99  ? 546 HOH A O   1 
# 
loop_
_pdbx_poly_seq_scheme.asym_id 
_pdbx_poly_seq_scheme.entity_id 
_pdbx_poly_seq_scheme.seq_id 
_pdbx_poly_seq_scheme.mon_id 
_pdbx_poly_seq_scheme.ndb_seq_num 
_pdbx_poly_seq_scheme.pdb_seq_num 
_pdbx_poly_seq_scheme.auth_seq_num 
_pdbx_poly_seq_scheme.pdb_mon_id 
_pdbx_poly_seq_scheme.auth_mon_id 
_pdbx_poly_seq_scheme.pdb_strand_id 
_pdbx_poly_seq_scheme.pdb_ins_code 
_pdbx_poly_seq_scheme.hetero 
A 1 1   SER 1   15  15  SER SER A . n 
A 1 2   MET 2   16  16  MET MET A . n 
A 1 3   LEU 3   17  17  LEU LEU A . n 
A 1 4   ASP 4   18  18  ASP ASP A . n 
A 1 5   ASP 5   19  19  ASP ASP A . n 
A 1 6   ALA 6   20  20  ALA ALA A . n 
A 1 7   LYS 7   21  21  LYS LYS A . n 
A 1 8   ALA 8   22  22  ALA ALA A . n 
A 1 9   ARG 9   23  23  ARG ARG A . n 
A 1 10  LEU 10  24  24  LEU LEU A . n 
A 1 11  ARG 11  25  25  ARG ARG A . n 
A 1 12  LYS 12  26  26  LYS LYS A . n 
A 1 13  TYR 13  27  27  TYR TYR A . n 
A 1 14  ASP 14  28  28  ASP ASP A . n 
A 1 15  ILE 15  29  29  ILE ILE A . n 
A 1 16  GLY 16  30  30  GLY GLY A . n 
A 1 17  GLY 17  31  31  GLY GLY A . n 
A 1 18  LYS 18  32  32  LYS LYS A . n 
A 1 19  TYR 19  33  33  TYR TYR A . n 
A 1 20  SER 20  34  34  SER SER A . n 
A 1 21  HIS 21  35  35  HIS HIS A . n 
A 1 22  LEU 22  36  36  LEU LEU A . n 
A 1 23  PRO 23  37  37  PRO PRO A . n 
A 1 24  TYR 24  38  38  TYR TYR A . n 
A 1 25  ASN 25  39  39  ASN ASN A . n 
A 1 26  LYS 26  40  40  LYS LYS A . n 
A 1 27  TYR 27  41  41  TYR TYR A . n 
A 1 28  SER 28  42  42  SER SER A . n 
A 1 29  VAL 29  43  43  VAL VAL A . n 
A 1 30  LEU 30  44  44  LEU LEU A . n 
A 1 31  LEU 31  45  45  LEU LEU A . n 
A 1 32  PRO 32  46  46  PRO PRO A . n 
A 1 33  LEU 33  47  47  LEU LEU A . n 
A 1 34  VAL 34  48  48  VAL VAL A . n 
A 1 35  ALA 35  49  49  ALA ALA A . n 
A 1 36  LYS 36  50  50  LYS LYS A . n 
A 1 37  GLU 37  51  51  GLU GLU A . n 
A 1 38  GLY 38  52  52  GLY GLY A . n 
A 1 39  LYS 39  53  53  LYS LYS A . n 
A 1 40  LEU 40  54  54  LEU LEU A . n 
A 1 41  HIS 41  55  55  HIS HIS A . n 
A 1 42  LEU 42  56  56  LEU LEU A . n 
A 1 43  LEU 43  57  57  LEU LEU A . n 
A 1 44  PHE 44  58  58  PHE PHE A . n 
A 1 45  THR 45  59  59  THR THR A . n 
A 1 46  VAL 46  60  60  VAL VAL A . n 
A 1 47  ARG 47  61  61  ARG ARG A . n 
A 1 48  SER 48  62  62  SER SER A . n 
A 1 49  GLU 49  63  63  GLU GLU A . n 
A 1 50  LYS 50  64  64  LYS LYS A . n 
A 1 51  LEU 51  65  65  LEU LEU A . n 
A 1 52  ARG 52  66  66  ARG ARG A . n 
A 1 53  ARG 53  67  67  ARG ARG A . n 
A 1 54  ALA 54  68  68  ALA ALA A . n 
A 1 55  PRO 55  69  69  PRO PRO A . n 
A 1 56  GLY 56  70  70  GLY GLY A . n 
A 1 57  GLU 57  71  71  GLU GLU A . n 
A 1 58  VAL 58  72  72  VAL VAL A . n 
A 1 59  CYS 59  73  73  CYS CYS A . n 
A 1 60  PHE 60  74  74  PHE PHE A . n 
A 1 61  PRO 61  75  75  PRO PRO A . n 
A 1 62  GLY 62  76  76  GLY GLY A . n 
A 1 63  GLY 63  77  77  GLY GLY A . n 
A 1 64  LYS 64  78  78  LYS LYS A . n 
A 1 65  ARG 65  79  79  ARG ARG A . n 
A 1 66  ASP 66  80  80  ASP ASP A . n 
A 1 67  PRO 67  81  81  PRO PRO A . n 
A 1 68  THR 68  82  82  THR THR A . n 
A 1 69  ASP 69  83  83  ASP ASP A . n 
A 1 70  MET 70  84  84  MET MET A . n 
A 1 71  ASP 71  85  85  ASP ASP A . n 
A 1 72  ASP 72  86  86  ASP ASP A . n 
A 1 73  ALA 73  87  87  ALA ALA A . n 
A 1 74  ALA 74  88  88  ALA ALA A . n 
A 1 75  THR 75  89  89  THR THR A . n 
A 1 76  ALA 76  90  90  ALA ALA A . n 
A 1 77  LEU 77  91  91  LEU LEU A . n 
A 1 78  ARG 78  92  92  ARG ARG A . n 
A 1 79  GLU 79  93  93  GLU GLU A . n 
A 1 80  ALA 80  94  94  ALA ALA A . n 
A 1 81  GLN 81  95  95  GLN GLN A . n 
A 1 82  GLU 82  96  96  GLU GLU A . n 
A 1 83  GLU 83  97  97  GLU GLU A . n 
A 1 84  VAL 84  98  98  VAL VAL A . n 
A 1 85  GLY 85  99  99  GLY GLY A . n 
A 1 86  LEU 86  100 100 LEU LEU A . n 
A 1 87  ARG 87  101 101 ARG ARG A . n 
A 1 88  HYP 88  102 102 HYP HYP A . n 
A 1 89  HIS 89  103 103 HIS HIS A . n 
A 1 90  GLN 90  104 104 GLN GLN A . n 
A 1 91  VAL 91  105 105 VAL VAL A . n 
A 1 92  GLU 92  106 106 GLU GLU A . n 
A 1 93  VAL 93  107 107 VAL VAL A . n 
A 1 94  VAL 94  108 108 VAL VAL A . n 
A 1 95  CSO 95  109 109 CSO CSO A . n 
A 1 96  CYS 96  110 110 CYS CYS A . n 
A 1 97  LEU 97  111 111 LEU LEU A . n 
A 1 98  VAL 98  112 112 VAL VAL A . n 
A 1 99  PRO 99  113 113 PRO PRO A . n 
A 1 100 CYS 100 114 114 CYS CYS A . n 
A 1 101 LEU 101 115 115 LEU LEU A . n 
A 1 102 ILE 102 116 116 ILE ILE A . n 
A 1 103 ASP 103 117 117 ASP ASP A . n 
A 1 104 THR 104 118 118 THR THR A . n 
A 1 105 ASP 105 119 119 ASP ASP A . n 
A 1 106 THR 106 120 120 THR THR A . n 
A 1 107 LEU 107 121 121 LEU LEU A . n 
A 1 108 ILE 108 122 122 ILE ILE A . n 
A 1 109 THR 109 123 123 THR THR A . n 
A 1 110 PRO 110 124 124 PRO PRO A . n 
A 1 111 PHE 111 125 125 PHE PHE A . n 
A 1 112 VAL 112 126 126 VAL VAL A . n 
A 1 113 GLY 113 127 127 GLY GLY A . n 
A 1 114 LEU 114 128 128 LEU LEU A . n 
A 1 115 ILE 115 129 129 ILE ILE A . n 
A 1 116 ASP 116 130 130 ASP ASP A . n 
A 1 117 HIS 117 131 131 HIS HIS A . n 
A 1 118 ASN 118 132 132 ASN ASN A . n 
A 1 119 PHE 119 133 133 PHE PHE A . n 
A 1 120 GLN 120 134 134 GLN GLN A . n 
A 1 121 ALA 121 135 135 ALA ALA A . n 
A 1 122 GLN 122 136 136 GLN GLN A . n 
A 1 123 PRO 123 137 137 PRO PRO A . n 
A 1 124 ASN 124 138 138 ASN ASN A . n 
A 1 125 PRO 125 139 139 PRO PRO A . n 
A 1 126 ALA 126 140 140 ALA ALA A . n 
A 1 127 GLU 127 141 141 GLU GLU A . n 
A 1 128 VAL 128 142 142 VAL VAL A . n 
A 1 129 LYS 129 143 143 LYS LYS A . n 
A 1 130 ASP 130 144 144 ASP ASP A . n 
A 1 131 VAL 131 145 145 VAL VAL A . n 
A 1 132 PHE 132 146 146 PHE PHE A . n 
A 1 133 LEU 133 147 147 LEU LEU A . n 
A 1 134 VAL 134 148 148 VAL VAL A . n 
A 1 135 PRO 135 149 149 PRO PRO A . n 
A 1 136 LEU 136 150 150 LEU LEU A . n 
A 1 137 ALA 137 151 151 ALA ALA A . n 
A 1 138 TYR 138 152 152 TYR TYR A . n 
A 1 139 PHE 139 153 153 PHE PHE A . n 
A 1 140 LEU 140 154 154 LEU LEU A . n 
A 1 141 HIS 141 155 155 HIS HIS A . n 
A 1 142 PRO 142 156 156 PRO PRO A . n 
A 1 143 GLN 143 157 157 GLN GLN A . n 
A 1 144 VAL 144 158 158 VAL VAL A . n 
A 1 145 HIS 145 159 159 HIS HIS A . n 
A 1 146 ASP 146 160 160 ASP ASP A . n 
A 1 147 GLN 147 161 161 GLN GLN A . n 
A 1 148 HIS 148 162 ?   ?   ?   A . n 
A 1 149 TYR 149 163 ?   ?   ?   A . n 
A 1 150 VAL 150 164 ?   ?   ?   A . n 
A 1 151 THR 151 165 ?   ?   ?   A . n 
A 1 152 ARG 152 166 ?   ?   ?   A . n 
A 1 153 LEU 153 167 ?   ?   ?   A . n 
A 1 154 GLY 154 168 ?   ?   ?   A . n 
A 1 155 HIS 155 169 ?   ?   ?   A . n 
A 1 156 ARG 156 170 ?   ?   ?   A . n 
A 1 157 PHE 157 171 ?   ?   ?   A . n 
A 1 158 ILE 158 172 172 ILE ILE A . n 
A 1 159 ASN 159 173 173 ASN ASN A . n 
A 1 160 HIS 160 174 174 HIS HIS A . n 
A 1 161 ILE 161 175 175 ILE ILE A . n 
A 1 162 PHE 162 176 176 PHE PHE A . n 
A 1 163 GLU 163 177 177 GLU GLU A . n 
A 1 164 TYR 164 178 178 TYR TYR A . n 
A 1 165 THR 165 179 179 THR THR A . n 
A 1 166 ASN 166 180 180 ASN ASN A . n 
A 1 167 PRO 167 181 181 PRO PRO A . n 
A 1 168 GLU 168 182 182 GLU GLU A . n 
A 1 169 ASP 169 183 183 ASP ASP A . n 
A 1 170 GLY 170 184 184 GLY GLY A . n 
A 1 171 VAL 171 185 185 VAL VAL A . n 
A 1 172 THR 172 186 186 THR THR A . n 
A 1 173 TYR 173 187 187 TYR TYR A . n 
A 1 174 GLN 174 188 188 GLN GLN A . n 
A 1 175 ILE 175 189 189 ILE ILE A . n 
A 1 176 LYS 176 190 190 LYS LYS A . n 
A 1 177 GLY 177 191 191 GLY GLY A . n 
A 1 178 MET 178 192 192 MET MET A . n 
A 1 179 THR 179 193 193 THR THR A . n 
A 1 180 ALA 180 194 194 ALA ALA A . n 
A 1 181 ASN 181 195 195 ASN ASN A . n 
A 1 182 LEU 182 196 196 LEU LEU A . n 
A 1 183 ALA 183 197 197 ALA ALA A . n 
A 1 184 VAL 184 198 198 VAL VAL A . n 
A 1 185 LEU 185 199 199 LEU LEU A . n 
A 1 186 VAL 186 200 200 VAL VAL A . n 
A 1 187 ALA 187 201 201 ALA ALA A . n 
A 1 188 PHE 188 202 202 PHE PHE A . n 
A 1 189 ILE 189 203 203 ILE ILE A . n 
A 1 190 ILE 190 204 204 ILE ILE A . n 
A 1 191 LEU 191 205 205 LEU LEU A . n 
A 1 192 GLU 192 206 206 GLU GLU A . n 
A 1 193 LYS 193 207 207 LYS LYS A . n 
A 1 194 LYS 194 208 208 LYS LYS A . n 
A 1 195 PRO 195 209 209 PRO PRO A . n 
A 1 196 THR 196 210 210 THR THR A . n 
# 
loop_
_pdbx_nonpoly_scheme.asym_id 
_pdbx_nonpoly_scheme.entity_id 
_pdbx_nonpoly_scheme.mon_id 
_pdbx_nonpoly_scheme.ndb_seq_num 
_pdbx_nonpoly_scheme.pdb_seq_num 
_pdbx_nonpoly_scheme.auth_seq_num 
_pdbx_nonpoly_scheme.pdb_mon_id 
_pdbx_nonpoly_scheme.auth_mon_id 
_pdbx_nonpoly_scheme.pdb_strand_id 
_pdbx_nonpoly_scheme.pdb_ins_code 
B 2 ACT 1   301 1   ACT ACT A . 
C 2 ACT 1   302 2   ACT ACT A . 
D 3 DMS 1   303 1   DMS DMS A . 
E 3 DMS 1   304 2   DMS DMS A . 
F 4 H3Y 1   305 1   H3Y LIG A . 
G 5 HOH 1   401 112 HOH HOH A . 
G 5 HOH 2   402 9   HOH HOH A . 
G 5 HOH 3   403 124 HOH HOH A . 
G 5 HOH 4   404 94  HOH HOH A . 
G 5 HOH 5   405 69  HOH HOH A . 
G 5 HOH 6   406 80  HOH HOH A . 
G 5 HOH 7   407 140 HOH HOH A . 
G 5 HOH 8   408 143 HOH HOH A . 
G 5 HOH 9   409 53  HOH HOH A . 
G 5 HOH 10  410 14  HOH HOH A . 
G 5 HOH 11  411 48  HOH HOH A . 
G 5 HOH 12  412 199 HOH HOH A . 
G 5 HOH 13  413 24  HOH HOH A . 
G 5 HOH 14  414 89  HOH HOH A . 
G 5 HOH 15  415 51  HOH HOH A . 
G 5 HOH 16  416 162 HOH HOH A . 
G 5 HOH 17  417 156 HOH HOH A . 
G 5 HOH 18  418 101 HOH HOH A . 
G 5 HOH 19  419 109 HOH HOH A . 
G 5 HOH 20  420 108 HOH HOH A . 
G 5 HOH 21  421 35  HOH HOH A . 
G 5 HOH 22  422 71  HOH HOH A . 
G 5 HOH 23  423 49  HOH HOH A . 
G 5 HOH 24  424 117 HOH HOH A . 
G 5 HOH 25  425 134 HOH HOH A . 
G 5 HOH 26  426 79  HOH HOH A . 
G 5 HOH 27  427 157 HOH HOH A . 
G 5 HOH 28  428 36  HOH HOH A . 
G 5 HOH 29  429 18  HOH HOH A . 
G 5 HOH 30  430 6   HOH HOH A . 
G 5 HOH 31  431 10  HOH HOH A . 
G 5 HOH 32  432 13  HOH HOH A . 
G 5 HOH 33  433 97  HOH HOH A . 
G 5 HOH 34  434 61  HOH HOH A . 
G 5 HOH 35  435 27  HOH HOH A . 
G 5 HOH 36  436 167 HOH HOH A . 
G 5 HOH 37  437 154 HOH HOH A . 
G 5 HOH 38  438 19  HOH HOH A . 
G 5 HOH 39  439 113 HOH HOH A . 
G 5 HOH 40  440 159 HOH HOH A . 
G 5 HOH 41  441 196 HOH HOH A . 
G 5 HOH 42  442 26  HOH HOH A . 
G 5 HOH 43  443 3   HOH HOH A . 
G 5 HOH 44  444 103 HOH HOH A . 
G 5 HOH 45  445 8   HOH HOH A . 
G 5 HOH 46  446 105 HOH HOH A . 
G 5 HOH 47  447 42  HOH HOH A . 
G 5 HOH 48  448 110 HOH HOH A . 
G 5 HOH 49  449 179 HOH HOH A . 
G 5 HOH 50  450 193 HOH HOH A . 
G 5 HOH 51  451 1   HOH HOH A . 
G 5 HOH 52  452 182 HOH HOH A . 
G 5 HOH 53  453 39  HOH HOH A . 
G 5 HOH 54  454 43  HOH HOH A . 
G 5 HOH 55  455 139 HOH HOH A . 
G 5 HOH 56  456 183 HOH HOH A . 
G 5 HOH 57  457 99  HOH HOH A . 
G 5 HOH 58  458 197 HOH HOH A . 
G 5 HOH 59  459 104 HOH HOH A . 
G 5 HOH 60  460 98  HOH HOH A . 
G 5 HOH 61  461 62  HOH HOH A . 
G 5 HOH 62  462 128 HOH HOH A . 
G 5 HOH 63  463 15  HOH HOH A . 
G 5 HOH 64  464 186 HOH HOH A . 
G 5 HOH 65  465 85  HOH HOH A . 
G 5 HOH 66  466 28  HOH HOH A . 
G 5 HOH 67  467 187 HOH HOH A . 
G 5 HOH 68  468 55  HOH HOH A . 
G 5 HOH 69  469 118 HOH HOH A . 
G 5 HOH 70  470 25  HOH HOH A . 
G 5 HOH 71  471 34  HOH HOH A . 
G 5 HOH 72  472 116 HOH HOH A . 
G 5 HOH 73  473 166 HOH HOH A . 
G 5 HOH 74  474 22  HOH HOH A . 
G 5 HOH 75  475 149 HOH HOH A . 
G 5 HOH 76  476 146 HOH HOH A . 
G 5 HOH 77  477 2   HOH HOH A . 
G 5 HOH 78  478 40  HOH HOH A . 
G 5 HOH 79  479 158 HOH HOH A . 
G 5 HOH 80  480 137 HOH HOH A . 
G 5 HOH 81  481 121 HOH HOH A . 
G 5 HOH 82  482 17  HOH HOH A . 
G 5 HOH 83  483 127 HOH HOH A . 
G 5 HOH 84  484 161 HOH HOH A . 
G 5 HOH 85  485 38  HOH HOH A . 
G 5 HOH 86  486 155 HOH HOH A . 
G 5 HOH 87  487 12  HOH HOH A . 
G 5 HOH 88  488 102 HOH HOH A . 
G 5 HOH 89  489 45  HOH HOH A . 
G 5 HOH 90  490 56  HOH HOH A . 
G 5 HOH 91  491 125 HOH HOH A . 
G 5 HOH 92  492 63  HOH HOH A . 
G 5 HOH 93  493 31  HOH HOH A . 
G 5 HOH 94  494 37  HOH HOH A . 
G 5 HOH 95  495 106 HOH HOH A . 
G 5 HOH 96  496 153 HOH HOH A . 
G 5 HOH 97  497 58  HOH HOH A . 
G 5 HOH 98  498 66  HOH HOH A . 
G 5 HOH 99  499 65  HOH HOH A . 
G 5 HOH 100 500 46  HOH HOH A . 
G 5 HOH 101 501 59  HOH HOH A . 
G 5 HOH 102 502 194 HOH HOH A . 
G 5 HOH 103 503 30  HOH HOH A . 
G 5 HOH 104 504 21  HOH HOH A . 
G 5 HOH 105 505 5   HOH HOH A . 
G 5 HOH 106 506 138 HOH HOH A . 
G 5 HOH 107 507 152 HOH HOH A . 
G 5 HOH 108 508 72  HOH HOH A . 
G 5 HOH 109 509 50  HOH HOH A . 
G 5 HOH 110 510 96  HOH HOH A . 
G 5 HOH 111 511 191 HOH HOH A . 
G 5 HOH 112 512 173 HOH HOH A . 
G 5 HOH 113 513 64  HOH HOH A . 
G 5 HOH 114 514 170 HOH HOH A . 
G 5 HOH 115 515 176 HOH HOH A . 
G 5 HOH 116 516 126 HOH HOH A . 
G 5 HOH 117 517 141 HOH HOH A . 
G 5 HOH 118 518 122 HOH HOH A . 
G 5 HOH 119 519 88  HOH HOH A . 
G 5 HOH 120 520 129 HOH HOH A . 
G 5 HOH 121 521 175 HOH HOH A . 
G 5 HOH 122 522 169 HOH HOH A . 
G 5 HOH 123 523 111 HOH HOH A . 
G 5 HOH 124 524 184 HOH HOH A . 
G 5 HOH 125 525 131 HOH HOH A . 
G 5 HOH 126 526 16  HOH HOH A . 
G 5 HOH 127 527 123 HOH HOH A . 
G 5 HOH 128 528 119 HOH HOH A . 
G 5 HOH 129 529 90  HOH HOH A . 
G 5 HOH 130 530 44  HOH HOH A . 
G 5 HOH 131 531 29  HOH HOH A . 
G 5 HOH 132 532 192 HOH HOH A . 
G 5 HOH 133 533 172 HOH HOH A . 
G 5 HOH 134 534 174 HOH HOH A . 
G 5 HOH 135 535 132 HOH HOH A . 
G 5 HOH 136 536 190 HOH HOH A . 
G 5 HOH 137 537 52  HOH HOH A . 
G 5 HOH 138 538 57  HOH HOH A . 
G 5 HOH 139 539 188 HOH HOH A . 
G 5 HOH 140 540 148 HOH HOH A . 
G 5 HOH 141 541 165 HOH HOH A . 
G 5 HOH 142 542 130 HOH HOH A . 
G 5 HOH 143 543 171 HOH HOH A . 
G 5 HOH 144 544 68  HOH HOH A . 
G 5 HOH 145 545 164 HOH HOH A . 
G 5 HOH 146 546 115 HOH HOH A . 
# 
loop_
_pdbx_struct_mod_residue.id 
_pdbx_struct_mod_residue.label_asym_id 
_pdbx_struct_mod_residue.label_comp_id 
_pdbx_struct_mod_residue.label_seq_id 
_pdbx_struct_mod_residue.auth_asym_id 
_pdbx_struct_mod_residue.auth_comp_id 
_pdbx_struct_mod_residue.auth_seq_id 
_pdbx_struct_mod_residue.PDB_ins_code 
_pdbx_struct_mod_residue.parent_comp_id 
_pdbx_struct_mod_residue.details 
1 A HYP 88 A HYP 102 ? PRO 'modified residue' 
2 A CSO 95 A CSO 109 ? CYS 'modified residue' 
# 
_pdbx_struct_assembly.id                   1 
_pdbx_struct_assembly.details              author_and_software_defined_assembly 
_pdbx_struct_assembly.method_details       PISA 
_pdbx_struct_assembly.oligomeric_details   monomeric 
_pdbx_struct_assembly.oligomeric_count     1 
# 
_pdbx_struct_assembly_gen.assembly_id       1 
_pdbx_struct_assembly_gen.oper_expression   1 
_pdbx_struct_assembly_gen.asym_id_list      A,B,C,D,E,F,G 
# 
loop_
_pdbx_struct_assembly_prop.biol_id 
_pdbx_struct_assembly_prop.type 
_pdbx_struct_assembly_prop.value 
_pdbx_struct_assembly_prop.details 
1 'ABSA (A^2)' 740   ? 
1 MORE         5     ? 
1 'SSA (A^2)'  10510 ? 
# 
_pdbx_struct_oper_list.id                   1 
_pdbx_struct_oper_list.type                 'identity operation' 
_pdbx_struct_oper_list.name                 1_555 
_pdbx_struct_oper_list.symmetry_operation   x,y,z 
_pdbx_struct_oper_list.matrix[1][1]         1.0000000000 
_pdbx_struct_oper_list.matrix[1][2]         0.0000000000 
_pdbx_struct_oper_list.matrix[1][3]         0.0000000000 
_pdbx_struct_oper_list.vector[1]            0.0000000000 
_pdbx_struct_oper_list.matrix[2][1]         0.0000000000 
_pdbx_struct_oper_list.matrix[2][2]         1.0000000000 
_pdbx_struct_oper_list.matrix[2][3]         0.0000000000 
_pdbx_struct_oper_list.vector[2]            0.0000000000 
_pdbx_struct_oper_list.matrix[3][1]         0.0000000000 
_pdbx_struct_oper_list.matrix[3][2]         0.0000000000 
_pdbx_struct_oper_list.matrix[3][3]         1.0000000000 
_pdbx_struct_oper_list.vector[3]            0.0000000000 
# 
loop_
_pdbx_audit_revision_history.ordinal 
_pdbx_audit_revision_history.data_content_type 
_pdbx_audit_revision_history.major_revision 
_pdbx_audit_revision_history.minor_revision 
_pdbx_audit_revision_history.revision_date 
1 'Structure model' 1 0 2019-03-27 
2 'Structure model' 1 1 2023-11-15 
# 
_pdbx_audit_revision_details.ordinal             1 
_pdbx_audit_revision_details.revision_ordinal    1 
_pdbx_audit_revision_details.data_content_type   'Structure model' 
_pdbx_audit_revision_details.provider            repository 
_pdbx_audit_revision_details.type                'Initial release' 
_pdbx_audit_revision_details.description         ? 
_pdbx_audit_revision_details.details             ? 
# 
loop_
_pdbx_audit_revision_group.ordinal 
_pdbx_audit_revision_group.revision_ordinal 
_pdbx_audit_revision_group.data_content_type 
_pdbx_audit_revision_group.group 
1 2 'Structure model' 'Data collection'     
2 2 'Structure model' 'Database references' 
# 
loop_
_pdbx_audit_revision_category.ordinal 
_pdbx_audit_revision_category.revision_ordinal 
_pdbx_audit_revision_category.data_content_type 
_pdbx_audit_revision_category.category 
1 2 'Structure model' chem_comp_atom 
2 2 'Structure model' chem_comp_bond 
3 2 'Structure model' database_2     
# 
loop_
_pdbx_audit_revision_item.ordinal 
_pdbx_audit_revision_item.revision_ordinal 
_pdbx_audit_revision_item.data_content_type 
_pdbx_audit_revision_item.item 
1 2 'Structure model' '_database_2.pdbx_DOI'                
2 2 'Structure model' '_database_2.pdbx_database_accession' 
# 
_phasing.method   MR 
# 
loop_
_software.pdbx_ordinal 
_software.name 
_software.version 
_software.date 
_software.type 
_software.contact_author 
_software.contact_author_email 
_software.classification 
_software.location 
_software.language 
_software.citation_id 
1 REFMAC      5.8.0189 ?               program 'Garib N. Murshudov' garib@ysbl.york.ac.uk    refinement        
http://www.ccp4.ac.uk/dist/html/refmac5.html        Fortran_77 ? 
2 Aimless     0.5.31   12/12/16        program 'Phil Evans'         ?                        'data scaling'    
http://www.mrc-lmb.cam.ac.uk/harry/pre/aimless.html ?          ? 
3 PDB_EXTRACT 3.23     'SEP. 23, 2016' package PDB                  deposit@deposit.rcsb.org 'data extraction' 
http://sw-tools.pdb.org/apps/PDB_EXTRACT/           C++        ? 
4 XDS         .        ?               program ?                    ?                        'data reduction'  ? ?          ? 
5 REFMAC      .        ?               program ?                    ?                        phasing           ? ?          ? 
# 
loop_
_pdbx_validate_symm_contact.id 
_pdbx_validate_symm_contact.PDB_model_num 
_pdbx_validate_symm_contact.auth_atom_id_1 
_pdbx_validate_symm_contact.auth_asym_id_1 
_pdbx_validate_symm_contact.auth_comp_id_1 
_pdbx_validate_symm_contact.auth_seq_id_1 
_pdbx_validate_symm_contact.PDB_ins_code_1 
_pdbx_validate_symm_contact.label_alt_id_1 
_pdbx_validate_symm_contact.site_symmetry_1 
_pdbx_validate_symm_contact.auth_atom_id_2 
_pdbx_validate_symm_contact.auth_asym_id_2 
_pdbx_validate_symm_contact.auth_comp_id_2 
_pdbx_validate_symm_contact.auth_seq_id_2 
_pdbx_validate_symm_contact.PDB_ins_code_2 
_pdbx_validate_symm_contact.label_alt_id_2 
_pdbx_validate_symm_contact.site_symmetry_2 
_pdbx_validate_symm_contact.dist 
1 1 O   A HOH 467 ? ? 1_555 O   A HOH 467 ? ? 6_559 1.08 
2 1 NE2 A GLN 134 ? ? 1_555 NE2 A GLN 134 ? ? 2_545 2.14 
# 
loop_
_pdbx_validate_torsion.id 
_pdbx_validate_torsion.PDB_model_num 
_pdbx_validate_torsion.auth_comp_id 
_pdbx_validate_torsion.auth_asym_id 
_pdbx_validate_torsion.auth_seq_id 
_pdbx_validate_torsion.PDB_ins_code 
_pdbx_validate_torsion.label_alt_id 
_pdbx_validate_torsion.phi 
_pdbx_validate_torsion.psi 
1 1 THR A 118 ? ? 68.18  -21.84 
2 1 ASN A 173 ? ? 174.71 121.26 
# 
loop_
_pdbx_unobs_or_zero_occ_atoms.id 
_pdbx_unobs_or_zero_occ_atoms.PDB_model_num 
_pdbx_unobs_or_zero_occ_atoms.polymer_flag 
_pdbx_unobs_or_zero_occ_atoms.occupancy_flag 
_pdbx_unobs_or_zero_occ_atoms.auth_asym_id 
_pdbx_unobs_or_zero_occ_atoms.auth_comp_id 
_pdbx_unobs_or_zero_occ_atoms.auth_seq_id 
_pdbx_unobs_or_zero_occ_atoms.PDB_ins_code 
_pdbx_unobs_or_zero_occ_atoms.auth_atom_id 
_pdbx_unobs_or_zero_occ_atoms.label_alt_id 
_pdbx_unobs_or_zero_occ_atoms.label_asym_id 
_pdbx_unobs_or_zero_occ_atoms.label_comp_id 
_pdbx_unobs_or_zero_occ_atoms.label_seq_id 
_pdbx_unobs_or_zero_occ_atoms.label_atom_id 
1 1 Y 1 A GLN 161 ? CG  ? A GLN 147 CG  
2 1 Y 1 A GLN 161 ? CD  ? A GLN 147 CD  
3 1 Y 1 A GLN 161 ? OE1 ? A GLN 147 OE1 
4 1 Y 1 A GLN 161 ? NE2 ? A GLN 147 NE2 
# 
loop_
_pdbx_unobs_or_zero_occ_residues.id 
_pdbx_unobs_or_zero_occ_residues.PDB_model_num 
_pdbx_unobs_or_zero_occ_residues.polymer_flag 
_pdbx_unobs_or_zero_occ_residues.occupancy_flag 
_pdbx_unobs_or_zero_occ_residues.auth_asym_id 
_pdbx_unobs_or_zero_occ_residues.auth_comp_id 
_pdbx_unobs_or_zero_occ_residues.auth_seq_id 
_pdbx_unobs_or_zero_occ_residues.PDB_ins_code 
_pdbx_unobs_or_zero_occ_residues.label_asym_id 
_pdbx_unobs_or_zero_occ_residues.label_comp_id 
_pdbx_unobs_or_zero_occ_residues.label_seq_id 
1  1 Y 1 A HIS 162 ? A HIS 148 
2  1 Y 1 A TYR 163 ? A TYR 149 
3  1 Y 1 A VAL 164 ? A VAL 150 
4  1 Y 1 A THR 165 ? A THR 151 
5  1 Y 1 A ARG 166 ? A ARG 152 
6  1 Y 1 A LEU 167 ? A LEU 153 
7  1 Y 1 A GLY 168 ? A GLY 154 
8  1 Y 1 A HIS 169 ? A HIS 155 
9  1 Y 1 A ARG 170 ? A ARG 156 
10 1 Y 1 A PHE 171 ? A PHE 157 
# 
loop_
_chem_comp_atom.comp_id 
_chem_comp_atom.atom_id 
_chem_comp_atom.type_symbol 
_chem_comp_atom.pdbx_aromatic_flag 
_chem_comp_atom.pdbx_stereo_config 
_chem_comp_atom.pdbx_ordinal 
ACT C    C N N 1   
ACT O    O N N 2   
ACT OXT  O N N 3   
ACT CH3  C N N 4   
ACT H1   H N N 5   
ACT H2   H N N 6   
ACT H3   H N N 7   
ALA N    N N N 8   
ALA CA   C N S 9   
ALA C    C N N 10  
ALA O    O N N 11  
ALA CB   C N N 12  
ALA OXT  O N N 13  
ALA H    H N N 14  
ALA H2   H N N 15  
ALA HA   H N N 16  
ALA HB1  H N N 17  
ALA HB2  H N N 18  
ALA HB3  H N N 19  
ALA HXT  H N N 20  
ARG N    N N N 21  
ARG CA   C N S 22  
ARG C    C N N 23  
ARG O    O N N 24  
ARG CB   C N N 25  
ARG CG   C N N 26  
ARG CD   C N N 27  
ARG NE   N N N 28  
ARG CZ   C N N 29  
ARG NH1  N N N 30  
ARG NH2  N N N 31  
ARG OXT  O N N 32  
ARG H    H N N 33  
ARG H2   H N N 34  
ARG HA   H N N 35  
ARG HB2  H N N 36  
ARG HB3  H N N 37  
ARG HG2  H N N 38  
ARG HG3  H N N 39  
ARG HD2  H N N 40  
ARG HD3  H N N 41  
ARG HE   H N N 42  
ARG HH11 H N N 43  
ARG HH12 H N N 44  
ARG HH21 H N N 45  
ARG HH22 H N N 46  
ARG HXT  H N N 47  
ASN N    N N N 48  
ASN CA   C N S 49  
ASN C    C N N 50  
ASN O    O N N 51  
ASN CB   C N N 52  
ASN CG   C N N 53  
ASN OD1  O N N 54  
ASN ND2  N N N 55  
ASN OXT  O N N 56  
ASN H    H N N 57  
ASN H2   H N N 58  
ASN HA   H N N 59  
ASN HB2  H N N 60  
ASN HB3  H N N 61  
ASN HD21 H N N 62  
ASN HD22 H N N 63  
ASN HXT  H N N 64  
ASP N    N N N 65  
ASP CA   C N S 66  
ASP C    C N N 67  
ASP O    O N N 68  
ASP CB   C N N 69  
ASP CG   C N N 70  
ASP OD1  O N N 71  
ASP OD2  O N N 72  
ASP OXT  O N N 73  
ASP H    H N N 74  
ASP H2   H N N 75  
ASP HA   H N N 76  
ASP HB2  H N N 77  
ASP HB3  H N N 78  
ASP HD2  H N N 79  
ASP HXT  H N N 80  
CSO N    N N N 81  
CSO CA   C N R 82  
CSO CB   C N N 83  
CSO SG   S N N 84  
CSO C    C N N 85  
CSO O    O N N 86  
CSO OXT  O N N 87  
CSO OD   O N N 88  
CSO H    H N N 89  
CSO H2   H N N 90  
CSO HA   H N N 91  
CSO HB2  H N N 92  
CSO HB3  H N N 93  
CSO HXT  H N N 94  
CSO HD   H N N 95  
CYS N    N N N 96  
CYS CA   C N R 97  
CYS C    C N N 98  
CYS O    O N N 99  
CYS CB   C N N 100 
CYS SG   S N N 101 
CYS OXT  O N N 102 
CYS H    H N N 103 
CYS H2   H N N 104 
CYS HA   H N N 105 
CYS HB2  H N N 106 
CYS HB3  H N N 107 
CYS HG   H N N 108 
CYS HXT  H N N 109 
DMS S    S N N 110 
DMS O    O N N 111 
DMS C1   C N N 112 
DMS C2   C N N 113 
DMS H11  H N N 114 
DMS H12  H N N 115 
DMS H13  H N N 116 
DMS H21  H N N 117 
DMS H22  H N N 118 
DMS H23  H N N 119 
GLN N    N N N 120 
GLN CA   C N S 121 
GLN C    C N N 122 
GLN O    O N N 123 
GLN CB   C N N 124 
GLN CG   C N N 125 
GLN CD   C N N 126 
GLN OE1  O N N 127 
GLN NE2  N N N 128 
GLN OXT  O N N 129 
GLN H    H N N 130 
GLN H2   H N N 131 
GLN HA   H N N 132 
GLN HB2  H N N 133 
GLN HB3  H N N 134 
GLN HG2  H N N 135 
GLN HG3  H N N 136 
GLN HE21 H N N 137 
GLN HE22 H N N 138 
GLN HXT  H N N 139 
GLU N    N N N 140 
GLU CA   C N S 141 
GLU C    C N N 142 
GLU O    O N N 143 
GLU CB   C N N 144 
GLU CG   C N N 145 
GLU CD   C N N 146 
GLU OE1  O N N 147 
GLU OE2  O N N 148 
GLU OXT  O N N 149 
GLU H    H N N 150 
GLU H2   H N N 151 
GLU HA   H N N 152 
GLU HB2  H N N 153 
GLU HB3  H N N 154 
GLU HG2  H N N 155 
GLU HG3  H N N 156 
GLU HE2  H N N 157 
GLU HXT  H N N 158 
GLY N    N N N 159 
GLY CA   C N N 160 
GLY C    C N N 161 
GLY O    O N N 162 
GLY OXT  O N N 163 
GLY H    H N N 164 
GLY H2   H N N 165 
GLY HA2  H N N 166 
GLY HA3  H N N 167 
GLY HXT  H N N 168 
H3Y N1   N N N 169 
H3Y C4   C Y N 170 
H3Y C5   C Y N 171 
H3Y C6   C Y N 172 
H3Y C7   C Y N 173 
H3Y C8   C Y N 174 
H3Y C10  C N N 175 
H3Y C13  C N N 176 
H3Y O    O N N 177 
H3Y C    C N S 178 
H3Y C14  C N R 179 
H3Y C11  C N R 180 
H3Y N    N N N 181 
H3Y C12  C N N 182 
H3Y C9   C N R 183 
H3Y C2   C N R 184 
H3Y C1   C N N 185 
H3Y C3   C Y N 186 
H3Y H1   H N N 187 
H3Y H3   H N N 188 
H3Y H4   H N N 189 
H3Y H5   H N N 190 
H3Y H6   H N N 191 
H3Y H7   H N N 192 
H3Y H8   H N N 193 
H3Y H9   H N N 194 
H3Y H10  H N N 195 
H3Y H11  H N N 196 
H3Y H12  H N N 197 
H3Y H13  H N N 198 
H3Y H14  H N N 199 
H3Y H15  H N N 200 
H3Y H17  H N N 201 
H3Y H18  H N N 202 
H3Y H19  H N N 203 
H3Y H20  H N N 204 
H3Y H21  H N N 205 
H3Y H22  H N N 206 
HIS N    N N N 207 
HIS CA   C N S 208 
HIS C    C N N 209 
HIS O    O N N 210 
HIS CB   C N N 211 
HIS CG   C Y N 212 
HIS ND1  N Y N 213 
HIS CD2  C Y N 214 
HIS CE1  C Y N 215 
HIS NE2  N Y N 216 
HIS OXT  O N N 217 
HIS H    H N N 218 
HIS H2   H N N 219 
HIS HA   H N N 220 
HIS HB2  H N N 221 
HIS HB3  H N N 222 
HIS HD1  H N N 223 
HIS HD2  H N N 224 
HIS HE1  H N N 225 
HIS HE2  H N N 226 
HIS HXT  H N N 227 
HOH O    O N N 228 
HOH H1   H N N 229 
HOH H2   H N N 230 
HYP N    N N N 231 
HYP CA   C N S 232 
HYP C    C N N 233 
HYP O    O N N 234 
HYP CB   C N N 235 
HYP CG   C N R 236 
HYP CD   C N N 237 
HYP OD1  O N N 238 
HYP OXT  O N N 239 
HYP H    H N N 240 
HYP HA   H N N 241 
HYP HB2  H N N 242 
HYP HB3  H N N 243 
HYP HG   H N N 244 
HYP HD22 H N N 245 
HYP HD23 H N N 246 
HYP HD1  H N N 247 
HYP HXT  H N N 248 
ILE N    N N N 249 
ILE CA   C N S 250 
ILE C    C N N 251 
ILE O    O N N 252 
ILE CB   C N S 253 
ILE CG1  C N N 254 
ILE CG2  C N N 255 
ILE CD1  C N N 256 
ILE OXT  O N N 257 
ILE H    H N N 258 
ILE H2   H N N 259 
ILE HA   H N N 260 
ILE HB   H N N 261 
ILE HG12 H N N 262 
ILE HG13 H N N 263 
ILE HG21 H N N 264 
ILE HG22 H N N 265 
ILE HG23 H N N 266 
ILE HD11 H N N 267 
ILE HD12 H N N 268 
ILE HD13 H N N 269 
ILE HXT  H N N 270 
LEU N    N N N 271 
LEU CA   C N S 272 
LEU C    C N N 273 
LEU O    O N N 274 
LEU CB   C N N 275 
LEU CG   C N N 276 
LEU CD1  C N N 277 
LEU CD2  C N N 278 
LEU OXT  O N N 279 
LEU H    H N N 280 
LEU H2   H N N 281 
LEU HA   H N N 282 
LEU HB2  H N N 283 
LEU HB3  H N N 284 
LEU HG   H N N 285 
LEU HD11 H N N 286 
LEU HD12 H N N 287 
LEU HD13 H N N 288 
LEU HD21 H N N 289 
LEU HD22 H N N 290 
LEU HD23 H N N 291 
LEU HXT  H N N 292 
LYS N    N N N 293 
LYS CA   C N S 294 
LYS C    C N N 295 
LYS O    O N N 296 
LYS CB   C N N 297 
LYS CG   C N N 298 
LYS CD   C N N 299 
LYS CE   C N N 300 
LYS NZ   N N N 301 
LYS OXT  O N N 302 
LYS H    H N N 303 
LYS H2   H N N 304 
LYS HA   H N N 305 
LYS HB2  H N N 306 
LYS HB3  H N N 307 
LYS HG2  H N N 308 
LYS HG3  H N N 309 
LYS HD2  H N N 310 
LYS HD3  H N N 311 
LYS HE2  H N N 312 
LYS HE3  H N N 313 
LYS HZ1  H N N 314 
LYS HZ2  H N N 315 
LYS HZ3  H N N 316 
LYS HXT  H N N 317 
MET N    N N N 318 
MET CA   C N S 319 
MET C    C N N 320 
MET O    O N N 321 
MET CB   C N N 322 
MET CG   C N N 323 
MET SD   S N N 324 
MET CE   C N N 325 
MET OXT  O N N 326 
MET H    H N N 327 
MET H2   H N N 328 
MET HA   H N N 329 
MET HB2  H N N 330 
MET HB3  H N N 331 
MET HG2  H N N 332 
MET HG3  H N N 333 
MET HE1  H N N 334 
MET HE2  H N N 335 
MET HE3  H N N 336 
MET HXT  H N N 337 
PHE N    N N N 338 
PHE CA   C N S 339 
PHE C    C N N 340 
PHE O    O N N 341 
PHE CB   C N N 342 
PHE CG   C Y N 343 
PHE CD1  C Y N 344 
PHE CD2  C Y N 345 
PHE CE1  C Y N 346 
PHE CE2  C Y N 347 
PHE CZ   C Y N 348 
PHE OXT  O N N 349 
PHE H    H N N 350 
PHE H2   H N N 351 
PHE HA   H N N 352 
PHE HB2  H N N 353 
PHE HB3  H N N 354 
PHE HD1  H N N 355 
PHE HD2  H N N 356 
PHE HE1  H N N 357 
PHE HE2  H N N 358 
PHE HZ   H N N 359 
PHE HXT  H N N 360 
PRO N    N N N 361 
PRO CA   C N S 362 
PRO C    C N N 363 
PRO O    O N N 364 
PRO CB   C N N 365 
PRO CG   C N N 366 
PRO CD   C N N 367 
PRO OXT  O N N 368 
PRO H    H N N 369 
PRO HA   H N N 370 
PRO HB2  H N N 371 
PRO HB3  H N N 372 
PRO HG2  H N N 373 
PRO HG3  H N N 374 
PRO HD2  H N N 375 
PRO HD3  H N N 376 
PRO HXT  H N N 377 
SER N    N N N 378 
SER CA   C N S 379 
SER C    C N N 380 
SER O    O N N 381 
SER CB   C N N 382 
SER OG   O N N 383 
SER OXT  O N N 384 
SER H    H N N 385 
SER H2   H N N 386 
SER HA   H N N 387 
SER HB2  H N N 388 
SER HB3  H N N 389 
SER HG   H N N 390 
SER HXT  H N N 391 
THR N    N N N 392 
THR CA   C N S 393 
THR C    C N N 394 
THR O    O N N 395 
THR CB   C N R 396 
THR OG1  O N N 397 
THR CG2  C N N 398 
THR OXT  O N N 399 
THR H    H N N 400 
THR H2   H N N 401 
THR HA   H N N 402 
THR HB   H N N 403 
THR HG1  H N N 404 
THR HG21 H N N 405 
THR HG22 H N N 406 
THR HG23 H N N 407 
THR HXT  H N N 408 
TYR N    N N N 409 
TYR CA   C N S 410 
TYR C    C N N 411 
TYR O    O N N 412 
TYR CB   C N N 413 
TYR CG   C Y N 414 
TYR CD1  C Y N 415 
TYR CD2  C Y N 416 
TYR CE1  C Y N 417 
TYR CE2  C Y N 418 
TYR CZ   C Y N 419 
TYR OH   O N N 420 
TYR OXT  O N N 421 
TYR H    H N N 422 
TYR H2   H N N 423 
TYR HA   H N N 424 
TYR HB2  H N N 425 
TYR HB3  H N N 426 
TYR HD1  H N N 427 
TYR HD2  H N N 428 
TYR HE1  H N N 429 
TYR HE2  H N N 430 
TYR HH   H N N 431 
TYR HXT  H N N 432 
VAL N    N N N 433 
VAL CA   C N S 434 
VAL C    C N N 435 
VAL O    O N N 436 
VAL CB   C N N 437 
VAL CG1  C N N 438 
VAL CG2  C N N 439 
VAL OXT  O N N 440 
VAL H    H N N 441 
VAL H2   H N N 442 
VAL HA   H N N 443 
VAL HB   H N N 444 
VAL HG11 H N N 445 
VAL HG12 H N N 446 
VAL HG13 H N N 447 
VAL HG21 H N N 448 
VAL HG22 H N N 449 
VAL HG23 H N N 450 
VAL HXT  H N N 451 
# 
loop_
_chem_comp_bond.comp_id 
_chem_comp_bond.atom_id_1 
_chem_comp_bond.atom_id_2 
_chem_comp_bond.value_order 
_chem_comp_bond.pdbx_aromatic_flag 
_chem_comp_bond.pdbx_stereo_config 
_chem_comp_bond.pdbx_ordinal 
ACT C   O    doub N N 1   
ACT C   OXT  sing N N 2   
ACT C   CH3  sing N N 3   
ACT CH3 H1   sing N N 4   
ACT CH3 H2   sing N N 5   
ACT CH3 H3   sing N N 6   
ALA N   CA   sing N N 7   
ALA N   H    sing N N 8   
ALA N   H2   sing N N 9   
ALA CA  C    sing N N 10  
ALA CA  CB   sing N N 11  
ALA CA  HA   sing N N 12  
ALA C   O    doub N N 13  
ALA C   OXT  sing N N 14  
ALA CB  HB1  sing N N 15  
ALA CB  HB2  sing N N 16  
ALA CB  HB3  sing N N 17  
ALA OXT HXT  sing N N 18  
ARG N   CA   sing N N 19  
ARG N   H    sing N N 20  
ARG N   H2   sing N N 21  
ARG CA  C    sing N N 22  
ARG CA  CB   sing N N 23  
ARG CA  HA   sing N N 24  
ARG C   O    doub N N 25  
ARG C   OXT  sing N N 26  
ARG CB  CG   sing N N 27  
ARG CB  HB2  sing N N 28  
ARG CB  HB3  sing N N 29  
ARG CG  CD   sing N N 30  
ARG CG  HG2  sing N N 31  
ARG CG  HG3  sing N N 32  
ARG CD  NE   sing N N 33  
ARG CD  HD2  sing N N 34  
ARG CD  HD3  sing N N 35  
ARG NE  CZ   sing N N 36  
ARG NE  HE   sing N N 37  
ARG CZ  NH1  sing N N 38  
ARG CZ  NH2  doub N N 39  
ARG NH1 HH11 sing N N 40  
ARG NH1 HH12 sing N N 41  
ARG NH2 HH21 sing N N 42  
ARG NH2 HH22 sing N N 43  
ARG OXT HXT  sing N N 44  
ASN N   CA   sing N N 45  
ASN N   H    sing N N 46  
ASN N   H2   sing N N 47  
ASN CA  C    sing N N 48  
ASN CA  CB   sing N N 49  
ASN CA  HA   sing N N 50  
ASN C   O    doub N N 51  
ASN C   OXT  sing N N 52  
ASN CB  CG   sing N N 53  
ASN CB  HB2  sing N N 54  
ASN CB  HB3  sing N N 55  
ASN CG  OD1  doub N N 56  
ASN CG  ND2  sing N N 57  
ASN ND2 HD21 sing N N 58  
ASN ND2 HD22 sing N N 59  
ASN OXT HXT  sing N N 60  
ASP N   CA   sing N N 61  
ASP N   H    sing N N 62  
ASP N   H2   sing N N 63  
ASP CA  C    sing N N 64  
ASP CA  CB   sing N N 65  
ASP CA  HA   sing N N 66  
ASP C   O    doub N N 67  
ASP C   OXT  sing N N 68  
ASP CB  CG   sing N N 69  
ASP CB  HB2  sing N N 70  
ASP CB  HB3  sing N N 71  
ASP CG  OD1  doub N N 72  
ASP CG  OD2  sing N N 73  
ASP OD2 HD2  sing N N 74  
ASP OXT HXT  sing N N 75  
CSO N   CA   sing N N 76  
CSO N   H    sing N N 77  
CSO N   H2   sing N N 78  
CSO CA  CB   sing N N 79  
CSO CA  C    sing N N 80  
CSO CA  HA   sing N N 81  
CSO CB  SG   sing N N 82  
CSO CB  HB2  sing N N 83  
CSO CB  HB3  sing N N 84  
CSO SG  OD   sing N N 85  
CSO C   O    doub N N 86  
CSO C   OXT  sing N N 87  
CSO OXT HXT  sing N N 88  
CSO OD  HD   sing N N 89  
CYS N   CA   sing N N 90  
CYS N   H    sing N N 91  
CYS N   H2   sing N N 92  
CYS CA  C    sing N N 93  
CYS CA  CB   sing N N 94  
CYS CA  HA   sing N N 95  
CYS C   O    doub N N 96  
CYS C   OXT  sing N N 97  
CYS CB  SG   sing N N 98  
CYS CB  HB2  sing N N 99  
CYS CB  HB3  sing N N 100 
CYS SG  HG   sing N N 101 
CYS OXT HXT  sing N N 102 
DMS S   O    doub N N 103 
DMS S   C1   sing N N 104 
DMS S   C2   sing N N 105 
DMS C1  H11  sing N N 106 
DMS C1  H12  sing N N 107 
DMS C1  H13  sing N N 108 
DMS C2  H21  sing N N 109 
DMS C2  H22  sing N N 110 
DMS C2  H23  sing N N 111 
GLN N   CA   sing N N 112 
GLN N   H    sing N N 113 
GLN N   H2   sing N N 114 
GLN CA  C    sing N N 115 
GLN CA  CB   sing N N 116 
GLN CA  HA   sing N N 117 
GLN C   O    doub N N 118 
GLN C   OXT  sing N N 119 
GLN CB  CG   sing N N 120 
GLN CB  HB2  sing N N 121 
GLN CB  HB3  sing N N 122 
GLN CG  CD   sing N N 123 
GLN CG  HG2  sing N N 124 
GLN CG  HG3  sing N N 125 
GLN CD  OE1  doub N N 126 
GLN CD  NE2  sing N N 127 
GLN NE2 HE21 sing N N 128 
GLN NE2 HE22 sing N N 129 
GLN OXT HXT  sing N N 130 
GLU N   CA   sing N N 131 
GLU N   H    sing N N 132 
GLU N   H2   sing N N 133 
GLU CA  C    sing N N 134 
GLU CA  CB   sing N N 135 
GLU CA  HA   sing N N 136 
GLU C   O    doub N N 137 
GLU C   OXT  sing N N 138 
GLU CB  CG   sing N N 139 
GLU CB  HB2  sing N N 140 
GLU CB  HB3  sing N N 141 
GLU CG  CD   sing N N 142 
GLU CG  HG2  sing N N 143 
GLU CG  HG3  sing N N 144 
GLU CD  OE1  doub N N 145 
GLU CD  OE2  sing N N 146 
GLU OE2 HE2  sing N N 147 
GLU OXT HXT  sing N N 148 
GLY N   CA   sing N N 149 
GLY N   H    sing N N 150 
GLY N   H2   sing N N 151 
GLY CA  C    sing N N 152 
GLY CA  HA2  sing N N 153 
GLY CA  HA3  sing N N 154 
GLY C   O    doub N N 155 
GLY C   OXT  sing N N 156 
GLY OXT HXT  sing N N 157 
H3Y C6  C7   doub Y N 158 
H3Y C6  C5   sing Y N 159 
H3Y C7  C8   sing Y N 160 
H3Y C5  C4   doub Y N 161 
H3Y C8  C3   doub Y N 162 
H3Y C4  C3   sing Y N 163 
H3Y C3  C2   sing N N 164 
H3Y C2  C1   sing N N 165 
H3Y C2  C9   sing N N 166 
H3Y C1  C    sing N N 167 
H3Y C   O    sing N N 168 
H3Y C   C14  sing N N 169 
H3Y N1  C9   sing N N 170 
H3Y N1  C14  sing N N 171 
H3Y C9  C10  sing N N 172 
H3Y C14 C13  sing N N 173 
H3Y C14 C11  sing N N 174 
H3Y C13 N    sing N N 175 
H3Y C10 C11  sing N N 176 
H3Y C11 C12  sing N N 177 
H3Y N   C12  sing N N 178 
H3Y N1  H1   sing N N 179 
H3Y C4  H3   sing N N 180 
H3Y C5  H4   sing N N 181 
H3Y C6  H5   sing N N 182 
H3Y C7  H6   sing N N 183 
H3Y C8  H7   sing N N 184 
H3Y C10 H8   sing N N 185 
H3Y C10 H9   sing N N 186 
H3Y C13 H10  sing N N 187 
H3Y C13 H11  sing N N 188 
H3Y O   H12  sing N N 189 
H3Y C   H13  sing N N 190 
H3Y C11 H14  sing N N 191 
H3Y N   H15  sing N N 192 
H3Y C12 H17  sing N N 193 
H3Y C12 H18  sing N N 194 
H3Y C9  H19  sing N N 195 
H3Y C2  H20  sing N N 196 
H3Y C1  H21  sing N N 197 
H3Y C1  H22  sing N N 198 
HIS N   CA   sing N N 199 
HIS N   H    sing N N 200 
HIS N   H2   sing N N 201 
HIS CA  C    sing N N 202 
HIS CA  CB   sing N N 203 
HIS CA  HA   sing N N 204 
HIS C   O    doub N N 205 
HIS C   OXT  sing N N 206 
HIS CB  CG   sing N N 207 
HIS CB  HB2  sing N N 208 
HIS CB  HB3  sing N N 209 
HIS CG  ND1  sing Y N 210 
HIS CG  CD2  doub Y N 211 
HIS ND1 CE1  doub Y N 212 
HIS ND1 HD1  sing N N 213 
HIS CD2 NE2  sing Y N 214 
HIS CD2 HD2  sing N N 215 
HIS CE1 NE2  sing Y N 216 
HIS CE1 HE1  sing N N 217 
HIS NE2 HE2  sing N N 218 
HIS OXT HXT  sing N N 219 
HOH O   H1   sing N N 220 
HOH O   H2   sing N N 221 
HYP N   CA   sing N N 222 
HYP N   CD   sing N N 223 
HYP N   H    sing N N 224 
HYP CA  C    sing N N 225 
HYP CA  CB   sing N N 226 
HYP CA  HA   sing N N 227 
HYP C   O    doub N N 228 
HYP C   OXT  sing N N 229 
HYP CB  CG   sing N N 230 
HYP CB  HB2  sing N N 231 
HYP CB  HB3  sing N N 232 
HYP CG  CD   sing N N 233 
HYP CG  OD1  sing N N 234 
HYP CG  HG   sing N N 235 
HYP CD  HD22 sing N N 236 
HYP CD  HD23 sing N N 237 
HYP OD1 HD1  sing N N 238 
HYP OXT HXT  sing N N 239 
ILE N   CA   sing N N 240 
ILE N   H    sing N N 241 
ILE N   H2   sing N N 242 
ILE CA  C    sing N N 243 
ILE CA  CB   sing N N 244 
ILE CA  HA   sing N N 245 
ILE C   O    doub N N 246 
ILE C   OXT  sing N N 247 
ILE CB  CG1  sing N N 248 
ILE CB  CG2  sing N N 249 
ILE CB  HB   sing N N 250 
ILE CG1 CD1  sing N N 251 
ILE CG1 HG12 sing N N 252 
ILE CG1 HG13 sing N N 253 
ILE CG2 HG21 sing N N 254 
ILE CG2 HG22 sing N N 255 
ILE CG2 HG23 sing N N 256 
ILE CD1 HD11 sing N N 257 
ILE CD1 HD12 sing N N 258 
ILE CD1 HD13 sing N N 259 
ILE OXT HXT  sing N N 260 
LEU N   CA   sing N N 261 
LEU N   H    sing N N 262 
LEU N   H2   sing N N 263 
LEU CA  C    sing N N 264 
LEU CA  CB   sing N N 265 
LEU CA  HA   sing N N 266 
LEU C   O    doub N N 267 
LEU C   OXT  sing N N 268 
LEU CB  CG   sing N N 269 
LEU CB  HB2  sing N N 270 
LEU CB  HB3  sing N N 271 
LEU CG  CD1  sing N N 272 
LEU CG  CD2  sing N N 273 
LEU CG  HG   sing N N 274 
LEU CD1 HD11 sing N N 275 
LEU CD1 HD12 sing N N 276 
LEU CD1 HD13 sing N N 277 
LEU CD2 HD21 sing N N 278 
LEU CD2 HD22 sing N N 279 
LEU CD2 HD23 sing N N 280 
LEU OXT HXT  sing N N 281 
LYS N   CA   sing N N 282 
LYS N   H    sing N N 283 
LYS N   H2   sing N N 284 
LYS CA  C    sing N N 285 
LYS CA  CB   sing N N 286 
LYS CA  HA   sing N N 287 
LYS C   O    doub N N 288 
LYS C   OXT  sing N N 289 
LYS CB  CG   sing N N 290 
LYS CB  HB2  sing N N 291 
LYS CB  HB3  sing N N 292 
LYS CG  CD   sing N N 293 
LYS CG  HG2  sing N N 294 
LYS CG  HG3  sing N N 295 
LYS CD  CE   sing N N 296 
LYS CD  HD2  sing N N 297 
LYS CD  HD3  sing N N 298 
LYS CE  NZ   sing N N 299 
LYS CE  HE2  sing N N 300 
LYS CE  HE3  sing N N 301 
LYS NZ  HZ1  sing N N 302 
LYS NZ  HZ2  sing N N 303 
LYS NZ  HZ3  sing N N 304 
LYS OXT HXT  sing N N 305 
MET N   CA   sing N N 306 
MET N   H    sing N N 307 
MET N   H2   sing N N 308 
MET CA  C    sing N N 309 
MET CA  CB   sing N N 310 
MET CA  HA   sing N N 311 
MET C   O    doub N N 312 
MET C   OXT  sing N N 313 
MET CB  CG   sing N N 314 
MET CB  HB2  sing N N 315 
MET CB  HB3  sing N N 316 
MET CG  SD   sing N N 317 
MET CG  HG2  sing N N 318 
MET CG  HG3  sing N N 319 
MET SD  CE   sing N N 320 
MET CE  HE1  sing N N 321 
MET CE  HE2  sing N N 322 
MET CE  HE3  sing N N 323 
MET OXT HXT  sing N N 324 
PHE N   CA   sing N N 325 
PHE N   H    sing N N 326 
PHE N   H2   sing N N 327 
PHE CA  C    sing N N 328 
PHE CA  CB   sing N N 329 
PHE CA  HA   sing N N 330 
PHE C   O    doub N N 331 
PHE C   OXT  sing N N 332 
PHE CB  CG   sing N N 333 
PHE CB  HB2  sing N N 334 
PHE CB  HB3  sing N N 335 
PHE CG  CD1  doub Y N 336 
PHE CG  CD2  sing Y N 337 
PHE CD1 CE1  sing Y N 338 
PHE CD1 HD1  sing N N 339 
PHE CD2 CE2  doub Y N 340 
PHE CD2 HD2  sing N N 341 
PHE CE1 CZ   doub Y N 342 
PHE CE1 HE1  sing N N 343 
PHE CE2 CZ   sing Y N 344 
PHE CE2 HE2  sing N N 345 
PHE CZ  HZ   sing N N 346 
PHE OXT HXT  sing N N 347 
PRO N   CA   sing N N 348 
PRO N   CD   sing N N 349 
PRO N   H    sing N N 350 
PRO CA  C    sing N N 351 
PRO CA  CB   sing N N 352 
PRO CA  HA   sing N N 353 
PRO C   O    doub N N 354 
PRO C   OXT  sing N N 355 
PRO CB  CG   sing N N 356 
PRO CB  HB2  sing N N 357 
PRO CB  HB3  sing N N 358 
PRO CG  CD   sing N N 359 
PRO CG  HG2  sing N N 360 
PRO CG  HG3  sing N N 361 
PRO CD  HD2  sing N N 362 
PRO CD  HD3  sing N N 363 
PRO OXT HXT  sing N N 364 
SER N   CA   sing N N 365 
SER N   H    sing N N 366 
SER N   H2   sing N N 367 
SER CA  C    sing N N 368 
SER CA  CB   sing N N 369 
SER CA  HA   sing N N 370 
SER C   O    doub N N 371 
SER C   OXT  sing N N 372 
SER CB  OG   sing N N 373 
SER CB  HB2  sing N N 374 
SER CB  HB3  sing N N 375 
SER OG  HG   sing N N 376 
SER OXT HXT  sing N N 377 
THR N   CA   sing N N 378 
THR N   H    sing N N 379 
THR N   H2   sing N N 380 
THR CA  C    sing N N 381 
THR CA  CB   sing N N 382 
THR CA  HA   sing N N 383 
THR C   O    doub N N 384 
THR C   OXT  sing N N 385 
THR CB  OG1  sing N N 386 
THR CB  CG2  sing N N 387 
THR CB  HB   sing N N 388 
THR OG1 HG1  sing N N 389 
THR CG2 HG21 sing N N 390 
THR CG2 HG22 sing N N 391 
THR CG2 HG23 sing N N 392 
THR OXT HXT  sing N N 393 
TYR N   CA   sing N N 394 
TYR N   H    sing N N 395 
TYR N   H2   sing N N 396 
TYR CA  C    sing N N 397 
TYR CA  CB   sing N N 398 
TYR CA  HA   sing N N 399 
TYR C   O    doub N N 400 
TYR C   OXT  sing N N 401 
TYR CB  CG   sing N N 402 
TYR CB  HB2  sing N N 403 
TYR CB  HB3  sing N N 404 
TYR CG  CD1  doub Y N 405 
TYR CG  CD2  sing Y N 406 
TYR CD1 CE1  sing Y N 407 
TYR CD1 HD1  sing N N 408 
TYR CD2 CE2  doub Y N 409 
TYR CD2 HD2  sing N N 410 
TYR CE1 CZ   doub Y N 411 
TYR CE1 HE1  sing N N 412 
TYR CE2 CZ   sing Y N 413 
TYR CE2 HE2  sing N N 414 
TYR CZ  OH   sing N N 415 
TYR OH  HH   sing N N 416 
TYR OXT HXT  sing N N 417 
VAL N   CA   sing N N 418 
VAL N   H    sing N N 419 
VAL N   H2   sing N N 420 
VAL CA  C    sing N N 421 
VAL CA  CB   sing N N 422 
VAL CA  HA   sing N N 423 
VAL C   O    doub N N 424 
VAL C   OXT  sing N N 425 
VAL CB  CG1  sing N N 426 
VAL CB  CG2  sing N N 427 
VAL CB  HB   sing N N 428 
VAL CG1 HG11 sing N N 429 
VAL CG1 HG12 sing N N 430 
VAL CG1 HG13 sing N N 431 
VAL CG2 HG21 sing N N 432 
VAL CG2 HG22 sing N N 433 
VAL CG2 HG23 sing N N 434 
VAL OXT HXT  sing N N 435 
# 
_pdbx_deposit_group.group_id            G_1002045 
_pdbx_deposit_group.group_description   
;human NUDT7 screened against the 3D-Fragment Consortium Library by X-ray Crystallography at the XChem facility of Diamond Light Source beamline I04-1
;
_pdbx_deposit_group.group_title         'PanDDA analysis group deposition of models with modelled events (e.g. bound ligands)' 
_pdbx_deposit_group.group_type          'changed state' 
# 
loop_
_pdbx_entity_nonpoly.entity_id 
_pdbx_entity_nonpoly.name 
_pdbx_entity_nonpoly.comp_id 
2 'ACETATE ION'                                                                  ACT 
3 'DIMETHYL SULFOXIDE'                                                           DMS 
4 '(3aR,4S,6R,7R,8aR)-6-phenyloctahydro-1H-3a,7-epiminocyclohepta[c]pyrrol-4-ol' H3Y 
5 water                                                                          HOH 
# 
_pdbx_related_exp_data_set.ordinal              1 
_pdbx_related_exp_data_set.data_reference       10.5281/zenodo.1244111 
_pdbx_related_exp_data_set.metadata_reference   10.5281/zenodo.1244111 
_pdbx_related_exp_data_set.data_set_type        'other data' 
_pdbx_related_exp_data_set.details              'Complete PanDDA analysis' 
# 
